data_7LHW
#
_entry.id   7LHW
#
_cell.length_a   1.00
_cell.length_b   1.00
_cell.length_c   1.00
_cell.angle_alpha   90.00
_cell.angle_beta   90.00
_cell.angle_gamma   90.00
#
_symmetry.space_group_name_H-M   'P 1'
#
loop_
_entity.id
_entity.type
_entity.pdbx_description
1 polymer 'Leucine-rich repeat serine/threonine-protein kinase 2'
2 non-polymer "GUANOSINE-5'-DIPHOSPHATE"
3 non-polymer "ADENOSINE-5'-TRIPHOSPHATE"
#
_entity_poly.entity_id   1
_entity_poly.type   'polypeptide(L)'
_entity_poly.pdbx_seq_one_letter_code
;MASGSCQGCEEDEETLKKLIVRLNNVQEGKQIETLVQILEDLLVFTYSEHASKLFQGKNIHVPLLIVLDSYMRVASVQQV
GWSLLCKLIEVCPGTMQSLMGPQDVGNDWEVLGVHQLILKMLTVHNASVNLSVIGLKTLDLLLTSGKITLLILDEESDIF
MLIFDAMHSFPANDEVQKLGCKALHVLFERVSEEQLTEFVENKDYMILLSALTNFKDEEEIVLHVLHCLHSLAIPCNNVE
VLMSGNVRCYNIVVEAMKAFPMSERIQEVSCCLLHRLTLGNFFNILVLNEVHEFVVKAVQQYPENAALQISALSCLALLT
ETIFLNQDLEEKNENQENDDEGEEDKLFWLEACYKALTWHRKNKHVQEAACWALNNLLMYQNSLHEKIGDEDGHFPAHRE
VMLSMLMHSSSKEVFQASANALSTLLEQNVNFRKILLSKGIHLNVLELMQKHIHSPEVAESGCKMLNHLFEGSNTSLDIM
AAVVPKILTVMKRHETSLPVQLEALRAILHFIVPGMPEESREDTEFHHKLNMVKKQCFKNDIHKLVLAALNRFIGNPGIQ
KCGLKVISSIVHFPDALEMLSLEGAMDSVLHTLQMYPDDQEIQCLGLSLIGYLITKKNVFIGTGHLLAKILVSSLYRFKD
VAEIQTKGFQTILAILKLSASFSKLLVHHSFDLVIFHQMSSNIMEQKDQQFLNLCCKCFAKVAMDDYLKNVMLERACDQN
NSIMVECLLLLGADANQAKEGSSLICQVCEKESSPKLVELLLNSGSREQDVRKALTISIGKGDSQIISLLLRRLALDVAN
NSICLGGFCIGKVEPSWLGPLFPDKTSNLRKQTNIASTLARMVIRYQMKSAVEEGTASGSDGNFSEDVLSKFDEWTFIPD
SSMDSVFAQSDDLDSEGSEGSFLVKKKSNSISVGEFYRDAVLQRCSPNLQRHSNSLGPIFDHEDLLKRKRKILSSDDSLR
SSKLQSHMRHSDSISSLASEREYITSLDLSANELRDIDALSQKCCISVHLEHLEKLELHQNALTSFPQQLCETLKSLTHL
DLHSNKFTSFPSYLLKMSCIANLDVSRNDIGPSVVLDPTVKCPTLKQFNLSYNQLSFVPENLTDVVEKLEQLILEGNKIS
GICSPLRLKELKILNLSKNHISSLSENFLEACPKVESFSARMNFLAAMPFLPPSMTILKLSQNKFSCIPEAILNLPHLRS
LDMSSNDIQYLPGPAHWKSLNLRELLFSHNQISILDLSEKAYLWSRVEKLHLSHNKLKEIPPEIGCLENLTSLDVSYNLE
LRSFPNEMGKLSKIWDLPLDELHLNFDFKHIGCKAKDIIRFLQQRLKKAVPYNRMKLMIVGNTGSGKTTLLQQLMKTKKS
DLGMQSATVGIDVKDWPIQIRDKRKRDLVLNVWDFAGREEFYSTHPHFMTQRALYLAVYDLSKGQAEVDAMKPWLFNIKA
RASSSPVILVGTHLDVSDEKQRKACMSKITKELLNKRGFPAIRDYHFVNATEESDALAKLRKTIINESLNFKIRDQLVVG
QLIPDCYVELEKIILSERKNVPIEFPVIDRKRLLQLVRENQLQLDENELPHAVHFLNESGVLLHFQDPALQLSDLYFVEP
KWLCKIMAQILTVKVEGCPKHPKGIISRRDVEKFLSKKRKFPKNYMTQYFKLLEKFQIALPIGEEYLLVPSSLSDHRPVI
ELPHCENSEIIIRLYEMPYFPMGFWSRLINRLLEISPYMLSGRERALRPNRMYWRQGIYLNWSPEAYCLVGSEVLDNHPE
SFLKITVPSCRKGCILLGQVVDHIDSLMEEWFPGLLEIDICGEGETLLKKWALYSFNDGEEHQKILLDDLMKKAEEGDLL
VNPDQPRLTIPISQIAPDLILADLPRNIMLNNDELEFEQAPEFLLGDGSFGSVYRAAYEGEEVAVKIFNKHTSLRLLRQE
LVVLCHLHHPSLISLLAAGIRPRMLVMELASKGSLDRLLQQDKASLTRTLQHRIALHVADGLRYLHSAMIIYRDLKPHNV
LLFTLYPNAAIIAKIADYGIAQYCCRMGIKTSEGTPGFRAPEVARGNVIYNQQADVYSFGLLLYDILTTGGRIVEGLKFP
NEFDELEIQGKLPDPVKEYGCAPWPMVEKLIKQCLKENPQERPTSAQVFDILNSAELVCLTRRILLPKNVIVECMVATHH
NSRNASIWLGCGHTDRGQLSFLDLNTEGYTSEEVADSRILCLALVHLPVEKESWIVSGTQSGTLLVINTEDGKKRHTLEK
MTDSVTCLYCNSFSKQSKQKNFLLVGTADGKLAIFEDKTVKLKGAAPLKILNIGNVSTPLMCLSESTNSTERNVMWGGCG
TKIFSFSNDFTIQKLIETRTSQLFSYAAFSDSNIITVVVDTALYIAKQNSPVVEVWDKKTEKLCGLIDCVHFLREVTVKE
NKESKHKMSYSGRVKTLCLQKNTALWIGTGGGHILLLDLSTRRLIRVIYNFCNSVRVMMTAQLGSLKNVMLVLGYNRKNT
EGTQKQKEIQSCLTVWDINLPHEVQNLEKHIEVRKELAEKMRRTSVE
;
_entity_poly.pdbx_strand_id   A
#
loop_
_chem_comp.id
_chem_comp.type
_chem_comp.name
_chem_comp.formula
ATP non-polymer ADENOSINE-5'-TRIPHOSPHATE 'C10 H16 N5 O13 P3'
GDP RNA linking GUANOSINE-5'-DIPHOSPHATE 'C10 H15 N5 O11 P2'
#
# COMPACT_ATOMS: atom_id res chain seq x y z
N ASN A 540 28.77 41.28 -68.55
CA ASN A 540 28.36 40.82 -67.23
C ASN A 540 29.19 39.63 -66.78
N ASP A 541 30.14 39.21 -67.61
CA ASP A 541 30.97 38.05 -67.31
C ASP A 541 32.42 38.38 -67.62
N ILE A 542 33.23 38.43 -66.57
CA ILE A 542 34.65 38.72 -66.64
C ILE A 542 35.28 37.88 -65.53
N HIS A 543 36.61 37.83 -65.46
CA HIS A 543 37.31 37.15 -64.38
C HIS A 543 37.48 38.03 -63.15
N LYS A 544 36.63 39.06 -63.00
CA LYS A 544 36.80 40.01 -61.91
C LYS A 544 36.61 39.35 -60.55
N LEU A 545 35.80 38.29 -60.48
CA LEU A 545 35.47 37.69 -59.20
C LEU A 545 36.72 37.15 -58.51
N VAL A 546 37.54 36.39 -59.22
CA VAL A 546 38.68 35.74 -58.59
C VAL A 546 39.76 36.76 -58.24
N LEU A 547 40.06 37.66 -59.18
CA LEU A 547 41.04 38.71 -58.91
C LEU A 547 40.62 39.56 -57.73
N ALA A 548 39.35 39.96 -57.70
CA ALA A 548 38.85 40.79 -56.61
C ALA A 548 38.94 40.06 -55.28
N ALA A 549 38.55 38.79 -55.23
CA ALA A 549 38.62 38.04 -53.98
C ALA A 549 40.05 37.90 -53.50
N LEU A 550 40.96 37.48 -54.39
CA LEU A 550 42.33 37.27 -53.96
C LEU A 550 43.03 38.58 -53.62
N ASN A 551 42.69 39.67 -54.30
CA ASN A 551 43.31 40.94 -53.98
C ASN A 551 42.75 41.54 -52.72
N ARG A 552 41.49 41.26 -52.39
CA ARG A 552 40.98 41.64 -51.08
C ARG A 552 41.61 40.79 -49.99
N PHE A 553 41.99 39.56 -50.33
CA PHE A 553 42.74 38.72 -49.39
C PHE A 553 44.12 39.29 -49.12
N ILE A 554 44.93 39.46 -50.15
CA ILE A 554 46.28 39.97 -49.97
C ILE A 554 46.26 41.38 -49.42
N GLY A 555 45.32 42.20 -49.88
CA GLY A 555 45.17 43.57 -49.44
C GLY A 555 44.61 43.64 -48.04
N ASN A 556 45.38 43.11 -47.09
CA ASN A 556 44.86 42.97 -45.71
C ASN A 556 44.82 44.11 -44.68
N PRO A 557 45.70 45.09 -44.77
CA PRO A 557 45.54 46.19 -43.82
C PRO A 557 44.33 47.16 -43.85
N GLY A 558 43.93 47.66 -45.00
CA GLY A 558 42.87 48.64 -45.00
C GLY A 558 42.14 48.77 -46.31
N ILE A 559 42.30 47.80 -47.17
CA ILE A 559 41.60 47.75 -48.46
C ILE A 559 40.17 47.23 -48.34
N GLN A 560 39.90 46.42 -47.31
CA GLN A 560 38.68 45.63 -47.29
C GLN A 560 37.41 46.48 -47.37
N LYS A 561 37.47 47.74 -46.94
CA LYS A 561 36.28 48.57 -46.90
C LYS A 561 35.59 48.66 -48.26
N CYS A 562 36.38 48.66 -49.34
CA CYS A 562 35.81 48.68 -50.68
C CYS A 562 35.69 47.28 -51.28
N GLY A 563 36.59 46.37 -50.92
CA GLY A 563 36.52 45.01 -51.46
C GLY A 563 35.26 44.28 -51.04
N LEU A 564 34.86 44.44 -49.78
CA LEU A 564 33.60 43.85 -49.34
C LEU A 564 32.42 44.42 -50.11
N LYS A 565 32.43 45.73 -50.34
CA LYS A 565 31.35 46.32 -51.14
C LYS A 565 31.33 45.73 -52.54
N VAL A 566 32.50 45.55 -53.14
CA VAL A 566 32.57 45.01 -54.50
C VAL A 566 32.01 43.60 -54.53
N ILE A 567 32.45 42.75 -53.61
CA ILE A 567 32.00 41.37 -53.63
C ILE A 567 30.52 41.27 -53.28
N SER A 568 30.03 42.13 -52.40
CA SER A 568 28.59 42.15 -52.09
C SER A 568 27.78 42.55 -53.32
N SER A 569 28.26 43.54 -54.07
CA SER A 569 27.55 43.92 -55.29
C SER A 569 27.59 42.80 -56.32
N ILE A 570 28.70 42.08 -56.41
CA ILE A 570 28.84 41.08 -57.47
C ILE A 570 28.21 39.74 -57.11
N VAL A 571 27.92 39.48 -55.83
CA VAL A 571 27.40 38.17 -55.41
C VAL A 571 26.08 37.82 -56.07
N HIS A 572 25.44 38.77 -56.75
CA HIS A 572 24.11 38.56 -57.32
C HIS A 572 24.13 38.24 -58.81
N PHE A 573 24.91 38.98 -59.61
CA PHE A 573 24.64 39.06 -61.03
C PHE A 573 24.90 37.73 -61.78
N PRO A 574 26.12 37.19 -61.83
CA PRO A 574 26.26 35.84 -62.43
C PRO A 574 25.74 34.70 -61.57
N ASP A 575 25.33 34.96 -60.32
CA ASP A 575 25.15 33.90 -59.33
C ASP A 575 26.42 33.05 -59.25
N ALA A 576 27.52 33.73 -58.94
CA ALA A 576 28.83 33.09 -58.95
C ALA A 576 28.97 32.07 -57.83
N LEU A 577 29.87 31.12 -58.03
CA LEU A 577 30.13 30.08 -57.04
C LEU A 577 31.60 30.04 -56.67
N GLY A 584 35.17 29.92 -53.87
CA GLY A 584 36.21 29.77 -52.89
C GLY A 584 36.49 31.06 -52.12
N ALA A 585 35.44 31.82 -51.86
CA ALA A 585 35.55 33.11 -51.18
C ALA A 585 35.13 33.06 -49.72
N MET A 586 34.29 32.09 -49.34
CA MET A 586 33.78 32.01 -47.98
C MET A 586 34.90 32.00 -46.96
N ASP A 587 35.93 31.19 -47.20
CA ASP A 587 37.04 31.09 -46.26
C ASP A 587 37.73 32.44 -46.08
N SER A 588 37.95 33.16 -47.19
CA SER A 588 38.70 34.41 -47.11
C SER A 588 37.88 35.52 -46.47
N VAL A 589 36.58 35.59 -46.79
CA VAL A 589 35.75 36.61 -46.17
C VAL A 589 35.50 36.29 -44.70
N LEU A 590 35.60 35.01 -44.32
CA LEU A 590 35.64 34.67 -42.91
C LEU A 590 36.95 35.12 -42.28
N HIS A 591 38.07 34.92 -43.00
CA HIS A 591 39.39 35.23 -42.46
C HIS A 591 39.55 36.73 -42.21
N THR A 592 39.00 37.56 -43.10
CA THR A 592 39.19 39.00 -42.97
C THR A 592 38.58 39.53 -41.67
N LEU A 593 37.56 38.86 -41.14
CA LEU A 593 36.94 39.31 -39.90
C LEU A 593 37.92 39.18 -38.73
N GLN A 594 38.52 38.00 -38.56
CA GLN A 594 39.53 37.82 -37.52
C GLN A 594 40.75 38.67 -37.79
N MET A 595 41.18 38.75 -39.05
CA MET A 595 42.38 39.51 -39.38
C MET A 595 42.22 41.00 -39.11
N TYR A 596 40.99 41.49 -39.00
CA TYR A 596 40.77 42.91 -38.76
C TYR A 596 39.34 43.08 -38.23
N PRO A 597 39.12 42.88 -36.94
CA PRO A 597 37.80 43.07 -36.35
C PRO A 597 37.57 44.53 -35.96
N ASP A 598 36.49 44.75 -35.23
CA ASP A 598 36.16 45.97 -34.51
C ASP A 598 35.72 47.13 -35.40
N ASP A 599 35.71 46.96 -36.72
CA ASP A 599 35.26 48.02 -37.62
C ASP A 599 33.81 47.77 -38.01
N GLN A 600 32.91 48.61 -37.48
CA GLN A 600 31.48 48.39 -37.66
C GLN A 600 31.10 48.36 -39.14
N GLU A 601 31.61 49.34 -39.90
CA GLU A 601 31.19 49.49 -41.30
C GLU A 601 31.55 48.28 -42.14
N ILE A 602 32.55 47.50 -41.73
CA ILE A 602 32.79 46.24 -42.42
C ILE A 602 32.19 45.05 -41.69
N GLN A 603 31.94 45.16 -40.39
CA GLN A 603 31.28 44.07 -39.68
C GLN A 603 29.88 43.85 -40.22
N CYS A 604 29.13 44.92 -40.44
CA CYS A 604 27.80 44.79 -41.00
C CYS A 604 27.84 44.14 -42.39
N LEU A 605 28.79 44.55 -43.22
CA LEU A 605 28.91 44.00 -44.57
C LEU A 605 29.30 42.53 -44.52
N GLY A 606 30.25 42.18 -43.64
CA GLY A 606 30.64 40.79 -43.50
C GLY A 606 29.48 39.90 -43.07
N LEU A 607 28.69 40.38 -42.11
CA LEU A 607 27.50 39.63 -41.71
C LEU A 607 26.51 39.51 -42.87
N SER A 608 26.36 40.59 -43.65
CA SER A 608 25.48 40.55 -44.81
C SER A 608 25.96 39.55 -45.85
N LEU A 609 27.26 39.27 -45.90
CA LEU A 609 27.80 38.37 -46.91
C LEU A 609 28.06 36.95 -46.44
N ILE A 610 28.04 36.69 -45.13
CA ILE A 610 28.17 35.32 -44.65
C ILE A 610 27.05 34.46 -45.22
N GLY A 611 25.83 35.01 -45.28
CA GLY A 611 24.68 34.26 -45.75
C GLY A 611 24.80 33.75 -47.18
N TYR A 612 25.82 34.19 -47.92
CA TYR A 612 25.98 33.78 -49.30
C TYR A 612 27.25 32.95 -49.47
N GLY A 624 32.94 22.67 -41.35
CA GLY A 624 33.52 23.78 -40.63
C GLY A 624 32.54 24.45 -39.68
N HIS A 625 33.03 24.82 -38.50
CA HIS A 625 32.20 25.45 -37.48
C HIS A 625 32.73 26.80 -37.01
N LEU A 626 33.98 27.15 -37.35
CA LEU A 626 34.57 28.38 -36.84
C LEU A 626 33.72 29.60 -37.18
N LEU A 627 32.95 29.52 -38.27
CA LEU A 627 31.94 30.51 -38.59
C LEU A 627 31.18 30.98 -37.36
N ALA A 628 30.52 30.03 -36.68
CA ALA A 628 29.74 30.39 -35.50
C ALA A 628 30.61 31.08 -34.46
N LYS A 629 31.83 30.58 -34.26
CA LYS A 629 32.72 31.15 -33.25
C LYS A 629 33.00 32.63 -33.48
N ILE A 630 32.85 33.11 -34.72
CA ILE A 630 33.12 34.50 -35.01
C ILE A 630 31.81 35.28 -34.92
N LEU A 631 30.71 34.62 -35.22
CA LEU A 631 29.43 35.31 -35.34
C LEU A 631 29.01 35.92 -34.01
N VAL A 632 28.80 35.08 -32.99
CA VAL A 632 28.40 35.60 -31.69
C VAL A 632 29.48 36.53 -31.13
N SER A 633 30.75 36.11 -31.26
CA SER A 633 31.84 36.97 -30.83
C SER A 633 31.81 38.31 -31.52
N SER A 634 31.20 38.38 -32.70
CA SER A 634 30.91 39.66 -33.34
C SER A 634 29.72 40.33 -32.66
N LEU A 635 28.57 39.65 -32.66
CA LEU A 635 27.36 40.26 -32.10
C LEU A 635 27.52 40.57 -30.62
N TYR A 636 28.33 39.79 -29.91
CA TYR A 636 28.60 40.10 -28.51
C TYR A 636 29.54 41.29 -28.39
N ARG A 637 30.51 41.39 -29.30
CA ARG A 637 31.39 42.54 -29.30
C ARG A 637 30.67 43.80 -29.75
N PHE A 638 29.46 43.68 -30.29
CA PHE A 638 28.63 44.80 -30.70
C PHE A 638 27.21 44.64 -30.17
N LYS A 639 27.08 44.37 -28.86
CA LYS A 639 25.78 43.98 -28.29
C LYS A 639 24.64 44.87 -28.76
N ASP A 640 24.70 46.16 -28.46
CA ASP A 640 23.61 47.08 -28.77
C ASP A 640 24.15 48.35 -29.43
N VAL A 641 25.09 48.19 -30.36
CA VAL A 641 25.68 49.36 -31.01
C VAL A 641 24.70 49.97 -32.01
N ALA A 642 23.97 49.15 -32.75
CA ALA A 642 23.10 49.63 -33.81
C ALA A 642 22.23 48.45 -34.25
N GLU A 643 21.47 48.66 -35.33
CA GLU A 643 20.67 47.58 -35.91
C GLU A 643 21.53 46.75 -36.85
N ILE A 644 22.72 46.34 -36.39
CA ILE A 644 23.50 45.34 -37.10
C ILE A 644 23.17 43.94 -36.59
N GLN A 645 22.59 43.83 -35.40
CA GLN A 645 22.03 42.57 -34.96
C GLN A 645 20.99 42.06 -35.93
N THR A 646 20.29 42.97 -36.60
CA THR A 646 19.32 42.57 -37.62
C THR A 646 19.99 41.72 -38.69
N LYS A 647 21.09 42.22 -39.26
CA LYS A 647 21.79 41.46 -40.29
C LYS A 647 22.33 40.16 -39.73
N GLY A 648 22.84 40.19 -38.50
CA GLY A 648 23.34 38.96 -37.89
C GLY A 648 22.27 37.90 -37.79
N PHE A 649 21.17 38.21 -37.08
CA PHE A 649 20.12 37.22 -36.89
C PHE A 649 19.51 36.80 -38.22
N GLN A 650 19.52 37.68 -39.22
CA GLN A 650 19.16 37.24 -40.57
C GLN A 650 20.12 36.17 -41.06
N THR A 651 21.42 36.36 -40.81
CA THR A 651 22.40 35.36 -41.22
C THR A 651 22.15 34.02 -40.52
N ILE A 652 21.91 34.05 -39.21
CA ILE A 652 21.63 32.79 -38.50
C ILE A 652 20.37 32.14 -39.04
N LEU A 653 19.30 32.93 -39.21
CA LEU A 653 18.05 32.39 -39.70
C LEU A 653 18.23 31.75 -41.08
N ALA A 654 19.05 32.37 -41.92
CA ALA A 654 19.33 31.78 -43.23
C ALA A 654 20.11 30.48 -43.09
N ILE A 655 21.09 30.44 -42.19
CA ILE A 655 21.96 29.27 -42.10
C ILE A 655 21.21 28.07 -41.52
N LEU A 656 20.42 28.28 -40.46
CA LEU A 656 19.77 27.17 -39.79
C LEU A 656 18.78 26.45 -40.70
N LYS A 657 18.01 27.21 -41.48
CA LYS A 657 16.94 26.61 -42.28
C LYS A 657 17.48 25.68 -43.36
N LEU A 658 18.78 25.72 -43.64
CA LEU A 658 19.38 24.77 -44.56
C LEU A 658 20.32 23.77 -43.90
N SER A 659 20.91 24.12 -42.76
CA SER A 659 21.73 23.20 -41.97
C SER A 659 21.16 23.19 -40.55
N ALA A 660 20.33 22.19 -40.26
CA ALA A 660 19.66 22.13 -38.96
C ALA A 660 20.66 21.92 -37.83
N SER A 661 21.52 20.92 -37.96
CA SER A 661 22.43 20.55 -36.88
C SER A 661 23.35 21.70 -36.48
N PHE A 662 23.64 22.63 -37.41
CA PHE A 662 24.48 23.76 -37.08
C PHE A 662 23.92 24.56 -35.90
N SER A 663 22.59 24.53 -35.71
CA SER A 663 22.01 25.20 -34.56
C SER A 663 22.61 24.68 -33.27
N LYS A 664 22.71 23.35 -33.13
CA LYS A 664 23.35 22.77 -31.96
C LYS A 664 24.79 23.23 -31.83
N LEU A 665 25.45 23.50 -32.96
CA LEU A 665 26.81 24.02 -32.91
C LEU A 665 26.82 25.45 -32.38
N LEU A 666 25.81 26.25 -32.75
CA LEU A 666 25.78 27.64 -32.30
C LEU A 666 25.67 27.72 -30.78
N VAL A 667 24.68 27.03 -30.22
CA VAL A 667 24.56 26.94 -28.77
C VAL A 667 25.81 26.32 -28.17
N HIS A 668 26.56 25.56 -28.98
CA HIS A 668 27.83 25.02 -28.54
C HIS A 668 28.77 26.13 -28.07
N HIS A 669 28.89 27.20 -28.85
CA HIS A 669 29.92 28.19 -28.53
C HIS A 669 29.43 29.22 -27.51
N SER A 670 28.57 30.15 -27.93
CA SER A 670 28.17 31.22 -27.02
C SER A 670 26.77 31.77 -27.26
N PHE A 671 25.96 31.16 -28.13
CA PHE A 671 24.79 31.87 -28.67
C PHE A 671 23.85 32.37 -27.57
N ASP A 672 23.80 31.67 -26.44
CA ASP A 672 22.94 32.11 -25.36
C ASP A 672 23.37 33.48 -24.82
N LEU A 673 24.69 33.71 -24.70
CA LEU A 673 25.20 34.96 -24.14
C LEU A 673 24.65 36.18 -24.85
N VAL A 674 24.32 36.06 -26.13
CA VAL A 674 23.81 37.17 -26.91
C VAL A 674 22.31 37.11 -27.10
N ILE A 675 21.74 35.90 -27.27
CA ILE A 675 20.31 35.84 -27.52
C ILE A 675 19.53 36.21 -26.26
N PHE A 676 19.99 35.82 -25.07
CA PHE A 676 19.29 36.23 -23.86
C PHE A 676 19.36 37.73 -23.66
N HIS A 677 20.53 38.32 -23.90
CA HIS A 677 20.62 39.78 -23.78
C HIS A 677 19.71 40.47 -24.78
N GLN A 678 19.65 39.96 -26.01
CA GLN A 678 18.78 40.55 -27.02
C GLN A 678 17.32 40.47 -26.59
N MET A 679 16.87 39.27 -26.18
CA MET A 679 15.50 39.13 -25.73
C MET A 679 15.23 39.82 -24.40
N SER A 680 16.26 40.31 -23.71
CA SER A 680 16.08 40.96 -22.44
C SER A 680 16.66 42.37 -22.37
N SER A 681 17.22 42.90 -23.46
CA SER A 681 17.73 44.26 -23.43
C SER A 681 16.60 45.26 -23.66
N ASN A 682 15.52 45.12 -22.89
CA ASN A 682 14.37 46.00 -22.96
C ASN A 682 13.88 46.19 -24.38
N ILE A 683 13.92 45.10 -25.17
CA ILE A 683 13.39 45.18 -26.53
C ILE A 683 11.89 45.47 -26.50
N MET A 684 11.17 44.83 -25.59
CA MET A 684 9.81 45.27 -25.31
C MET A 684 9.86 46.69 -24.77
N GLU A 685 8.85 47.48 -25.13
CA GLU A 685 8.69 48.93 -24.96
C GLU A 685 9.67 49.72 -25.83
N GLN A 686 10.57 49.05 -26.54
CA GLN A 686 11.32 49.66 -27.65
C GLN A 686 10.67 49.14 -28.93
N LYS A 687 9.93 50.01 -29.61
CA LYS A 687 9.04 49.57 -30.69
C LYS A 687 9.89 49.14 -31.88
N ASP A 688 10.46 47.95 -31.76
CA ASP A 688 11.28 47.32 -32.77
C ASP A 688 10.69 45.97 -33.18
N GLN A 689 9.37 45.96 -33.40
CA GLN A 689 8.62 44.71 -33.54
C GLN A 689 9.20 43.82 -34.63
N GLN A 690 9.64 44.41 -35.74
CA GLN A 690 10.26 43.63 -36.79
C GLN A 690 11.52 42.92 -36.30
N PHE A 691 12.33 43.64 -35.51
CA PHE A 691 13.59 43.07 -35.02
C PHE A 691 13.31 41.95 -34.04
N LEU A 692 12.37 42.15 -33.12
CA LEU A 692 12.02 41.09 -32.17
C LEU A 692 11.40 39.89 -32.88
N ASN A 693 10.61 40.13 -33.92
CA ASN A 693 10.09 39.02 -34.71
C ASN A 693 11.22 38.24 -35.35
N LEU A 694 12.24 38.94 -35.86
CA LEU A 694 13.40 38.26 -36.40
C LEU A 694 14.08 37.39 -35.35
N CYS A 695 14.30 37.96 -34.15
CA CYS A 695 14.96 37.20 -33.09
C CYS A 695 14.13 35.98 -32.69
N CYS A 696 12.80 36.13 -32.63
CA CYS A 696 11.95 35.01 -32.23
C CYS A 696 11.93 33.93 -33.30
N LYS A 697 11.90 34.33 -34.59
CA LYS A 697 11.97 33.35 -35.65
C LYS A 697 13.29 32.59 -35.61
N CYS A 698 14.38 33.29 -35.28
CA CYS A 698 15.66 32.61 -35.09
C CYS A 698 15.58 31.63 -33.93
N PHE A 699 15.08 32.08 -32.79
CA PHE A 699 15.09 31.24 -31.58
C PHE A 699 14.22 30.01 -31.75
N ALA A 700 13.10 30.14 -32.45
CA ALA A 700 12.21 29.00 -32.63
C ALA A 700 12.93 27.84 -33.30
N LYS A 701 13.75 28.14 -34.31
CA LYS A 701 14.57 27.09 -34.91
C LYS A 701 15.78 26.75 -34.07
N VAL A 702 16.22 27.67 -33.20
CA VAL A 702 17.33 27.36 -32.30
C VAL A 702 16.91 26.31 -31.28
N ALA A 703 15.70 26.46 -30.70
CA ALA A 703 15.22 25.58 -29.66
C ALA A 703 14.49 24.35 -30.20
N MET A 704 14.80 23.94 -31.43
CA MET A 704 14.16 22.76 -32.00
C MET A 704 14.49 21.51 -31.18
N ASP A 705 15.77 21.28 -30.92
CA ASP A 705 16.19 20.14 -30.12
C ASP A 705 15.89 20.40 -28.65
N ASP A 706 15.19 19.45 -28.01
CA ASP A 706 14.84 19.61 -26.60
C ASP A 706 16.08 19.66 -25.71
N TYR A 707 17.12 18.89 -26.06
CA TYR A 707 18.35 18.96 -25.28
C TYR A 707 18.96 20.34 -25.34
N LEU A 708 18.85 21.00 -26.50
CA LEU A 708 19.28 22.39 -26.59
C LEU A 708 18.50 23.27 -25.63
N LYS A 709 17.19 23.02 -25.51
CA LYS A 709 16.40 23.77 -24.54
C LYS A 709 16.91 23.54 -23.12
N ASN A 710 17.19 22.29 -22.77
CA ASN A 710 17.62 21.99 -21.41
C ASN A 710 18.99 22.62 -21.11
N VAL A 711 19.92 22.57 -22.06
CA VAL A 711 21.24 23.13 -21.78
C VAL A 711 21.17 24.65 -21.80
N MET A 712 20.33 25.23 -22.66
CA MET A 712 20.13 26.67 -22.64
C MET A 712 19.55 27.12 -21.31
N LEU A 713 18.60 26.34 -20.77
CA LEU A 713 18.05 26.65 -19.45
C LEU A 713 19.11 26.56 -18.37
N GLU A 714 19.93 25.51 -18.42
CA GLU A 714 21.01 25.34 -17.45
C GLU A 714 21.94 26.54 -17.45
N ARG A 715 22.35 26.99 -18.64
CA ARG A 715 23.22 28.15 -18.76
C ARG A 715 22.48 29.46 -18.56
N ALA A 716 21.14 29.44 -18.59
CA ALA A 716 20.34 30.64 -18.39
C ALA A 716 19.96 30.86 -16.94
N CYS A 717 20.11 29.84 -16.09
CA CYS A 717 20.02 30.03 -14.66
C CYS A 717 21.36 30.36 -14.04
N ASP A 718 22.45 29.97 -14.70
CA ASP A 718 23.78 30.37 -14.26
C ASP A 718 23.88 31.89 -14.16
N GLN A 719 23.53 32.57 -15.25
CA GLN A 719 23.35 34.01 -15.21
C GLN A 719 21.90 34.32 -14.87
N ASN A 720 21.69 35.10 -13.81
CA ASN A 720 20.34 35.35 -13.32
C ASN A 720 19.55 36.14 -14.36
N ASN A 721 18.52 35.51 -14.93
CA ASN A 721 17.70 36.15 -15.96
C ASN A 721 16.29 35.58 -15.84
N SER A 722 15.42 36.33 -15.16
CA SER A 722 14.09 35.82 -14.83
C SER A 722 13.22 35.67 -16.08
N ILE A 723 13.21 36.69 -16.94
CA ILE A 723 12.27 36.68 -18.07
C ILE A 723 12.56 35.50 -18.98
N MET A 724 13.83 35.26 -19.29
CA MET A 724 14.14 34.20 -20.25
C MET A 724 14.03 32.81 -19.63
N VAL A 725 14.33 32.67 -18.34
CA VAL A 725 14.11 31.37 -17.72
C VAL A 725 12.63 31.05 -17.70
N GLU A 726 11.78 32.05 -17.45
CA GLU A 726 10.34 31.82 -17.53
C GLU A 726 9.92 31.45 -18.94
N CYS A 727 10.45 32.16 -19.94
CA CYS A 727 10.12 31.85 -21.32
C CYS A 727 10.53 30.42 -21.67
N LEU A 728 11.70 29.99 -21.20
CA LEU A 728 12.15 28.64 -21.47
C LEU A 728 11.30 27.59 -20.74
N LEU A 729 10.82 27.92 -19.54
CA LEU A 729 9.94 26.98 -18.85
C LEU A 729 8.60 26.86 -19.56
N LEU A 730 8.07 27.96 -20.10
CA LEU A 730 6.84 27.88 -20.88
C LEU A 730 7.05 27.09 -22.16
N LEU A 731 8.29 26.88 -22.59
CA LEU A 731 8.62 26.14 -23.80
C LEU A 731 9.01 24.69 -23.50
N GLY A 732 8.58 24.15 -22.38
CA GLY A 732 9.05 22.84 -21.93
C GLY A 732 10.27 23.00 -21.07
N ALA A 733 11.32 22.25 -21.39
CA ALA A 733 12.62 22.35 -20.72
C ALA A 733 12.46 22.08 -19.21
N ASP A 734 12.11 20.83 -18.92
CA ASP A 734 11.95 20.39 -17.54
C ASP A 734 13.13 20.80 -16.69
N ALA A 735 12.86 21.12 -15.42
CA ALA A 735 13.84 21.72 -14.53
C ALA A 735 14.36 20.75 -13.48
N ASN A 736 14.28 19.45 -13.72
CA ASN A 736 14.72 18.43 -12.77
C ASN A 736 15.54 17.36 -13.48
N GLN A 737 16.51 17.80 -14.27
CA GLN A 737 17.26 16.90 -15.13
C GLN A 737 18.78 17.02 -15.01
N ALA A 738 19.30 18.06 -14.36
CA ALA A 738 20.72 18.35 -14.42
C ALA A 738 21.59 17.23 -13.86
N LYS A 739 21.51 17.00 -12.55
CA LYS A 739 22.36 15.99 -11.92
C LYS A 739 21.64 15.10 -10.91
N GLU A 740 20.45 15.48 -10.44
CA GLU A 740 19.64 14.70 -9.49
C GLU A 740 20.27 14.70 -8.10
N GLY A 741 21.47 15.24 -7.97
CA GLY A 741 22.08 15.46 -6.68
C GLY A 741 22.48 16.90 -6.52
N SER A 742 22.72 17.57 -7.65
CA SER A 742 23.05 18.99 -7.70
C SER A 742 22.26 19.64 -8.84
N SER A 743 20.97 19.32 -8.91
CA SER A 743 20.14 19.79 -10.01
C SER A 743 19.83 21.27 -9.80
N LEU A 744 19.01 21.82 -10.70
CA LEU A 744 18.88 23.26 -10.90
C LEU A 744 18.84 24.04 -9.59
N ILE A 745 17.84 23.73 -8.76
CA ILE A 745 17.57 24.56 -7.59
C ILE A 745 18.78 24.60 -6.66
N CYS A 746 19.55 23.52 -6.61
CA CYS A 746 20.73 23.48 -5.74
C CYS A 746 21.70 24.62 -6.04
N GLN A 747 22.17 24.71 -7.28
CA GLN A 747 23.12 25.78 -7.59
C GLN A 747 22.41 27.13 -7.68
N VAL A 748 21.14 27.14 -8.08
CA VAL A 748 20.43 28.42 -8.15
C VAL A 748 20.32 29.05 -6.77
N CYS A 749 20.21 28.25 -5.72
CA CYS A 749 20.32 28.80 -4.37
C CYS A 749 21.75 28.92 -3.89
N GLU A 750 22.70 28.22 -4.52
CA GLU A 750 24.10 28.39 -4.15
C GLU A 750 24.66 29.70 -4.67
N LYS A 751 24.36 30.04 -5.92
CA LYS A 751 24.93 31.21 -6.60
C LYS A 751 24.26 32.52 -6.22
N GLU A 752 23.43 32.57 -5.18
CA GLU A 752 22.81 33.82 -4.72
C GLU A 752 21.99 34.46 -5.84
N SER A 753 20.93 33.76 -6.20
CA SER A 753 20.04 34.19 -7.27
C SER A 753 18.91 35.04 -6.69
N SER A 754 17.92 35.36 -7.52
CA SER A 754 16.80 36.21 -7.18
C SER A 754 15.59 35.37 -6.77
N PRO A 755 14.72 35.94 -5.93
CA PRO A 755 13.50 35.20 -5.55
C PRO A 755 12.65 34.80 -6.74
N LYS A 756 12.55 35.65 -7.76
CA LYS A 756 11.75 35.31 -8.92
C LYS A 756 12.37 34.17 -9.73
N LEU A 757 13.68 33.98 -9.65
CA LEU A 757 14.29 32.85 -10.33
C LEU A 757 14.01 31.54 -9.62
N VAL A 758 13.96 31.55 -8.29
CA VAL A 758 13.68 30.34 -7.54
C VAL A 758 12.20 29.99 -7.60
N GLU A 759 11.33 31.01 -7.54
CA GLU A 759 9.89 30.74 -7.57
C GLU A 759 9.47 30.09 -8.87
N LEU A 760 10.06 30.52 -9.99
CA LEU A 760 9.72 29.94 -11.28
C LEU A 760 10.21 28.50 -11.39
N LEU A 761 11.38 28.20 -10.82
CA LEU A 761 11.84 26.82 -10.80
C LEU A 761 10.93 25.94 -9.96
N LEU A 762 10.50 26.44 -8.80
CA LEU A 762 9.66 25.65 -7.91
C LEU A 762 8.28 25.44 -8.51
N ASN A 763 7.70 26.49 -9.08
CA ASN A 763 6.33 26.41 -9.60
C ASN A 763 6.18 25.33 -10.66
N SER A 764 7.18 25.16 -11.51
CA SER A 764 7.16 24.15 -12.54
C SER A 764 7.75 22.86 -12.00
N GLY A 765 7.95 21.88 -12.88
CA GLY A 765 8.49 20.60 -12.47
C GLY A 765 9.82 20.68 -11.77
N SER A 766 9.83 20.37 -10.47
CA SER A 766 11.06 20.37 -9.68
C SER A 766 10.89 19.32 -8.59
N ARG A 767 11.72 18.27 -8.65
CA ARG A 767 11.55 17.14 -7.75
C ARG A 767 11.76 17.55 -6.29
N GLU A 768 10.92 16.98 -5.41
CA GLU A 768 10.86 17.43 -4.03
C GLU A 768 12.15 17.16 -3.28
N GLN A 769 12.82 16.04 -3.60
CA GLN A 769 14.10 15.74 -2.94
C GLN A 769 15.12 16.83 -3.21
N ASP A 770 15.19 17.29 -4.46
CA ASP A 770 16.07 18.40 -4.80
C ASP A 770 15.67 19.66 -4.05
N VAL A 771 14.37 19.87 -3.86
CA VAL A 771 13.94 21.02 -3.08
C VAL A 771 14.44 20.93 -1.65
N ARG A 772 14.40 19.74 -1.06
CA ARG A 772 14.89 19.58 0.31
C ARG A 772 16.40 19.82 0.37
N LYS A 773 17.14 19.29 -0.58
CA LYS A 773 18.58 19.56 -0.63
C LYS A 773 18.84 21.05 -0.75
N ALA A 774 18.09 21.73 -1.62
CA ALA A 774 18.23 23.16 -1.77
C ALA A 774 17.85 23.90 -0.50
N LEU A 775 16.90 23.36 0.27
CA LEU A 775 16.58 23.96 1.55
C LEU A 775 17.75 23.85 2.50
N THR A 776 18.42 22.70 2.52
CA THR A 776 19.63 22.58 3.34
C THR A 776 20.67 23.61 2.90
N ILE A 777 20.84 23.76 1.58
CA ILE A 777 21.81 24.72 1.06
C ILE A 777 21.45 26.14 1.52
N SER A 778 20.20 26.54 1.30
CA SER A 778 19.75 27.88 1.63
C SER A 778 19.64 28.10 3.13
N ILE A 779 19.65 27.05 3.93
CA ILE A 779 19.84 27.19 5.37
C ILE A 779 21.29 27.49 5.67
N GLY A 780 22.20 26.86 4.92
CA GLY A 780 23.62 27.16 5.06
C GLY A 780 23.90 28.65 5.00
N LYS A 781 23.32 29.32 4.02
CA LYS A 781 23.40 30.77 3.94
C LYS A 781 22.19 31.40 4.62
N GLY A 782 22.28 32.71 4.85
CA GLY A 782 21.16 33.45 5.40
C GLY A 782 20.34 34.16 4.34
N ASP A 783 19.24 33.55 3.92
CA ASP A 783 18.36 34.15 2.92
C ASP A 783 16.92 34.09 3.43
N SER A 784 16.22 35.22 3.31
CA SER A 784 14.88 35.35 3.89
C SER A 784 13.76 35.34 2.86
N GLN A 785 14.07 35.54 1.58
CA GLN A 785 13.06 35.46 0.53
C GLN A 785 13.15 34.17 -0.27
N ILE A 786 14.20 33.37 -0.11
CA ILE A 786 14.32 32.11 -0.81
C ILE A 786 13.91 30.98 0.11
N ILE A 787 14.18 31.13 1.40
CA ILE A 787 13.71 30.15 2.38
C ILE A 787 12.19 30.14 2.41
N SER A 788 11.58 31.32 2.54
CA SER A 788 10.13 31.41 2.59
C SER A 788 9.46 30.94 1.32
N LEU A 789 10.21 30.81 0.21
CA LEU A 789 9.65 30.22 -0.99
C LEU A 789 9.89 28.72 -1.07
N LEU A 790 10.93 28.22 -0.41
CA LEU A 790 11.13 26.77 -0.35
C LEU A 790 10.12 26.12 0.57
N LEU A 791 9.89 26.72 1.74
CA LEU A 791 8.88 26.19 2.65
C LEU A 791 7.49 26.21 2.01
N ARG A 792 7.17 27.29 1.29
CA ARG A 792 5.84 27.43 0.70
C ARG A 792 5.55 26.36 -0.34
N ARG A 793 6.56 25.65 -0.83
CA ARG A 793 6.34 24.52 -1.71
C ARG A 793 6.61 23.18 -1.04
N LEU A 794 7.39 23.16 0.03
CA LEU A 794 7.64 21.92 0.76
C LEU A 794 6.61 21.67 1.85
N ALA A 795 6.25 22.69 2.63
CA ALA A 795 5.38 22.51 3.79
C ALA A 795 4.33 23.63 3.83
N LEU A 796 3.21 23.40 3.14
CA LEU A 796 2.01 24.21 3.35
C LEU A 796 0.81 23.53 2.72
N ASP A 797 -0.21 23.24 3.50
CA ASP A 797 -1.46 22.67 3.01
C ASP A 797 -2.51 23.77 3.11
N VAL A 798 -2.63 24.57 2.05
CA VAL A 798 -3.52 25.73 2.08
C VAL A 798 -4.97 25.30 2.27
N ALA A 799 -5.34 24.14 1.71
CA ALA A 799 -6.71 23.66 1.87
C ALA A 799 -7.03 23.36 3.33
N ASN A 800 -6.02 23.06 4.14
CA ASN A 800 -6.22 22.65 5.52
C ASN A 800 -5.70 23.66 6.53
N ASN A 801 -5.04 24.73 6.09
CA ASN A 801 -4.45 25.73 6.98
C ASN A 801 -3.42 25.10 7.90
N SER A 802 -2.35 24.60 7.30
CA SER A 802 -1.32 23.88 8.05
C SER A 802 0.07 24.35 7.66
N ILE A 803 1.04 23.95 8.48
CA ILE A 803 2.46 24.02 8.14
C ILE A 803 3.10 22.71 8.58
N CYS A 804 3.38 21.83 7.63
CA CYS A 804 3.91 20.51 7.95
C CYS A 804 5.43 20.51 7.79
N LEU A 805 6.11 21.16 8.74
CA LEU A 805 7.57 21.26 8.74
C LEU A 805 8.24 20.13 9.49
N GLY A 806 7.62 18.95 9.51
CA GLY A 806 8.09 17.89 10.38
C GLY A 806 9.48 17.34 10.09
N GLY A 807 9.62 16.62 8.98
CA GLY A 807 10.81 15.82 8.78
C GLY A 807 12.10 16.60 8.59
N PHE A 808 12.00 17.90 8.30
CA PHE A 808 13.19 18.66 7.94
C PHE A 808 14.11 18.85 9.13
N CYS A 809 15.41 18.85 8.85
CA CYS A 809 16.43 19.07 9.87
C CYS A 809 16.84 20.54 9.95
N ILE A 810 15.86 21.41 10.12
CA ILE A 810 16.14 22.84 10.25
C ILE A 810 16.95 23.07 11.52
N GLY A 811 18.12 23.69 11.37
CA GLY A 811 18.96 23.94 12.52
C GLY A 811 18.37 24.90 13.53
N LYS A 812 17.53 25.83 13.08
CA LYS A 812 16.91 26.81 13.95
C LYS A 812 15.85 27.56 13.15
N VAL A 813 14.76 27.91 13.82
CA VAL A 813 13.60 28.54 13.18
C VAL A 813 13.60 30.01 13.53
N GLU A 814 13.43 30.86 12.52
CA GLU A 814 13.42 32.31 12.70
C GLU A 814 12.18 32.88 12.04
N PRO A 815 11.48 33.80 12.71
CA PRO A 815 10.21 34.30 12.14
C PRO A 815 10.36 34.99 10.81
N SER A 816 11.55 35.53 10.51
CA SER A 816 11.78 36.17 9.22
C SER A 816 11.65 35.19 8.06
N TRP A 817 11.55 33.89 8.34
CA TRP A 817 11.34 32.88 7.32
C TRP A 817 9.86 32.56 7.15
N LEU A 818 9.18 32.23 8.25
CA LEU A 818 7.76 31.90 8.20
C LEU A 818 6.88 33.11 7.95
N GLY A 819 7.45 34.32 7.96
CA GLY A 819 6.70 35.53 7.73
C GLY A 819 5.65 35.44 6.64
N PRO A 820 6.07 35.13 5.41
CA PRO A 820 5.09 35.04 4.31
C PRO A 820 4.31 33.74 4.25
N LEU A 821 4.68 32.72 5.04
CA LEU A 821 3.90 31.49 5.04
C LEU A 821 2.50 31.71 5.59
N PHE A 822 2.39 32.48 6.68
CA PHE A 822 1.09 32.85 7.18
C PHE A 822 0.34 33.66 6.12
N PRO A 823 -0.97 33.48 6.00
CA PRO A 823 -1.70 34.18 4.95
C PRO A 823 -1.72 35.66 5.21
N ASP A 824 -1.70 36.44 4.12
CA ASP A 824 -1.65 37.89 4.20
C ASP A 824 -2.65 38.46 3.22
N LYS A 825 -3.64 39.21 3.73
CA LYS A 825 -4.68 39.77 2.88
C LYS A 825 -4.15 40.84 1.94
N THR A 826 -3.01 41.45 2.27
CA THR A 826 -2.46 42.52 1.47
C THR A 826 -1.78 42.02 0.20
N SER A 827 -1.47 40.72 0.13
CA SER A 827 -0.71 40.17 -0.99
C SER A 827 -1.48 40.31 -2.31
N ASN A 828 -1.03 41.24 -3.15
CA ASN A 828 -1.59 41.44 -4.47
C ASN A 828 -0.46 41.90 -5.39
N LEU A 829 -0.24 41.17 -6.48
CA LEU A 829 0.89 41.44 -7.36
C LEU A 829 0.37 41.63 -8.78
N ARG A 830 1.05 42.51 -9.51
CA ARG A 830 0.61 42.93 -10.84
C ARG A 830 0.93 41.84 -11.87
N LYS A 831 0.85 42.19 -13.14
CA LYS A 831 1.22 41.28 -14.23
C LYS A 831 2.30 41.96 -15.06
N GLN A 832 3.57 41.73 -14.68
CA GLN A 832 4.71 42.24 -15.42
C GLN A 832 5.45 41.16 -16.18
N THR A 833 5.31 39.90 -15.79
CA THR A 833 5.90 38.79 -16.51
C THR A 833 5.15 38.42 -17.78
N ASN A 834 4.12 39.20 -18.14
CA ASN A 834 3.41 38.97 -19.39
C ASN A 834 4.34 39.06 -20.59
N ILE A 835 5.48 39.73 -20.44
CA ILE A 835 6.50 39.74 -21.50
C ILE A 835 6.89 38.32 -21.84
N ALA A 836 7.19 37.51 -20.82
CA ALA A 836 7.63 36.14 -21.05
C ALA A 836 6.55 35.32 -21.75
N SER A 837 5.30 35.50 -21.34
CA SER A 837 4.21 34.77 -22.00
C SER A 837 4.05 35.19 -23.45
N THR A 838 4.17 36.48 -23.74
CA THR A 838 4.07 36.94 -25.12
C THR A 838 5.19 36.36 -25.98
N LEU A 839 6.41 36.39 -25.46
CA LEU A 839 7.53 35.81 -26.20
C LEU A 839 7.33 34.31 -26.40
N ALA A 840 6.79 33.63 -25.39
CA ALA A 840 6.49 32.21 -25.54
C ALA A 840 5.45 31.98 -26.63
N ARG A 841 4.43 32.84 -26.70
CA ARG A 841 3.44 32.71 -27.77
C ARG A 841 4.07 32.91 -29.14
N MET A 842 4.94 33.90 -29.28
CA MET A 842 5.60 34.10 -30.57
C MET A 842 6.47 32.90 -30.93
N VAL A 843 7.20 32.34 -29.96
CA VAL A 843 8.06 31.20 -30.25
C VAL A 843 7.23 30.00 -30.63
N ILE A 844 6.13 29.75 -29.92
CA ILE A 844 5.24 28.64 -30.25
C ILE A 844 4.67 28.82 -31.65
N ARG A 845 4.28 30.06 -31.98
CA ARG A 845 3.75 30.36 -33.30
C ARG A 845 4.76 30.03 -34.39
N TYR A 846 5.98 30.55 -34.24
CA TYR A 846 7.01 30.26 -35.25
C TYR A 846 7.34 28.78 -35.31
N GLN A 847 7.29 28.09 -34.17
CA GLN A 847 7.58 26.66 -34.16
C GLN A 847 6.52 25.88 -34.94
N MET A 848 5.23 26.14 -34.65
CA MET A 848 4.20 25.41 -35.37
C MET A 848 4.18 25.79 -36.85
N LYS A 849 4.52 27.04 -37.17
CA LYS A 849 4.68 27.42 -38.58
C LYS A 849 5.79 26.62 -39.24
N SER A 850 6.94 26.50 -38.59
CA SER A 850 8.03 25.68 -39.12
C SER A 850 7.65 24.20 -39.17
N ALA A 851 6.63 23.80 -38.42
CA ALA A 851 6.25 22.40 -38.38
C ALA A 851 5.20 21.99 -39.42
N VAL A 852 4.16 22.81 -39.63
CA VAL A 852 2.96 22.31 -40.32
C VAL A 852 3.13 22.34 -41.84
N GLU A 853 3.32 23.51 -42.47
CA GLU A 853 3.41 23.52 -43.93
C GLU A 853 4.72 22.89 -44.40
N GLU A 854 5.77 22.95 -43.58
CA GLU A 854 6.95 22.11 -43.81
C GLU A 854 6.98 20.96 -42.80
N ARG A 981 -9.13 36.48 5.86
CA ARG A 981 -9.22 35.63 7.03
C ARG A 981 -8.45 34.32 6.84
N GLU A 982 -8.92 33.26 7.49
CA GLU A 982 -8.35 31.93 7.39
C GLU A 982 -6.90 31.90 7.87
N TYR A 983 -6.72 32.36 9.11
CA TYR A 983 -5.43 32.21 9.77
C TYR A 983 -5.09 30.73 9.88
N ILE A 984 -3.90 30.35 9.42
CA ILE A 984 -3.52 28.95 9.45
C ILE A 984 -3.41 28.48 10.89
N THR A 985 -3.74 27.22 11.12
CA THR A 985 -3.83 26.69 12.47
C THR A 985 -2.73 25.70 12.79
N SER A 986 -2.61 24.61 12.05
CA SER A 986 -1.64 23.58 12.40
C SER A 986 -0.24 24.06 12.07
N LEU A 987 0.63 24.11 13.07
CA LEU A 987 2.02 24.51 12.89
C LEU A 987 2.89 23.39 13.43
N ASP A 988 3.42 22.55 12.55
CA ASP A 988 4.14 21.35 12.94
C ASP A 988 5.64 21.60 12.80
N LEU A 989 6.35 21.56 13.92
CA LEU A 989 7.79 21.78 13.97
C LEU A 989 8.50 20.59 14.60
N SER A 990 8.09 19.37 14.22
CA SER A 990 8.49 18.20 14.97
C SER A 990 9.99 17.91 14.96
N ALA A 991 10.54 17.51 13.82
CA ALA A 991 11.87 16.91 13.85
C ALA A 991 13.00 17.93 13.70
N ASN A 992 12.68 19.20 13.48
CA ASN A 992 13.72 20.22 13.42
C ASN A 992 14.42 20.33 14.75
N GLU A 993 15.71 20.01 14.78
CA GLU A 993 16.44 19.97 16.04
C GLU A 993 16.63 21.37 16.60
N LEU A 994 15.52 22.01 16.97
CA LEU A 994 15.53 23.36 17.50
C LEU A 994 16.12 23.34 18.89
N ARG A 995 17.38 23.75 19.02
CA ARG A 995 17.94 23.86 20.36
C ARG A 995 17.40 25.05 21.12
N ASP A 996 16.63 25.91 20.46
CA ASP A 996 15.92 27.00 21.12
C ASP A 996 14.81 27.47 20.19
N ILE A 997 13.70 27.91 20.80
CA ILE A 997 12.57 28.45 20.08
C ILE A 997 12.29 29.89 20.48
N ASP A 998 13.22 30.51 21.22
CA ASP A 998 13.03 31.89 21.66
C ASP A 998 12.87 32.85 20.49
N ALA A 999 13.36 32.48 19.31
CA ALA A 999 13.30 33.38 18.15
C ALA A 999 11.88 33.79 17.79
N LEU A 1000 10.88 32.99 18.13
CA LEU A 1000 9.50 33.36 17.87
C LEU A 1000 8.84 34.08 19.03
N SER A 1001 9.45 34.06 20.22
CA SER A 1001 8.83 34.66 21.38
C SER A 1001 8.78 36.17 21.30
N GLN A 1002 9.59 36.78 20.43
CA GLN A 1002 9.70 38.24 20.38
C GLN A 1002 8.47 38.83 19.69
N LYS A 1003 8.52 40.13 19.42
CA LYS A 1003 7.43 40.86 18.77
C LYS A 1003 7.68 40.99 17.28
N CYS A 1004 8.22 39.94 16.67
CA CYS A 1004 8.67 39.99 15.28
C CYS A 1004 7.47 40.02 14.34
N CYS A 1005 7.74 39.87 13.05
CA CYS A 1005 6.73 40.09 12.02
C CYS A 1005 5.52 39.17 12.17
N ILE A 1006 5.69 37.99 12.79
CA ILE A 1006 4.60 37.03 12.88
C ILE A 1006 3.96 36.97 14.26
N SER A 1007 4.35 37.87 15.17
CA SER A 1007 3.83 37.80 16.53
C SER A 1007 2.36 38.16 16.62
N VAL A 1008 1.69 38.44 15.50
CA VAL A 1008 0.24 38.69 15.50
C VAL A 1008 -0.53 37.60 14.78
N HIS A 1009 0.12 36.79 13.94
CA HIS A 1009 -0.52 35.63 13.35
C HIS A 1009 -0.54 34.44 14.27
N LEU A 1010 0.37 34.39 15.25
CA LEU A 1010 0.44 33.27 16.17
C LEU A 1010 -0.74 33.22 17.12
N GLU A 1011 -1.45 34.31 17.31
CA GLU A 1011 -2.45 34.35 18.36
C GLU A 1011 -3.64 33.45 18.10
N HIS A 1012 -3.76 32.88 16.91
CA HIS A 1012 -4.86 31.98 16.56
C HIS A 1012 -4.32 30.66 16.05
N LEU A 1013 -3.33 30.10 16.74
CA LEU A 1013 -2.65 28.91 16.22
C LEU A 1013 -3.50 27.65 16.39
N GLU A 1014 -3.91 27.34 17.61
CA GLU A 1014 -4.82 26.24 17.91
C GLU A 1014 -4.24 24.87 17.60
N LYS A 1015 -2.96 24.78 17.24
CA LYS A 1015 -2.23 23.52 17.27
C LYS A 1015 -0.75 23.79 17.11
N LEU A 1016 0.08 23.25 18.01
CA LEU A 1016 1.51 23.51 17.99
C LEU A 1016 2.23 22.23 18.39
N GLU A 1017 3.12 21.75 17.52
CA GLU A 1017 3.86 20.53 17.77
C GLU A 1017 5.35 20.83 17.80
N LEU A 1018 5.99 20.54 18.92
CA LEU A 1018 7.42 20.70 19.08
C LEU A 1018 8.10 19.42 19.52
N HIS A 1019 7.44 18.28 19.35
CA HIS A 1019 8.00 17.02 19.83
C HIS A 1019 9.22 16.62 19.03
N GLN A 1020 10.12 15.89 19.70
CA GLN A 1020 11.32 15.26 19.15
C GLN A 1020 12.46 16.23 18.88
N ASN A 1021 12.33 17.51 19.23
CA ASN A 1021 13.47 18.41 19.18
C ASN A 1021 14.27 18.28 20.47
N ALA A 1022 15.19 19.22 20.69
CA ALA A 1022 16.00 19.26 21.89
C ALA A 1022 15.85 20.60 22.60
N LEU A 1023 14.59 21.03 22.78
CA LEU A 1023 14.32 22.30 23.44
C LEU A 1023 14.65 22.22 24.92
N THR A 1024 14.44 23.35 25.58
CA THR A 1024 14.42 23.47 27.03
C THR A 1024 13.86 24.84 27.37
N SER A 1025 13.02 24.91 28.42
CA SER A 1025 12.52 26.15 28.95
C SER A 1025 11.77 26.97 27.89
N PHE A 1026 10.62 26.43 27.49
CA PHE A 1026 9.63 27.12 26.67
C PHE A 1026 9.51 28.58 27.09
N PRO A 1027 9.73 29.52 26.17
CA PRO A 1027 9.85 30.94 26.57
C PRO A 1027 8.56 31.49 27.13
N GLN A 1028 8.67 32.15 28.29
CA GLN A 1028 7.49 32.65 28.99
C GLN A 1028 6.73 33.66 28.16
N GLN A 1029 7.42 34.47 27.37
CA GLN A 1029 6.71 35.45 26.54
C GLN A 1029 5.83 34.76 25.50
N LEU A 1030 6.32 33.66 24.93
CA LEU A 1030 5.54 32.96 23.91
C LEU A 1030 4.25 32.39 24.50
N CYS A 1031 4.34 31.71 25.64
CA CYS A 1031 3.19 31.02 26.19
C CYS A 1031 2.08 31.97 26.64
N GLU A 1032 2.23 33.27 26.43
CA GLU A 1032 1.12 34.21 26.57
C GLU A 1032 0.93 35.05 25.32
N THR A 1033 1.78 34.86 24.30
CA THR A 1033 1.58 35.55 23.04
C THR A 1033 0.42 34.94 22.25
N LEU A 1034 0.29 33.62 22.25
CA LEU A 1034 -0.75 32.93 21.51
C LEU A 1034 -1.85 32.53 22.49
N LYS A 1035 -3.02 33.13 22.32
CA LYS A 1035 -4.13 32.96 23.24
C LYS A 1035 -5.22 32.03 22.71
N SER A 1036 -4.89 31.18 21.75
CA SER A 1036 -5.90 30.27 21.21
C SER A 1036 -5.32 28.90 20.92
N LEU A 1037 -4.30 28.48 21.64
CA LEU A 1037 -3.62 27.22 21.37
C LEU A 1037 -4.23 26.11 22.22
N THR A 1038 -4.54 24.97 21.58
CA THR A 1038 -5.31 23.95 22.26
C THR A 1038 -4.80 22.53 22.06
N HIS A 1039 -3.65 22.33 21.42
CA HIS A 1039 -3.08 20.99 21.34
C HIS A 1039 -1.57 21.04 21.49
N LEU A 1040 -1.08 21.94 22.33
CA LEU A 1040 0.36 22.08 22.54
C LEU A 1040 0.96 20.78 23.04
N ASP A 1041 1.79 20.14 22.22
CA ASP A 1041 2.48 18.92 22.61
C ASP A 1041 3.95 19.04 22.23
N LEU A 1042 4.82 18.93 23.22
CA LEU A 1042 6.27 18.99 22.99
C LEU A 1042 6.92 17.94 23.88
N HIS A 1043 7.07 16.74 23.34
CA HIS A 1043 7.67 15.63 24.05
C HIS A 1043 8.96 15.22 23.38
N SER A 1044 9.71 14.35 24.05
CA SER A 1044 11.05 13.90 23.67
C SER A 1044 12.07 15.02 23.72
N ASN A 1045 11.66 16.23 24.09
CA ASN A 1045 12.61 17.31 24.31
C ASN A 1045 13.36 17.08 25.62
N LYS A 1046 14.42 17.85 25.82
CA LYS A 1046 15.17 17.79 27.07
C LYS A 1046 14.74 18.92 27.99
N PHE A 1047 13.50 18.85 28.46
CA PHE A 1047 13.09 19.67 29.58
C PHE A 1047 13.70 19.13 30.87
N THR A 1048 13.72 19.97 31.89
CA THR A 1048 14.11 19.52 33.22
C THR A 1048 13.22 20.15 34.29
N SER A 1049 12.21 20.91 33.91
CA SER A 1049 11.28 21.49 34.88
C SER A 1049 9.99 21.85 34.15
N PHE A 1050 8.90 21.22 34.54
CA PHE A 1050 7.60 21.58 33.99
C PHE A 1050 7.36 23.05 34.30
N PRO A 1051 7.25 23.90 33.27
CA PRO A 1051 7.33 25.35 33.52
C PRO A 1051 6.30 25.88 34.49
N SER A 1052 5.11 25.29 34.55
CA SER A 1052 4.04 25.70 35.45
C SER A 1052 3.51 27.07 35.08
N TYR A 1053 4.13 27.72 34.10
CA TYR A 1053 3.57 28.90 33.45
C TYR A 1053 3.10 28.59 32.03
N LEU A 1054 3.20 27.34 31.60
CA LEU A 1054 2.50 26.91 30.39
C LEU A 1054 1.00 26.95 30.57
N LEU A 1055 0.53 26.92 31.81
CA LEU A 1055 -0.89 26.77 32.10
C LEU A 1055 -1.64 28.10 32.17
N LYS A 1056 -0.98 29.22 31.90
CA LYS A 1056 -1.67 30.50 31.91
C LYS A 1056 -2.19 30.89 30.53
N MET A 1057 -2.11 30.00 29.56
CA MET A 1057 -2.74 30.25 28.27
C MET A 1057 -4.26 30.29 28.43
N SER A 1058 -4.91 30.95 27.47
CA SER A 1058 -6.34 31.21 27.62
C SER A 1058 -7.15 29.93 27.51
N CYS A 1059 -7.10 29.27 26.35
CA CYS A 1059 -7.91 28.07 26.10
C CYS A 1059 -6.99 26.96 25.63
N ILE A 1060 -6.41 26.23 26.58
CA ILE A 1060 -5.46 25.17 26.28
C ILE A 1060 -6.08 23.82 26.64
N ALA A 1061 -5.70 22.80 25.90
CA ALA A 1061 -6.09 21.44 26.19
C ALA A 1061 -5.02 20.51 25.63
N ASN A 1062 -5.04 19.27 26.08
CA ASN A 1062 -4.14 18.24 25.57
C ASN A 1062 -2.67 18.62 25.75
N LEU A 1063 -2.36 19.39 26.79
CA LEU A 1063 -0.97 19.70 27.09
C LEU A 1063 -0.20 18.40 27.28
N ASP A 1064 0.89 18.25 26.54
CA ASP A 1064 1.56 16.95 26.43
C ASP A 1064 3.07 17.15 26.47
N VAL A 1065 3.67 16.82 27.61
CA VAL A 1065 5.12 16.74 27.76
C VAL A 1065 5.43 15.35 28.31
N SER A 1066 5.86 14.45 27.43
CA SER A 1066 5.74 13.02 27.74
C SER A 1066 7.02 12.20 27.56
N ARG A 1067 8.16 12.82 27.29
CA ARG A 1067 9.40 12.08 27.38
C ARG A 1067 10.54 12.91 27.97
N ASN A 1068 10.26 14.11 28.46
CA ASN A 1068 11.33 14.94 28.99
C ASN A 1068 11.82 14.40 30.32
N ASP A 1069 12.90 14.98 30.82
CA ASP A 1069 13.44 14.64 32.12
C ASP A 1069 12.91 15.61 33.19
N ILE A 1070 11.59 15.55 33.38
CA ILE A 1070 10.95 16.38 34.40
C ILE A 1070 11.54 16.04 35.75
N GLY A 1071 11.82 17.08 36.55
CA GLY A 1071 12.46 16.92 37.83
C GLY A 1071 11.73 15.97 38.77
N PRO A 1072 12.36 15.63 39.88
CA PRO A 1072 11.74 14.66 40.81
C PRO A 1072 10.32 15.00 41.22
N SER A 1073 10.04 16.27 41.50
CA SER A 1073 8.70 16.72 41.81
C SER A 1073 8.25 17.73 40.78
N VAL A 1074 6.95 17.76 40.52
CA VAL A 1074 6.38 18.55 39.43
C VAL A 1074 5.24 19.42 39.95
N VAL A 1075 5.35 19.86 41.21
CA VAL A 1075 4.27 20.61 41.85
C VAL A 1075 3.81 21.76 40.96
N LEU A 1076 2.50 21.90 40.82
CA LEU A 1076 1.90 22.97 40.05
C LEU A 1076 1.68 24.18 40.94
N ASP A 1077 2.18 25.33 40.53
CA ASP A 1077 2.05 26.54 41.32
C ASP A 1077 0.57 26.88 41.46
N PRO A 1078 0.08 27.14 42.68
CA PRO A 1078 -1.35 27.31 42.90
C PRO A 1078 -1.90 28.68 42.50
N THR A 1079 -1.10 29.55 41.91
CA THR A 1079 -1.59 30.85 41.47
C THR A 1079 -2.22 30.81 40.09
N VAL A 1080 -2.25 29.65 39.44
CA VAL A 1080 -2.87 29.49 38.12
C VAL A 1080 -4.12 28.64 38.29
N LYS A 1081 -5.22 29.08 37.69
CA LYS A 1081 -6.52 28.44 37.80
C LYS A 1081 -7.01 27.94 36.46
N CYS A 1082 -6.13 27.35 35.68
CA CYS A 1082 -6.45 26.93 34.31
C CYS A 1082 -7.42 25.78 34.31
N PRO A 1083 -8.68 25.97 33.97
CA PRO A 1083 -9.64 24.87 34.05
C PRO A 1083 -9.75 24.08 32.75
N THR A 1084 -9.31 24.68 31.65
CA THR A 1084 -9.63 24.16 30.33
C THR A 1084 -8.78 22.94 29.96
N LEU A 1085 -7.75 22.64 30.74
CA LEU A 1085 -6.89 21.50 30.43
C LEU A 1085 -7.67 20.20 30.50
N LYS A 1086 -7.44 19.32 29.52
CA LYS A 1086 -8.17 18.07 29.43
C LYS A 1086 -7.28 16.85 29.55
N GLN A 1087 -6.19 16.77 28.79
CA GLN A 1087 -5.37 15.57 28.71
C GLN A 1087 -3.95 15.94 29.09
N PHE A 1088 -3.65 15.89 30.39
CA PHE A 1088 -2.38 16.37 30.92
C PHE A 1088 -1.40 15.20 31.01
N ASN A 1089 -0.79 14.88 29.88
CA ASN A 1089 0.13 13.75 29.84
C ASN A 1089 1.45 14.11 30.50
N LEU A 1090 2.03 13.15 31.23
CA LEU A 1090 3.34 13.28 31.85
C LEU A 1090 4.14 11.99 31.75
N SER A 1091 4.00 11.27 30.64
CA SER A 1091 4.59 9.95 30.52
C SER A 1091 6.10 10.00 30.68
N TYR A 1092 6.65 8.90 31.20
CA TYR A 1092 8.06 8.54 31.07
C TYR A 1092 9.00 9.66 31.51
N ASN A 1093 8.60 10.44 32.49
CA ASN A 1093 9.51 11.41 33.07
C ASN A 1093 10.27 10.75 34.22
N GLN A 1094 10.96 11.56 35.03
CA GLN A 1094 11.66 11.05 36.20
C GLN A 1094 10.95 11.51 37.47
N LEU A 1095 9.62 11.49 37.43
CA LEU A 1095 8.82 11.92 38.56
C LEU A 1095 9.10 11.05 39.79
N SER A 1096 8.81 11.63 40.96
CA SER A 1096 8.81 10.88 42.20
C SER A 1096 7.49 10.97 42.95
N PHE A 1097 6.53 11.74 42.44
CA PHE A 1097 5.22 11.89 43.08
C PHE A 1097 4.19 12.21 42.01
N VAL A 1098 2.94 11.94 42.34
CA VAL A 1098 1.86 12.55 41.55
C VAL A 1098 1.97 14.06 41.69
N PRO A 1099 1.79 14.84 40.63
CA PRO A 1099 1.81 16.31 40.76
C PRO A 1099 0.91 16.76 41.91
N GLU A 1100 1.37 17.76 42.65
CA GLU A 1100 0.81 18.01 43.97
C GLU A 1100 -0.52 18.74 43.91
N ASN A 1101 -0.59 19.83 43.16
CA ASN A 1101 -1.70 20.77 43.26
C ASN A 1101 -2.63 20.70 42.05
N LEU A 1102 -2.90 19.50 41.56
CA LEU A 1102 -3.84 19.33 40.46
C LEU A 1102 -5.23 19.84 40.86
N THR A 1103 -5.74 19.36 42.00
CA THR A 1103 -7.12 19.63 42.37
C THR A 1103 -7.42 21.12 42.51
N ASP A 1104 -6.40 21.94 42.75
CA ASP A 1104 -6.59 23.38 42.86
C ASP A 1104 -6.21 24.13 41.60
N VAL A 1105 -5.76 23.44 40.55
CA VAL A 1105 -5.32 24.07 39.32
C VAL A 1105 -6.05 23.51 38.11
N VAL A 1106 -6.04 22.18 37.95
CA VAL A 1106 -6.68 21.57 36.79
C VAL A 1106 -7.95 20.86 37.22
N GLU A 1107 -9.07 21.57 37.13
CA GLU A 1107 -10.34 21.03 37.61
C GLU A 1107 -10.98 20.08 36.60
N LYS A 1108 -11.13 20.54 35.36
CA LYS A 1108 -11.80 19.75 34.33
C LYS A 1108 -10.88 18.70 33.70
N LEU A 1109 -9.74 18.42 34.32
CA LEU A 1109 -8.79 17.46 33.78
C LEU A 1109 -9.46 16.10 33.57
N GLU A 1110 -9.13 15.45 32.45
CA GLU A 1110 -9.71 14.15 32.16
C GLU A 1110 -8.70 13.03 32.09
N GLN A 1111 -7.74 13.08 31.17
CA GLN A 1111 -6.88 11.94 30.90
C GLN A 1111 -5.50 12.11 31.55
N LEU A 1112 -5.48 12.26 32.87
CA LEU A 1112 -4.20 12.43 33.55
C LEU A 1112 -3.40 11.14 33.43
N ILE A 1113 -2.35 11.17 32.61
CA ILE A 1113 -1.50 10.01 32.40
C ILE A 1113 -0.15 10.25 33.07
N LEU A 1114 0.33 9.27 33.82
CA LEU A 1114 1.58 9.43 34.56
C LEU A 1114 2.46 8.20 34.46
N GLU A 1115 2.33 7.42 33.39
CA GLU A 1115 3.03 6.16 33.31
C GLU A 1115 4.53 6.39 33.14
N GLY A 1116 5.29 5.30 33.23
CA GLY A 1116 6.72 5.33 33.00
C GLY A 1116 7.53 6.17 33.96
N ASN A 1117 6.88 6.78 34.94
CA ASN A 1117 7.57 7.64 35.89
C ASN A 1117 8.29 6.77 36.91
N LYS A 1118 8.76 7.41 37.99
CA LYS A 1118 9.32 6.68 39.11
C LYS A 1118 8.58 7.08 40.39
N ILE A 1119 7.25 7.08 40.31
CA ILE A 1119 6.44 7.33 41.50
C ILE A 1119 6.64 6.19 42.48
N SER A 1120 7.03 6.51 43.71
CA SER A 1120 7.30 5.52 44.73
C SER A 1120 6.30 5.58 45.88
N GLY A 1121 6.15 6.75 46.49
CA GLY A 1121 5.31 6.86 47.66
C GLY A 1121 3.84 6.67 47.35
N ILE A 1122 3.07 6.40 48.40
CA ILE A 1122 1.64 6.26 48.26
C ILE A 1122 1.04 7.60 47.84
N CYS A 1123 0.03 7.55 46.97
CA CYS A 1123 -0.44 8.73 46.29
C CYS A 1123 -1.28 9.62 47.21
N SER A 1124 -1.77 10.71 46.65
CA SER A 1124 -2.62 11.68 47.33
C SER A 1124 -4.06 11.21 47.31
N PRO A 1125 -4.93 11.78 48.14
CA PRO A 1125 -6.37 11.51 47.97
C PRO A 1125 -6.89 11.85 46.60
N LEU A 1126 -6.22 12.76 45.88
CA LEU A 1126 -6.46 13.03 44.46
C LEU A 1126 -7.91 13.45 44.23
N ARG A 1127 -8.22 14.64 44.75
CA ARG A 1127 -9.57 15.16 44.72
C ARG A 1127 -9.93 15.75 43.36
N LEU A 1128 -9.81 14.95 42.30
CA LEU A 1128 -10.20 15.39 40.97
C LEU A 1128 -11.64 14.98 40.68
N LYS A 1129 -12.45 15.94 40.26
CA LYS A 1129 -13.87 15.70 40.07
C LYS A 1129 -14.20 15.16 38.69
N GLU A 1130 -13.25 15.19 37.75
CA GLU A 1130 -13.59 14.80 36.38
C GLU A 1130 -12.55 13.92 35.72
N LEU A 1131 -11.75 13.17 36.48
CA LEU A 1131 -10.87 12.19 35.88
C LEU A 1131 -11.70 11.17 35.11
N LYS A 1132 -11.29 10.88 33.89
CA LYS A 1132 -12.05 9.93 33.08
C LYS A 1132 -11.17 8.77 32.65
N ILE A 1133 -9.88 9.03 32.44
CA ILE A 1133 -8.91 7.96 32.20
C ILE A 1133 -7.64 8.27 32.95
N LEU A 1134 -7.46 7.64 34.10
CA LEU A 1134 -6.20 7.74 34.82
C LEU A 1134 -5.22 6.74 34.25
N ASN A 1135 -3.97 6.77 34.72
CA ASN A 1135 -3.00 5.76 34.37
C ASN A 1135 -1.80 5.90 35.28
N LEU A 1136 -1.24 4.77 35.71
CA LEU A 1136 -0.09 4.78 36.60
C LEU A 1136 0.88 3.67 36.25
N SER A 1137 0.94 3.27 34.98
CA SER A 1137 1.69 2.10 34.59
C SER A 1137 3.18 2.30 34.80
N LYS A 1138 3.88 1.19 35.06
CA LYS A 1138 5.34 1.13 35.15
C LYS A 1138 5.93 2.05 36.22
N ASN A 1139 5.12 2.51 37.15
CA ASN A 1139 5.66 3.22 38.32
C ASN A 1139 6.22 2.19 39.29
N HIS A 1140 6.60 2.64 40.48
CA HIS A 1140 6.90 1.75 41.61
C HIS A 1140 5.92 2.09 42.71
N ILE A 1141 4.72 1.55 42.60
CA ILE A 1141 3.69 1.80 43.59
C ILE A 1141 3.81 0.75 44.69
N SER A 1142 3.71 1.19 45.94
CA SER A 1142 3.57 0.25 47.04
C SER A 1142 2.13 -0.23 47.13
N SER A 1143 1.20 0.68 47.32
CA SER A 1143 -0.22 0.41 47.32
C SER A 1143 -0.95 1.75 47.26
N LEU A 1144 -2.26 1.68 47.11
CA LEU A 1144 -3.08 2.88 46.96
C LEU A 1144 -3.77 3.20 48.28
N SER A 1145 -3.79 4.49 48.62
CA SER A 1145 -4.50 4.92 49.81
C SER A 1145 -5.98 4.60 49.68
N GLU A 1146 -6.60 4.27 50.82
CA GLU A 1146 -8.00 3.85 50.79
C GLU A 1146 -8.92 4.95 50.29
N ASN A 1147 -8.47 6.21 50.30
CA ASN A 1147 -9.22 7.34 49.79
C ASN A 1147 -8.63 7.86 48.49
N PHE A 1148 -7.97 7.00 47.72
CA PHE A 1148 -7.35 7.42 46.47
C PHE A 1148 -8.41 7.72 45.41
N LEU A 1149 -9.30 6.77 45.17
CA LEU A 1149 -10.40 6.95 44.23
C LEU A 1149 -11.73 7.27 44.90
N GLU A 1150 -11.72 7.59 46.19
CA GLU A 1150 -12.96 7.84 46.91
C GLU A 1150 -13.58 9.20 46.57
N ALA A 1151 -12.98 9.96 45.65
CA ALA A 1151 -13.52 11.27 45.33
C ALA A 1151 -13.47 11.58 43.83
N CYS A 1152 -13.34 10.55 42.98
CA CYS A 1152 -13.27 10.72 41.52
C CYS A 1152 -14.40 9.90 40.91
N PRO A 1153 -15.62 10.42 40.94
CA PRO A 1153 -16.80 9.60 40.59
C PRO A 1153 -17.01 9.36 39.10
N LYS A 1154 -16.03 9.66 38.24
CA LYS A 1154 -16.19 9.40 36.82
C LYS A 1154 -15.02 8.64 36.21
N VAL A 1155 -14.08 8.15 37.02
CA VAL A 1155 -12.96 7.39 36.50
C VAL A 1155 -13.48 6.19 35.71
N GLU A 1156 -12.84 5.89 34.60
CA GLU A 1156 -13.33 4.82 33.74
C GLU A 1156 -12.26 3.80 33.39
N SER A 1157 -11.00 4.22 33.32
CA SER A 1157 -9.96 3.34 32.77
C SER A 1157 -8.70 3.38 33.61
N PHE A 1158 -8.84 3.37 34.93
CA PHE A 1158 -7.67 3.23 35.79
C PHE A 1158 -6.90 1.99 35.38
N SER A 1159 -5.62 2.16 35.10
CA SER A 1159 -4.79 1.05 34.64
C SER A 1159 -3.38 1.26 35.18
N ALA A 1160 -3.03 0.49 36.20
CA ALA A 1160 -1.72 0.57 36.83
C ALA A 1160 -0.97 -0.73 36.56
N ARG A 1161 -0.31 -0.79 35.41
CA ARG A 1161 0.43 -1.98 35.03
C ARG A 1161 1.84 -1.97 35.63
N MET A 1162 2.42 -3.16 35.70
CA MET A 1162 3.84 -3.36 36.01
C MET A 1162 4.27 -2.68 37.31
N ASN A 1163 3.35 -2.46 38.23
CA ASN A 1163 3.72 -1.90 39.53
C ASN A 1163 3.85 -3.02 40.55
N PHE A 1164 4.08 -2.66 41.81
CA PHE A 1164 4.12 -3.61 42.91
C PHE A 1164 2.87 -3.38 43.73
N LEU A 1165 1.77 -3.96 43.28
CA LEU A 1165 0.45 -3.63 43.80
C LEU A 1165 -0.17 -4.86 44.46
N ALA A 1166 -0.95 -4.63 45.52
CA ALA A 1166 -1.44 -5.72 46.34
C ALA A 1166 -2.96 -5.70 46.50
N ALA A 1167 -3.58 -4.54 46.42
CA ALA A 1167 -5.02 -4.43 46.63
C ALA A 1167 -5.52 -3.17 45.96
N MET A 1168 -6.85 -3.03 45.93
CA MET A 1168 -7.50 -1.89 45.34
C MET A 1168 -8.42 -1.21 46.34
N PRO A 1169 -8.35 0.12 46.48
CA PRO A 1169 -9.08 0.88 47.51
C PRO A 1169 -10.45 1.44 47.14
N PHE A 1170 -11.46 0.56 47.13
CA PHE A 1170 -12.85 0.98 46.94
C PHE A 1170 -13.00 1.80 45.65
N LEU A 1171 -12.82 1.10 44.55
CA LEU A 1171 -12.89 1.76 43.26
C LEU A 1171 -14.29 2.35 43.07
N PRO A 1172 -14.41 3.53 42.46
CA PRO A 1172 -15.73 4.12 42.30
C PRO A 1172 -16.60 3.25 41.42
N PRO A 1173 -17.90 3.25 41.65
CA PRO A 1173 -18.77 2.28 40.97
C PRO A 1173 -18.92 2.54 39.48
N SER A 1174 -18.15 3.48 38.94
CA SER A 1174 -18.31 3.88 37.55
C SER A 1174 -17.26 3.32 36.61
N MET A 1175 -16.20 2.69 37.11
CA MET A 1175 -15.18 2.15 36.22
C MET A 1175 -15.75 1.13 35.25
N THR A 1176 -15.30 1.22 34.01
CA THR A 1176 -15.69 0.32 32.94
C THR A 1176 -14.56 -0.62 32.54
N ILE A 1177 -13.37 -0.08 32.29
CA ILE A 1177 -12.21 -0.88 31.90
C ILE A 1177 -11.14 -0.73 32.98
N LEU A 1178 -10.60 -1.85 33.43
CA LEU A 1178 -9.59 -1.87 34.48
C LEU A 1178 -8.50 -2.85 34.07
N LYS A 1179 -7.26 -2.38 33.98
CA LYS A 1179 -6.14 -3.19 33.57
C LYS A 1179 -5.08 -3.16 34.66
N LEU A 1180 -4.69 -4.32 35.17
CA LEU A 1180 -3.84 -4.40 36.35
C LEU A 1180 -2.76 -5.46 36.20
N SER A 1181 -2.24 -5.65 34.99
CA SER A 1181 -1.32 -6.74 34.76
C SER A 1181 0.04 -6.48 35.41
N GLN A 1182 0.84 -7.55 35.50
CA GLN A 1182 2.20 -7.52 36.06
C GLN A 1182 2.27 -6.94 37.47
N ASN A 1183 1.26 -7.17 38.29
CA ASN A 1183 1.36 -6.82 39.70
C ASN A 1183 1.61 -8.07 40.54
N LYS A 1184 1.62 -7.89 41.85
CA LYS A 1184 1.85 -8.99 42.80
C LYS A 1184 0.60 -9.16 43.65
N PHE A 1185 -0.36 -9.93 43.15
CA PHE A 1185 -1.53 -10.30 43.90
C PHE A 1185 -1.41 -11.73 44.40
N SER A 1186 -2.43 -12.18 45.11
CA SER A 1186 -2.62 -13.61 45.38
C SER A 1186 -4.07 -14.03 45.21
N CYS A 1187 -4.98 -13.09 45.01
CA CYS A 1187 -6.39 -13.34 44.77
C CYS A 1187 -6.99 -12.02 44.32
N ILE A 1188 -8.00 -12.10 43.47
CA ILE A 1188 -8.66 -10.89 42.97
C ILE A 1188 -9.26 -10.15 44.16
N PRO A 1189 -8.77 -8.96 44.49
CA PRO A 1189 -9.31 -8.25 45.65
C PRO A 1189 -10.78 -7.94 45.46
N GLU A 1190 -11.55 -8.11 46.53
CA GLU A 1190 -13.00 -8.03 46.41
C GLU A 1190 -13.50 -6.65 46.02
N ALA A 1191 -12.64 -5.62 46.08
CA ALA A 1191 -13.00 -4.32 45.54
C ALA A 1191 -13.21 -4.35 44.03
N ILE A 1192 -12.75 -5.40 43.36
CA ILE A 1192 -12.99 -5.55 41.93
C ILE A 1192 -14.22 -6.40 41.64
N LEU A 1193 -14.51 -7.38 42.48
CA LEU A 1193 -15.60 -8.31 42.21
C LEU A 1193 -16.98 -7.68 42.27
N ASN A 1194 -17.10 -6.37 42.52
CA ASN A 1194 -18.40 -5.78 42.79
C ASN A 1194 -18.67 -4.50 42.02
N LEU A 1195 -17.80 -4.12 41.09
CA LEU A 1195 -18.03 -2.90 40.33
C LEU A 1195 -19.29 -3.05 39.49
N PRO A 1196 -20.30 -2.21 39.68
CA PRO A 1196 -21.61 -2.48 39.08
C PRO A 1196 -21.69 -2.24 37.59
N HIS A 1197 -20.60 -1.84 36.93
CA HIS A 1197 -20.65 -1.61 35.49
C HIS A 1197 -19.42 -2.12 34.78
N LEU A 1198 -18.53 -2.85 35.46
CA LEU A 1198 -17.23 -3.19 34.90
C LEU A 1198 -17.41 -4.01 33.62
N ARG A 1199 -16.51 -3.78 32.67
CA ARG A 1199 -16.63 -4.32 31.32
C ARG A 1199 -15.43 -5.16 30.90
N SER A 1200 -14.25 -4.91 31.45
CA SER A 1200 -13.05 -5.67 31.09
C SER A 1200 -12.10 -5.63 32.27
N LEU A 1201 -11.30 -6.68 32.40
CA LEU A 1201 -10.40 -6.80 33.54
C LEU A 1201 -9.22 -7.65 33.10
N ASP A 1202 -8.07 -7.02 32.94
CA ASP A 1202 -6.86 -7.70 32.47
C ASP A 1202 -5.90 -7.78 33.65
N MET A 1203 -5.64 -8.98 34.14
CA MET A 1203 -4.80 -9.20 35.30
C MET A 1203 -3.70 -10.20 34.98
N SER A 1204 -3.21 -10.18 33.74
CA SER A 1204 -2.18 -11.11 33.32
C SER A 1204 -0.92 -10.94 34.16
N SER A 1205 -0.08 -11.97 34.14
CA SER A 1205 1.22 -12.01 34.80
C SER A 1205 1.12 -11.83 36.31
N ASN A 1206 -0.08 -11.81 36.88
CA ASN A 1206 -0.20 -11.91 38.32
C ASN A 1206 0.08 -13.34 38.77
N ASP A 1207 0.38 -13.50 40.05
CA ASP A 1207 0.44 -14.81 40.66
C ASP A 1207 -0.78 -14.94 41.57
N ILE A 1208 -1.90 -15.33 40.98
CA ILE A 1208 -3.14 -15.51 41.71
C ILE A 1208 -3.45 -17.00 41.77
N GLN A 1209 -4.40 -17.36 42.64
CA GLN A 1209 -4.71 -18.76 42.90
C GLN A 1209 -6.12 -19.15 42.51
N TYR A 1210 -7.13 -18.39 42.97
CA TYR A 1210 -8.52 -18.76 42.80
C TYR A 1210 -9.23 -17.69 41.99
N LEU A 1211 -9.79 -18.08 40.85
CA LEU A 1211 -10.64 -17.21 40.06
C LEU A 1211 -12.08 -17.41 40.52
N PRO A 1212 -12.67 -16.43 41.20
CA PRO A 1212 -14.02 -16.62 41.74
C PRO A 1212 -15.02 -16.91 40.63
N GLY A 1213 -16.00 -17.75 40.97
CA GLY A 1213 -17.00 -18.16 40.02
C GLY A 1213 -17.90 -17.02 39.62
N PRO A 1214 -18.62 -17.17 38.51
CA PRO A 1214 -19.42 -16.06 37.98
C PRO A 1214 -20.54 -15.60 38.89
N ALA A 1215 -20.76 -16.23 40.04
CA ALA A 1215 -21.74 -15.75 41.00
C ALA A 1215 -21.14 -14.78 41.99
N HIS A 1216 -19.96 -14.24 41.70
CA HIS A 1216 -19.27 -13.33 42.60
C HIS A 1216 -18.95 -11.98 41.95
N TRP A 1217 -19.44 -11.73 40.74
CA TRP A 1217 -18.95 -10.60 39.97
C TRP A 1217 -19.93 -9.44 39.85
N LYS A 1218 -21.20 -9.63 40.18
CA LYS A 1218 -22.14 -8.54 40.43
C LYS A 1218 -22.30 -7.60 39.23
N SER A 1219 -21.82 -7.99 38.05
CA SER A 1219 -21.82 -7.10 36.90
C SER A 1219 -22.34 -7.86 35.68
N LEU A 1220 -23.33 -7.28 35.02
CA LEU A 1220 -24.02 -7.92 33.90
C LEU A 1220 -23.32 -7.74 32.56
N ASN A 1221 -22.14 -7.11 32.53
CA ASN A 1221 -21.58 -6.68 31.26
C ASN A 1221 -20.12 -7.09 31.10
N LEU A 1222 -19.71 -8.19 31.72
CA LEU A 1222 -18.35 -8.67 31.53
C LEU A 1222 -18.13 -9.10 30.08
N ARG A 1223 -17.15 -8.49 29.42
CA ARG A 1223 -16.80 -8.83 28.06
C ARG A 1223 -15.41 -9.42 27.92
N GLU A 1224 -14.41 -8.82 28.53
CA GLU A 1224 -13.04 -9.32 28.49
C GLU A 1224 -12.60 -9.73 29.89
N LEU A 1225 -12.01 -10.92 29.99
CA LEU A 1225 -11.46 -11.40 31.25
C LEU A 1225 -10.09 -11.99 30.93
N LEU A 1226 -9.06 -11.14 30.96
CA LEU A 1226 -7.70 -11.56 30.62
C LEU A 1226 -6.97 -11.97 31.90
N PHE A 1227 -6.57 -13.23 31.97
CA PHE A 1227 -5.99 -13.77 33.20
C PHE A 1227 -4.79 -14.65 32.92
N SER A 1228 -4.04 -14.37 31.87
CA SER A 1228 -2.95 -15.24 31.46
C SER A 1228 -1.82 -15.23 32.49
N HIS A 1229 -0.94 -16.21 32.38
CA HIS A 1229 0.31 -16.30 33.13
C HIS A 1229 0.11 -16.33 34.64
N ASN A 1230 -1.07 -16.71 35.10
CA ASN A 1230 -1.31 -16.86 36.52
C ASN A 1230 -1.03 -18.31 36.93
N GLN A 1231 -1.42 -18.67 38.15
CA GLN A 1231 -1.36 -20.05 38.64
C GLN A 1231 -2.77 -20.42 39.08
N ILE A 1232 -3.58 -20.82 38.12
CA ILE A 1232 -5.00 -21.07 38.35
C ILE A 1232 -5.24 -22.58 38.28
N SER A 1233 -5.96 -23.10 39.27
CA SER A 1233 -6.26 -24.53 39.31
C SER A 1233 -7.56 -24.85 38.60
N ILE A 1234 -8.65 -24.23 39.03
CA ILE A 1234 -9.97 -24.54 38.51
C ILE A 1234 -10.47 -23.35 37.70
N LEU A 1235 -11.46 -23.61 36.85
CA LEU A 1235 -12.04 -22.61 35.96
C LEU A 1235 -13.53 -22.53 36.26
N ASP A 1236 -13.86 -22.36 37.55
CA ASP A 1236 -15.20 -22.55 38.07
C ASP A 1236 -16.28 -21.92 37.21
N LEU A 1237 -17.13 -22.77 36.62
CA LEU A 1237 -18.27 -22.33 35.84
C LEU A 1237 -19.53 -23.11 36.20
N SER A 1238 -19.43 -24.07 37.12
CA SER A 1238 -20.58 -24.91 37.45
C SER A 1238 -21.67 -24.12 38.15
N GLU A 1239 -21.30 -23.10 38.94
CA GLU A 1239 -22.28 -22.41 39.77
C GLU A 1239 -23.36 -21.74 38.91
N LYS A 1240 -22.95 -20.78 38.08
CA LYS A 1240 -23.91 -20.05 37.25
C LYS A 1240 -23.17 -19.52 36.02
N ALA A 1241 -23.36 -20.19 34.89
CA ALA A 1241 -22.61 -19.85 33.68
C ALA A 1241 -23.26 -18.75 32.86
N TYR A 1242 -24.59 -18.68 32.82
CA TYR A 1242 -25.26 -17.72 31.95
C TYR A 1242 -25.06 -16.28 32.40
N LEU A 1243 -24.60 -16.07 33.64
CA LEU A 1243 -24.34 -14.71 34.11
C LEU A 1243 -23.15 -14.07 33.42
N TRP A 1244 -22.33 -14.86 32.72
CA TRP A 1244 -21.25 -14.36 31.88
C TRP A 1244 -21.56 -14.53 30.40
N SER A 1245 -22.84 -14.45 30.03
CA SER A 1245 -23.25 -14.79 28.67
C SER A 1245 -22.65 -13.85 27.62
N ARG A 1246 -22.13 -12.70 28.02
CA ARG A 1246 -21.59 -11.74 27.05
C ARG A 1246 -20.09 -11.82 26.90
N VAL A 1247 -19.40 -12.56 27.77
CA VAL A 1247 -17.95 -12.60 27.77
C VAL A 1247 -17.43 -12.92 26.38
N GLU A 1248 -16.49 -12.12 25.90
CA GLU A 1248 -15.99 -12.24 24.53
C GLU A 1248 -14.51 -12.54 24.44
N LYS A 1249 -13.75 -12.40 25.53
CA LYS A 1249 -12.33 -12.71 25.52
C LYS A 1249 -11.97 -13.32 26.85
N LEU A 1250 -11.31 -14.48 26.82
CA LEU A 1250 -11.00 -15.23 28.03
C LEU A 1250 -9.63 -15.87 27.83
N HIS A 1251 -8.58 -15.18 28.29
CA HIS A 1251 -7.21 -15.61 28.09
C HIS A 1251 -6.70 -16.28 29.37
N LEU A 1252 -6.48 -17.59 29.29
CA LEU A 1252 -6.01 -18.38 30.43
C LEU A 1252 -4.70 -19.11 30.16
N SER A 1253 -3.92 -18.67 29.17
CA SER A 1253 -2.70 -19.38 28.84
C SER A 1253 -1.73 -19.38 30.02
N HIS A 1254 -0.79 -20.33 29.97
CA HIS A 1254 0.27 -20.44 30.98
C HIS A 1254 -0.28 -20.65 32.38
N ASN A 1255 -1.25 -21.55 32.51
CA ASN A 1255 -1.85 -21.83 33.80
C ASN A 1255 -1.84 -23.33 34.09
N LYS A 1256 -1.99 -23.66 35.36
CA LYS A 1256 -2.07 -25.05 35.81
C LYS A 1256 -3.50 -25.58 35.75
N LEU A 1257 -4.12 -25.46 34.58
CA LEU A 1257 -5.47 -25.97 34.39
C LEU A 1257 -5.43 -27.49 34.29
N LYS A 1258 -6.56 -28.11 34.61
CA LYS A 1258 -6.70 -29.56 34.55
C LYS A 1258 -7.67 -30.00 33.47
N GLU A 1259 -8.89 -29.48 33.47
CA GLU A 1259 -9.83 -29.74 32.39
C GLU A 1259 -10.78 -28.55 32.27
N ILE A 1260 -11.40 -28.43 31.11
CA ILE A 1260 -12.37 -27.37 30.86
C ILE A 1260 -13.75 -27.86 31.26
N PRO A 1261 -14.39 -27.25 32.25
CA PRO A 1261 -15.72 -27.70 32.66
C PRO A 1261 -16.71 -27.54 31.53
N PRO A 1262 -17.66 -28.48 31.40
CA PRO A 1262 -18.63 -28.39 30.29
C PRO A 1262 -19.50 -27.15 30.34
N GLU A 1263 -19.62 -26.50 31.51
CA GLU A 1263 -20.44 -25.31 31.62
C GLU A 1263 -19.93 -24.16 30.75
N ILE A 1264 -18.75 -24.30 30.15
CA ILE A 1264 -18.26 -23.32 29.20
C ILE A 1264 -19.12 -23.27 27.95
N GLY A 1265 -19.95 -24.28 27.72
CA GLY A 1265 -20.80 -24.27 26.54
C GLY A 1265 -21.91 -23.24 26.56
N CYS A 1266 -22.09 -22.52 27.66
CA CYS A 1266 -23.15 -21.53 27.76
C CYS A 1266 -22.70 -20.14 27.36
N LEU A 1267 -21.40 -19.84 27.41
CA LEU A 1267 -20.91 -18.52 27.03
C LEU A 1267 -20.95 -18.35 25.52
N GLU A 1268 -22.16 -18.25 24.96
CA GLU A 1268 -22.31 -18.24 23.50
C GLU A 1268 -21.54 -17.08 22.89
N ASN A 1269 -21.52 -15.93 23.55
CA ASN A 1269 -20.82 -14.79 22.98
C ASN A 1269 -19.33 -14.90 23.08
N LEU A 1270 -18.75 -16.05 23.43
CA LEU A 1270 -17.30 -16.18 23.46
C LEU A 1270 -16.74 -16.00 22.06
N THR A 1271 -15.64 -15.27 21.97
CA THR A 1271 -15.01 -14.99 20.69
C THR A 1271 -13.58 -15.51 20.61
N SER A 1272 -12.76 -15.26 21.61
CA SER A 1272 -11.34 -15.63 21.58
C SER A 1272 -10.98 -16.32 22.89
N LEU A 1273 -11.17 -17.63 22.94
CA LEU A 1273 -10.72 -18.40 24.09
C LEU A 1273 -9.25 -18.74 23.93
N ASP A 1274 -8.56 -18.90 25.05
CA ASP A 1274 -7.13 -19.19 25.02
C ASP A 1274 -6.76 -20.00 26.26
N VAL A 1275 -6.44 -21.27 26.06
CA VAL A 1275 -6.07 -22.16 27.15
C VAL A 1275 -4.76 -22.83 26.81
N SER A 1276 -4.00 -22.24 25.89
CA SER A 1276 -2.76 -22.84 25.44
C SER A 1276 -1.72 -22.86 26.57
N TYR A 1277 -0.61 -23.54 26.29
CA TYR A 1277 0.55 -23.59 27.19
C TYR A 1277 0.21 -24.18 28.56
N ASN A 1278 -0.90 -24.89 28.70
CA ASN A 1278 -1.26 -25.44 30.01
C ASN A 1278 -0.59 -26.77 30.30
N LEU A 1279 -0.33 -27.57 29.27
CA LEU A 1279 0.42 -28.82 29.38
C LEU A 1279 -0.29 -29.85 30.25
N GLU A 1280 -1.47 -29.52 30.76
CA GLU A 1280 -2.18 -30.42 31.67
C GLU A 1280 -3.68 -30.41 31.38
N LEU A 1281 -4.08 -30.06 30.17
CA LEU A 1281 -5.50 -29.97 29.85
C LEU A 1281 -6.01 -31.27 29.24
N ARG A 1282 -5.40 -31.70 28.12
CA ARG A 1282 -5.50 -33.05 27.60
C ARG A 1282 -6.86 -33.41 26.99
N SER A 1283 -7.84 -32.53 27.08
CA SER A 1283 -9.16 -32.86 26.58
C SER A 1283 -9.98 -31.60 26.37
N PHE A 1284 -10.83 -31.62 25.36
CA PHE A 1284 -11.83 -30.60 25.16
C PHE A 1284 -13.23 -31.17 25.36
N PRO A 1285 -14.07 -30.53 26.15
CA PRO A 1285 -15.44 -31.02 26.32
C PRO A 1285 -16.27 -30.80 25.07
N ASN A 1286 -17.19 -31.72 24.81
CA ASN A 1286 -18.03 -31.65 23.62
C ASN A 1286 -18.96 -30.44 23.63
N GLU A 1287 -19.10 -29.76 24.78
CA GLU A 1287 -20.01 -28.62 24.86
C GLU A 1287 -19.54 -27.47 23.99
N MET A 1288 -18.23 -27.24 23.91
CA MET A 1288 -17.70 -26.07 23.22
C MET A 1288 -18.12 -26.00 21.76
N GLY A 1289 -18.74 -27.04 21.22
CA GLY A 1289 -19.27 -26.98 19.88
C GLY A 1289 -20.42 -25.99 19.71
N LYS A 1290 -20.97 -25.47 20.80
CA LYS A 1290 -22.03 -24.49 20.73
C LYS A 1290 -21.52 -23.06 20.66
N LEU A 1291 -20.21 -22.85 20.80
CA LEU A 1291 -19.63 -21.50 20.78
C LEU A 1291 -19.16 -21.17 19.36
N SER A 1292 -20.14 -21.03 18.47
CA SER A 1292 -19.85 -20.83 17.05
C SER A 1292 -19.19 -19.48 16.78
N LYS A 1293 -19.19 -18.56 17.72
CA LYS A 1293 -18.61 -17.24 17.49
C LYS A 1293 -17.08 -17.24 17.55
N ILE A 1294 -16.47 -18.32 18.05
CA ILE A 1294 -15.02 -18.35 18.21
C ILE A 1294 -14.36 -18.31 16.83
N TRP A 1295 -13.47 -17.35 16.63
CA TRP A 1295 -12.69 -17.28 15.40
C TRP A 1295 -11.21 -17.56 15.59
N ASP A 1296 -10.73 -17.64 16.83
CA ASP A 1296 -9.38 -18.13 17.07
C ASP A 1296 -9.34 -18.86 18.40
N LEU A 1297 -8.44 -19.82 18.50
CA LEU A 1297 -8.36 -20.72 19.64
C LEU A 1297 -6.98 -21.38 19.64
N PRO A 1298 -5.96 -20.67 20.12
CA PRO A 1298 -4.59 -21.21 20.04
C PRO A 1298 -4.46 -22.54 20.75
N LEU A 1299 -3.71 -23.44 20.13
CA LEU A 1299 -3.47 -24.78 20.66
C LEU A 1299 -1.99 -25.06 20.83
N ASP A 1300 -1.22 -24.06 21.22
CA ASP A 1300 0.23 -24.21 21.30
C ASP A 1300 0.64 -24.90 22.59
N GLU A 1301 1.44 -25.97 22.44
CA GLU A 1301 1.98 -26.75 23.57
C GLU A 1301 0.88 -27.34 24.46
N LEU A 1302 -0.11 -27.98 23.86
CA LEU A 1302 -0.96 -28.90 24.61
C LEU A 1302 -1.40 -30.02 23.68
N HIS A 1303 -1.65 -31.18 24.27
CA HIS A 1303 -2.00 -32.39 23.54
C HIS A 1303 -3.45 -32.74 23.81
N LEU A 1304 -4.15 -33.15 22.77
CA LEU A 1304 -5.57 -33.48 22.85
C LEU A 1304 -5.79 -34.93 22.42
N ASN A 1305 -7.05 -35.32 22.33
CA ASN A 1305 -7.42 -36.67 21.91
C ASN A 1305 -7.53 -36.80 20.40
N PHE A 1306 -6.96 -35.87 19.65
CA PHE A 1306 -6.99 -35.94 18.19
C PHE A 1306 -5.81 -35.16 17.63
N ASP A 1307 -5.45 -35.50 16.40
CA ASP A 1307 -4.39 -34.80 15.68
C ASP A 1307 -4.97 -33.59 14.97
N PHE A 1308 -4.43 -32.42 15.25
CA PHE A 1308 -4.91 -31.15 14.71
C PHE A 1308 -3.87 -30.57 13.76
N LYS A 1309 -4.22 -29.42 13.18
CA LYS A 1309 -3.35 -28.67 12.27
C LYS A 1309 -2.84 -29.56 11.12
N HIS A 1310 -3.79 -30.11 10.35
CA HIS A 1310 -3.38 -30.93 9.21
C HIS A 1310 -3.03 -30.04 8.02
N ILE A 1311 -4.04 -29.42 7.42
CA ILE A 1311 -3.88 -28.23 6.59
C ILE A 1311 -5.00 -27.30 7.03
N GLY A 1312 -6.01 -27.87 7.68
CA GLY A 1312 -7.13 -27.12 8.19
C GLY A 1312 -7.02 -26.94 9.69
N CYS A 1313 -8.09 -27.24 10.42
CA CYS A 1313 -8.16 -27.02 11.86
C CYS A 1313 -7.71 -25.61 12.20
N LYS A 1314 -8.47 -24.65 11.66
CA LYS A 1314 -8.13 -23.23 11.75
C LYS A 1314 -8.67 -22.58 13.00
N ALA A 1315 -8.83 -23.36 14.08
CA ALA A 1315 -9.44 -22.97 15.34
C ALA A 1315 -10.93 -22.71 15.20
N LYS A 1316 -11.51 -22.88 14.01
CA LYS A 1316 -12.94 -22.80 13.81
C LYS A 1316 -13.54 -24.13 13.38
N ASP A 1317 -12.87 -24.87 12.49
CA ASP A 1317 -13.31 -26.23 12.18
C ASP A 1317 -13.30 -27.11 13.41
N ILE A 1318 -12.43 -26.81 14.38
CA ILE A 1318 -12.41 -27.55 15.63
C ILE A 1318 -13.75 -27.45 16.32
N ILE A 1319 -14.41 -26.29 16.23
CA ILE A 1319 -15.73 -26.15 16.81
C ILE A 1319 -16.74 -27.05 16.10
N ARG A 1320 -16.64 -27.14 14.77
CA ARG A 1320 -17.50 -28.06 14.04
C ARG A 1320 -17.27 -29.49 14.49
N PHE A 1321 -16.01 -29.88 14.68
CA PHE A 1321 -15.70 -31.23 15.14
C PHE A 1321 -16.29 -31.47 16.53
N LEU A 1322 -16.10 -30.52 17.44
CA LEU A 1322 -16.58 -30.68 18.80
C LEU A 1322 -18.10 -30.63 18.89
N GLN A 1323 -18.76 -30.08 17.88
CA GLN A 1323 -20.22 -30.09 17.84
C GLN A 1323 -20.76 -31.38 17.23
N GLN A 1324 -20.12 -31.87 16.17
CA GLN A 1324 -20.53 -33.14 15.58
C GLN A 1324 -20.28 -34.29 16.55
N ARG A 1325 -19.18 -34.22 17.31
CA ARG A 1325 -18.95 -35.21 18.36
C ARG A 1325 -19.97 -35.07 19.49
N LEU A 1326 -20.55 -33.88 19.67
CA LEU A 1326 -21.68 -33.75 20.57
C LEU A 1326 -22.93 -34.41 20.01
N LYS A 1327 -23.10 -34.39 18.68
CA LYS A 1327 -24.24 -35.06 18.06
C LYS A 1327 -24.26 -36.55 18.42
N LYS A 1328 -23.23 -37.29 18.00
CA LYS A 1328 -23.11 -38.69 18.38
C LYS A 1328 -21.63 -39.06 18.35
N ALA A 1329 -21.08 -39.38 19.52
CA ALA A 1329 -19.69 -39.77 19.66
C ALA A 1329 -19.60 -41.28 19.84
N VAL A 1330 -18.90 -41.94 18.92
CA VAL A 1330 -18.72 -43.39 19.00
C VAL A 1330 -17.23 -43.70 19.08
N PRO A 1331 -16.84 -44.77 19.75
CA PRO A 1331 -15.44 -45.20 19.70
C PRO A 1331 -15.09 -45.72 18.32
N TYR A 1332 -13.91 -45.31 17.83
CA TYR A 1332 -13.45 -45.70 16.51
C TYR A 1332 -12.39 -46.78 16.66
N ASN A 1333 -12.68 -47.97 16.14
CA ASN A 1333 -11.75 -49.09 16.19
C ASN A 1333 -11.23 -49.32 14.77
N ARG A 1334 -10.07 -48.73 14.48
CA ARG A 1334 -9.35 -48.96 13.23
C ARG A 1334 -7.92 -48.48 13.37
N MET A 1335 -6.96 -49.33 13.03
CA MET A 1335 -5.55 -49.07 13.30
C MET A 1335 -4.73 -49.45 12.08
N LYS A 1336 -3.46 -49.06 12.09
CA LYS A 1336 -2.55 -49.33 11.00
C LYS A 1336 -1.41 -50.21 11.49
N LEU A 1337 -1.19 -51.33 10.80
CA LEU A 1337 -0.13 -52.28 11.14
C LEU A 1337 0.74 -52.42 9.89
N MET A 1338 1.78 -51.60 9.80
CA MET A 1338 2.62 -51.56 8.61
C MET A 1338 3.73 -52.59 8.76
N ILE A 1339 3.50 -53.79 8.21
CA ILE A 1339 4.56 -54.77 8.17
C ILE A 1339 5.70 -54.25 7.31
N VAL A 1340 6.94 -54.51 7.75
CA VAL A 1340 8.12 -54.03 7.06
C VAL A 1340 9.16 -55.14 7.02
N GLY A 1341 9.73 -55.38 5.85
CA GLY A 1341 10.77 -56.38 5.70
C GLY A 1341 11.91 -55.90 4.82
N ASN A 1342 12.72 -56.83 4.33
CA ASN A 1342 13.84 -56.47 3.46
C ASN A 1342 14.20 -57.61 2.50
N THR A 1343 13.64 -57.54 1.30
CA THR A 1343 14.03 -58.32 0.13
C THR A 1343 13.69 -59.80 0.26
N GLY A 1344 13.31 -60.23 1.45
CA GLY A 1344 12.78 -61.56 1.61
C GLY A 1344 12.72 -61.94 3.08
N SER A 1345 11.58 -62.45 3.50
CA SER A 1345 11.36 -62.82 4.89
C SER A 1345 9.97 -63.41 5.06
N GLY A 1346 9.61 -63.74 6.30
CA GLY A 1346 8.24 -64.07 6.58
C GLY A 1346 7.39 -62.81 6.65
N LYS A 1347 7.06 -62.23 5.49
CA LYS A 1347 6.12 -61.12 5.45
C LYS A 1347 4.78 -61.51 4.86
N THR A 1348 4.75 -61.95 3.60
CA THR A 1348 3.48 -62.38 3.02
C THR A 1348 3.07 -63.74 3.55
N THR A 1349 4.01 -64.67 3.66
CA THR A 1349 3.74 -65.99 4.20
C THR A 1349 3.56 -65.94 5.71
N LEU A 1350 3.83 -64.81 6.33
CA LEU A 1350 3.47 -64.56 7.72
C LEU A 1350 2.21 -63.71 7.86
N LEU A 1351 1.93 -62.83 6.90
CA LEU A 1351 0.63 -62.18 6.84
C LEU A 1351 -0.46 -63.16 6.45
N GLN A 1352 -0.20 -64.00 5.45
CA GLN A 1352 -1.18 -65.01 5.09
C GLN A 1352 -1.25 -66.14 6.10
N GLN A 1353 -0.53 -66.02 7.22
CA GLN A 1353 -0.72 -66.90 8.37
C GLN A 1353 -1.29 -66.19 9.58
N LEU A 1354 -1.03 -64.90 9.74
CA LEU A 1354 -1.69 -64.13 10.80
C LEU A 1354 -3.19 -64.07 10.54
N MET A 1355 -3.58 -63.67 9.35
CA MET A 1355 -4.99 -63.57 9.00
C MET A 1355 -5.68 -64.92 8.95
N LYS A 1356 -4.95 -66.01 9.21
CA LYS A 1356 -5.51 -67.36 9.20
C LYS A 1356 -6.14 -67.70 7.85
N THR A 1357 -5.63 -67.09 6.79
CA THR A 1357 -6.19 -67.30 5.45
C THR A 1357 -5.92 -68.72 5.01
N LYS A 1358 -6.96 -69.55 4.98
CA LYS A 1358 -6.78 -70.97 4.68
C LYS A 1358 -6.35 -71.19 3.24
N LYS A 1359 -6.82 -70.35 2.30
CA LYS A 1359 -6.67 -70.67 0.89
C LYS A 1359 -5.24 -70.49 0.40
N SER A 1360 -4.73 -69.26 0.42
CA SER A 1360 -3.45 -68.93 -0.24
C SER A 1360 -3.33 -69.65 -1.57
N ASP A 1361 -4.38 -69.50 -2.39
CA ASP A 1361 -4.58 -70.38 -3.55
C ASP A 1361 -3.38 -70.43 -4.47
N LEU A 1362 -2.62 -69.33 -4.57
CA LEU A 1362 -1.38 -69.34 -5.32
C LEU A 1362 -0.37 -70.23 -4.62
N GLY A 1363 -0.07 -71.39 -5.21
CA GLY A 1363 0.85 -72.33 -4.59
C GLY A 1363 2.23 -71.77 -4.33
N MET A 1364 2.66 -70.77 -5.10
CA MET A 1364 3.93 -70.09 -4.89
C MET A 1364 3.71 -68.61 -5.22
N GLN A 1365 3.40 -67.82 -4.20
CA GLN A 1365 3.28 -66.38 -4.40
C GLN A 1365 4.65 -65.77 -4.61
N SER A 1366 4.70 -64.75 -5.45
CA SER A 1366 5.96 -64.16 -5.89
C SER A 1366 6.23 -62.89 -5.11
N ALA A 1367 7.37 -62.27 -5.42
CA ALA A 1367 7.81 -61.09 -4.70
C ALA A 1367 6.75 -59.99 -4.78
N THR A 1368 6.72 -59.17 -3.73
CA THR A 1368 5.68 -58.15 -3.60
C THR A 1368 5.96 -56.98 -4.52
N VAL A 1369 4.90 -56.44 -5.10
CA VAL A 1369 4.93 -55.18 -5.82
C VAL A 1369 4.26 -54.14 -4.94
N GLY A 1370 4.85 -52.95 -4.87
CA GLY A 1370 4.25 -51.90 -4.07
C GLY A 1370 4.09 -52.30 -2.62
N ILE A 1371 2.92 -52.03 -2.06
CA ILE A 1371 2.70 -52.25 -0.64
C ILE A 1371 1.57 -53.24 -0.35
N ASP A 1372 0.65 -53.46 -1.28
CA ASP A 1372 -0.37 -54.51 -1.17
C ASP A 1372 -1.14 -54.40 0.16
N VAL A 1373 -1.90 -53.31 0.28
CA VAL A 1373 -2.76 -53.16 1.44
C VAL A 1373 -3.79 -54.26 1.47
N LYS A 1374 -3.97 -54.87 2.64
CA LYS A 1374 -5.11 -55.72 2.92
C LYS A 1374 -5.73 -55.24 4.22
N ASP A 1375 -6.96 -55.64 4.45
CA ASP A 1375 -7.63 -55.37 5.71
C ASP A 1375 -8.27 -56.64 6.23
N TRP A 1376 -8.26 -56.79 7.55
CA TRP A 1376 -8.76 -58.01 8.18
C TRP A 1376 -9.37 -57.66 9.53
N PRO A 1377 -10.66 -57.93 9.72
CA PRO A 1377 -11.29 -57.63 11.01
C PRO A 1377 -10.92 -58.67 12.04
N ILE A 1378 -10.91 -58.24 13.30
CA ILE A 1378 -10.63 -59.10 14.43
C ILE A 1378 -11.69 -58.79 15.48
N GLN A 1379 -12.75 -59.59 15.51
CA GLN A 1379 -13.67 -59.60 16.64
C GLN A 1379 -13.03 -60.46 17.71
N ILE A 1380 -12.34 -59.81 18.65
CA ILE A 1380 -11.64 -60.53 19.70
C ILE A 1380 -12.67 -61.23 20.58
N ARG A 1381 -12.70 -62.56 20.51
CA ARG A 1381 -13.74 -63.35 21.17
C ARG A 1381 -13.50 -63.37 22.67
N ASP A 1382 -13.69 -62.22 23.31
CA ASP A 1382 -13.39 -62.06 24.73
C ASP A 1382 -14.43 -61.12 25.33
N LYS A 1383 -14.17 -60.70 26.57
CA LYS A 1383 -15.07 -59.77 27.24
C LYS A 1383 -15.13 -58.43 26.53
N ARG A 1384 -14.02 -58.00 25.94
CA ARG A 1384 -14.01 -56.77 25.14
C ARG A 1384 -14.50 -57.12 23.74
N LYS A 1385 -15.75 -56.76 23.44
CA LYS A 1385 -16.34 -57.04 22.15
C LYS A 1385 -15.90 -56.09 21.06
N ARG A 1386 -14.87 -55.27 21.32
CA ARG A 1386 -14.39 -54.32 20.33
C ARG A 1386 -13.79 -55.08 19.15
N ASP A 1387 -14.51 -55.09 18.03
CA ASP A 1387 -14.06 -55.77 16.82
C ASP A 1387 -13.12 -54.84 16.07
N LEU A 1388 -11.85 -54.89 16.47
CA LEU A 1388 -10.88 -53.95 15.90
C LEU A 1388 -10.50 -54.37 14.49
N VAL A 1389 -10.34 -53.38 13.62
CA VAL A 1389 -9.98 -53.61 12.23
C VAL A 1389 -8.70 -52.83 11.95
N LEU A 1390 -7.57 -53.53 11.97
CA LEU A 1390 -6.28 -52.94 11.65
C LEU A 1390 -5.85 -53.41 10.27
N ASN A 1391 -5.46 -52.48 9.42
CA ASN A 1391 -5.17 -52.77 8.02
C ASN A 1391 -3.68 -52.99 7.84
N VAL A 1392 -3.33 -54.10 7.25
CA VAL A 1392 -1.94 -54.48 7.06
C VAL A 1392 -1.45 -53.94 5.73
N TRP A 1393 -0.22 -53.40 5.71
CA TRP A 1393 0.38 -52.91 4.47
C TRP A 1393 1.74 -53.59 4.39
N ASP A 1394 1.79 -54.80 3.83
CA ASP A 1394 3.05 -55.54 3.82
C ASP A 1394 4.01 -54.94 2.82
N PHE A 1395 4.85 -54.00 3.29
CA PHE A 1395 5.64 -53.15 2.43
C PHE A 1395 6.58 -53.96 1.55
N ALA A 1396 7.10 -53.29 0.53
CA ALA A 1396 7.94 -53.96 -0.46
C ALA A 1396 9.28 -54.33 0.13
N GLY A 1397 9.70 -55.56 -0.13
CA GLY A 1397 10.99 -56.01 0.36
C GLY A 1397 12.14 -55.53 -0.49
N ARG A 1398 12.04 -55.76 -1.80
CA ARG A 1398 13.14 -55.44 -2.70
C ARG A 1398 13.48 -53.96 -2.67
N GLU A 1399 14.78 -53.65 -2.79
CA GLU A 1399 15.26 -52.29 -2.65
C GLU A 1399 14.74 -51.36 -3.74
N GLU A 1400 14.18 -51.89 -4.83
CA GLU A 1400 13.80 -51.04 -5.95
C GLU A 1400 12.67 -50.09 -5.61
N PHE A 1401 11.78 -50.51 -4.71
CA PHE A 1401 10.59 -49.71 -4.37
C PHE A 1401 10.86 -48.68 -3.28
N TYR A 1402 12.08 -48.60 -2.79
CA TYR A 1402 12.50 -47.83 -1.62
C TYR A 1402 12.39 -46.33 -1.80
N SER A 1403 11.79 -45.79 -2.85
CA SER A 1403 11.69 -44.35 -2.98
C SER A 1403 10.35 -43.78 -2.52
N THR A 1404 9.31 -44.60 -2.43
CA THR A 1404 7.97 -44.11 -2.12
C THR A 1404 7.50 -44.42 -0.71
N HIS A 1405 8.13 -45.38 -0.03
CA HIS A 1405 7.63 -45.86 1.25
C HIS A 1405 7.40 -44.76 2.29
N PRO A 1406 8.26 -43.75 2.46
CA PRO A 1406 8.00 -42.74 3.49
C PRO A 1406 6.68 -41.98 3.33
N HIS A 1407 5.96 -42.22 2.23
CA HIS A 1407 4.60 -41.68 2.10
C HIS A 1407 3.57 -42.50 2.86
N PHE A 1408 3.84 -43.79 3.08
CA PHE A 1408 2.88 -44.68 3.71
C PHE A 1408 3.29 -45.05 5.12
N MET A 1409 4.15 -44.24 5.74
CA MET A 1409 4.57 -44.44 7.13
C MET A 1409 4.09 -43.23 7.93
N THR A 1410 2.86 -43.32 8.43
CA THR A 1410 2.35 -42.27 9.29
C THR A 1410 2.82 -42.49 10.72
N GLN A 1411 2.43 -41.57 11.61
CA GLN A 1411 2.87 -41.63 13.00
C GLN A 1411 1.98 -42.52 13.86
N ARG A 1412 0.79 -42.85 13.39
CA ARG A 1412 -0.16 -43.67 14.15
C ARG A 1412 -0.14 -45.08 13.56
N ALA A 1413 0.66 -45.96 14.13
CA ALA A 1413 0.79 -47.31 13.58
C ALA A 1413 1.36 -48.24 14.64
N LEU A 1414 1.58 -49.49 14.23
CA LEU A 1414 2.25 -50.50 15.05
C LEU A 1414 3.06 -51.35 14.07
N TYR A 1415 4.34 -51.03 13.92
CA TYR A 1415 5.14 -51.63 12.88
C TYR A 1415 5.65 -53.00 13.31
N LEU A 1416 5.67 -53.93 12.36
CA LEU A 1416 6.44 -55.15 12.56
C LEU A 1416 7.78 -55.03 11.86
N ALA A 1417 8.59 -56.07 12.00
CA ALA A 1417 9.81 -56.22 11.22
C ALA A 1417 10.18 -57.70 11.26
N VAL A 1418 10.89 -58.17 10.25
CA VAL A 1418 11.11 -59.59 10.07
C VAL A 1418 12.53 -59.86 9.62
N TYR A 1419 13.04 -61.03 9.99
CA TYR A 1419 14.45 -61.39 9.81
C TYR A 1419 14.71 -62.19 8.54
N ASP A 1420 14.04 -63.34 8.40
CA ASP A 1420 14.58 -64.48 7.66
C ASP A 1420 15.86 -64.98 8.33
N LEU A 1421 15.66 -65.53 9.53
CA LEU A 1421 16.71 -65.92 10.46
C LEU A 1421 17.72 -66.90 9.87
N SER A 1422 17.49 -67.38 8.65
CA SER A 1422 18.48 -68.20 7.98
C SER A 1422 19.85 -67.52 7.99
N LYS A 1423 19.89 -66.23 7.63
CA LYS A 1423 21.11 -65.45 7.73
C LYS A 1423 21.17 -64.75 9.10
N GLY A 1424 21.01 -65.55 10.14
CA GLY A 1424 20.99 -64.99 11.48
C GLY A 1424 22.31 -64.35 11.84
N GLN A 1425 22.23 -63.25 12.60
CA GLN A 1425 23.36 -62.45 13.09
C GLN A 1425 24.09 -61.74 11.97
N ALA A 1426 23.71 -61.94 10.71
CA ALA A 1426 24.23 -61.21 9.58
C ALA A 1426 23.15 -60.45 8.83
N GLU A 1427 21.99 -61.07 8.61
CA GLU A 1427 20.83 -60.34 8.13
C GLU A 1427 20.34 -59.33 9.16
N VAL A 1428 20.39 -59.71 10.44
CA VAL A 1428 19.97 -58.81 11.51
C VAL A 1428 20.76 -57.52 11.49
N ASP A 1429 22.00 -57.55 10.98
CA ASP A 1429 22.73 -56.31 10.78
C ASP A 1429 22.12 -55.49 9.65
N ALA A 1430 21.87 -56.14 8.51
CA ALA A 1430 21.38 -55.44 7.33
C ALA A 1430 19.96 -54.93 7.48
N MET A 1431 19.28 -55.31 8.56
CA MET A 1431 17.95 -54.79 8.86
C MET A 1431 18.03 -53.44 9.57
N LYS A 1432 19.21 -53.03 10.01
CA LYS A 1432 19.36 -51.77 10.74
C LYS A 1432 18.75 -50.57 10.04
N PRO A 1433 18.92 -50.35 8.72
CA PRO A 1433 18.32 -49.14 8.12
C PRO A 1433 16.82 -49.05 8.35
N TRP A 1434 16.11 -50.17 8.21
CA TRP A 1434 14.66 -50.14 8.32
C TRP A 1434 14.21 -49.56 9.66
N LEU A 1435 14.69 -50.14 10.75
CA LEU A 1435 14.38 -49.60 12.07
C LEU A 1435 14.71 -48.11 12.13
N PHE A 1436 15.85 -47.72 11.55
CA PHE A 1436 16.22 -46.32 11.58
C PHE A 1436 15.13 -45.46 10.94
N ASN A 1437 14.64 -45.87 9.77
CA ASN A 1437 13.60 -45.09 9.12
C ASN A 1437 12.35 -45.02 9.99
N ILE A 1438 12.07 -46.09 10.74
CA ILE A 1438 10.92 -46.06 11.63
C ILE A 1438 11.12 -45.02 12.71
N LYS A 1439 12.37 -44.85 13.17
CA LYS A 1439 12.67 -43.78 14.11
C LYS A 1439 12.69 -42.41 13.43
N ALA A 1440 12.89 -42.38 12.12
CA ALA A 1440 12.92 -41.10 11.42
C ALA A 1440 11.51 -40.54 11.23
N ARG A 1441 10.58 -41.37 10.77
CA ARG A 1441 9.23 -40.92 10.49
C ARG A 1441 8.41 -40.78 11.76
N ALA A 1442 8.20 -41.88 12.46
CA ALA A 1442 7.30 -41.95 13.61
C ALA A 1442 8.10 -42.27 14.86
N SER A 1443 8.50 -41.23 15.59
CA SER A 1443 9.33 -41.41 16.78
C SER A 1443 8.60 -42.23 17.84
N SER A 1444 7.31 -41.96 18.05
CA SER A 1444 6.55 -42.55 19.14
C SER A 1444 5.68 -43.69 18.66
N SER A 1445 6.19 -44.50 17.75
CA SER A 1445 5.48 -45.64 17.23
C SER A 1445 6.13 -46.93 17.71
N PRO A 1446 5.34 -47.93 18.06
CA PRO A 1446 5.90 -49.18 18.57
C PRO A 1446 6.32 -50.10 17.43
N VAL A 1447 7.32 -50.92 17.72
CA VAL A 1447 7.88 -51.85 16.76
C VAL A 1447 7.90 -53.23 17.40
N ILE A 1448 7.69 -54.25 16.57
CA ILE A 1448 7.69 -55.64 17.03
C ILE A 1448 8.57 -56.44 16.08
N LEU A 1449 9.67 -56.97 16.60
CA LEU A 1449 10.50 -57.85 15.81
C LEU A 1449 9.88 -59.23 15.78
N VAL A 1450 10.01 -59.92 14.65
CA VAL A 1450 9.43 -61.25 14.51
C VAL A 1450 10.40 -62.13 13.74
N GLY A 1451 11.02 -63.09 14.42
CA GLY A 1451 11.75 -64.12 13.71
C GLY A 1451 10.82 -64.94 12.84
N THR A 1452 11.36 -65.45 11.74
CA THR A 1452 10.52 -66.08 10.73
C THR A 1452 10.98 -67.47 10.35
N HIS A 1453 11.83 -68.10 11.15
CA HIS A 1453 12.44 -69.36 10.70
C HIS A 1453 12.91 -70.17 11.90
N LEU A 1454 12.32 -71.34 12.07
CA LEU A 1454 12.85 -72.34 12.98
C LEU A 1454 13.03 -73.64 12.21
N ASP A 1455 12.22 -73.83 11.16
CA ASP A 1455 12.38 -74.99 10.31
C ASP A 1455 13.66 -74.93 9.49
N VAL A 1456 14.09 -73.72 9.12
CA VAL A 1456 15.38 -73.53 8.46
C VAL A 1456 16.40 -73.28 9.57
N SER A 1457 16.93 -74.38 10.11
CA SER A 1457 17.87 -74.36 11.22
C SER A 1457 17.31 -73.58 12.40
N LYS A 1463 21.67 -71.10 15.48
CA LYS A 1463 21.82 -69.69 15.14
C LYS A 1463 20.76 -68.85 15.85
N ALA A 1464 20.00 -69.49 16.72
CA ALA A 1464 18.94 -68.82 17.46
C ALA A 1464 19.47 -67.87 18.53
N CYS A 1465 20.78 -67.70 18.63
CA CYS A 1465 21.39 -66.74 19.54
C CYS A 1465 21.26 -65.31 19.06
N MET A 1466 20.45 -65.09 18.01
CA MET A 1466 20.22 -63.73 17.53
C MET A 1466 19.66 -62.82 18.61
N SER A 1467 18.90 -63.39 19.56
CA SER A 1467 18.38 -62.59 20.66
C SER A 1467 19.49 -61.87 21.42
N LYS A 1468 20.71 -62.40 21.36
CA LYS A 1468 21.86 -61.68 21.88
C LYS A 1468 22.01 -60.32 21.20
N ILE A 1469 22.24 -60.32 19.89
CA ILE A 1469 22.60 -59.09 19.20
C ILE A 1469 21.46 -58.08 19.24
N THR A 1470 20.22 -58.56 19.10
CA THR A 1470 19.08 -57.66 19.20
C THR A 1470 18.98 -57.05 20.59
N LYS A 1471 19.40 -57.80 21.62
CA LYS A 1471 19.57 -57.20 22.94
C LYS A 1471 20.93 -56.52 23.08
N GLU A 1472 21.93 -56.96 22.31
CA GLU A 1472 23.27 -56.40 22.43
C GLU A 1472 23.39 -55.09 21.67
N LEU A 1473 23.04 -55.11 20.38
CA LEU A 1473 23.28 -53.95 19.52
C LEU A 1473 22.01 -53.18 19.18
N LEU A 1474 20.95 -53.88 18.76
CA LEU A 1474 19.83 -53.26 18.07
C LEU A 1474 18.85 -52.53 18.99
N ASN A 1475 18.98 -52.68 20.30
CA ASN A 1475 17.83 -52.42 21.18
C ASN A 1475 17.56 -50.93 21.34
N LYS A 1476 18.43 -50.20 22.02
CA LYS A 1476 18.06 -48.89 22.57
C LYS A 1476 19.14 -47.85 22.29
N ARG A 1477 19.67 -47.84 21.07
CA ARG A 1477 20.72 -46.90 20.65
C ARG A 1477 20.33 -46.26 19.32
N GLY A 1478 19.56 -45.18 19.39
CA GLY A 1478 19.16 -44.43 18.21
C GLY A 1478 18.06 -45.04 17.38
N PHE A 1479 17.55 -46.20 17.75
CA PHE A 1479 16.52 -46.97 17.08
C PHE A 1479 15.24 -46.99 17.91
N PRO A 1480 14.06 -47.11 17.29
CA PRO A 1480 12.83 -46.80 18.00
C PRO A 1480 12.48 -47.75 19.13
N ALA A 1481 11.37 -47.48 19.81
CA ALA A 1481 11.03 -48.14 21.07
C ALA A 1481 10.55 -49.56 20.77
N ILE A 1482 11.51 -50.47 20.62
CA ILE A 1482 11.18 -51.88 20.51
C ILE A 1482 10.42 -52.30 21.76
N ARG A 1483 9.32 -53.04 21.57
CA ARG A 1483 8.48 -53.44 22.68
C ARG A 1483 8.25 -54.94 22.77
N ASP A 1484 8.83 -55.73 21.86
CA ASP A 1484 8.75 -57.19 21.93
C ASP A 1484 9.61 -57.82 20.86
N TYR A 1485 9.66 -59.15 20.83
CA TYR A 1485 10.27 -59.90 19.75
C TYR A 1485 9.87 -61.37 19.87
N HIS A 1486 9.56 -61.99 18.74
CA HIS A 1486 9.12 -63.37 18.70
C HIS A 1486 9.87 -64.10 17.59
N PHE A 1487 9.69 -65.42 17.55
CA PHE A 1487 10.45 -66.29 16.66
C PHE A 1487 9.54 -67.32 15.98
N VAL A 1488 8.43 -66.84 15.41
CA VAL A 1488 7.45 -67.76 14.84
C VAL A 1488 8.03 -68.43 13.59
N ASN A 1489 7.45 -69.59 13.24
CA ASN A 1489 7.80 -70.28 12.01
C ASN A 1489 7.25 -69.55 10.79
N ALA A 1490 6.00 -69.09 10.86
CA ALA A 1490 5.37 -68.31 9.80
C ALA A 1490 5.20 -69.12 8.52
N THR A 1491 4.95 -70.41 8.67
CA THR A 1491 4.49 -71.26 7.56
C THR A 1491 3.24 -72.05 7.89
N GLU A 1492 2.96 -72.31 9.16
CA GLU A 1492 1.77 -73.01 9.59
C GLU A 1492 1.48 -72.59 11.02
N GLU A 1493 0.22 -72.74 11.42
CA GLU A 1493 -0.19 -72.29 12.75
C GLU A 1493 0.69 -72.90 13.83
N SER A 1494 1.02 -72.08 14.83
CA SER A 1494 1.91 -72.51 15.90
C SER A 1494 1.50 -71.81 17.19
N ASP A 1495 1.85 -72.45 18.31
CA ASP A 1495 1.67 -71.79 19.60
C ASP A 1495 2.42 -70.47 19.64
N ALA A 1496 3.60 -70.43 19.04
CA ALA A 1496 4.32 -69.16 18.91
C ALA A 1496 3.52 -68.18 18.06
N LEU A 1497 2.87 -68.66 17.00
CA LEU A 1497 2.03 -67.77 16.19
C LEU A 1497 0.87 -67.21 17.01
N ALA A 1498 0.26 -68.04 17.84
CA ALA A 1498 -0.82 -67.56 18.70
C ALA A 1498 -0.30 -66.52 19.69
N LYS A 1499 0.90 -66.75 20.23
CA LYS A 1499 1.50 -65.75 21.11
C LYS A 1499 1.76 -64.45 20.36
N LEU A 1500 2.18 -64.57 19.09
CA LEU A 1500 2.37 -63.37 18.27
C LEU A 1500 1.06 -62.62 18.09
N ARG A 1501 -0.02 -63.34 17.83
CA ARG A 1501 -1.33 -62.71 17.72
C ARG A 1501 -1.69 -61.98 19.01
N LYS A 1502 -1.51 -62.65 20.15
CA LYS A 1502 -1.86 -62.02 21.42
C LYS A 1502 -1.01 -60.78 21.66
N THR A 1503 0.28 -60.85 21.34
CA THR A 1503 1.16 -59.71 21.51
C THR A 1503 0.74 -58.54 20.62
N ILE A 1504 0.40 -58.83 19.36
CA ILE A 1504 -0.01 -57.77 18.46
C ILE A 1504 -1.29 -57.10 18.97
N ILE A 1505 -2.25 -57.91 19.38
CA ILE A 1505 -3.51 -57.36 19.88
C ILE A 1505 -3.28 -56.50 21.11
N ASN A 1506 -2.56 -57.03 22.09
CA ASN A 1506 -2.35 -56.29 23.33
C ASN A 1506 -1.46 -55.07 23.13
N GLU A 1507 -0.59 -55.08 22.11
CA GLU A 1507 0.21 -53.91 21.83
C GLU A 1507 -0.61 -52.83 21.12
N SER A 1508 -1.54 -53.24 20.25
CA SER A 1508 -2.41 -52.28 19.58
C SER A 1508 -3.30 -51.55 20.58
N LEU A 1509 -4.03 -52.32 21.40
CA LEU A 1509 -5.00 -51.73 22.32
C LEU A 1509 -4.35 -50.89 23.41
N ASN A 1510 -3.03 -50.89 23.51
CA ASN A 1510 -2.33 -50.13 24.53
C ASN A 1510 -1.33 -49.15 23.91
N PHE A 1511 -1.72 -48.54 22.77
CA PHE A 1511 -0.80 -47.70 22.02
C PHE A 1511 -0.44 -46.43 22.81
N LYS A 1512 -1.43 -45.59 23.07
CA LYS A 1512 -1.31 -44.46 24.00
C LYS A 1512 -0.17 -43.50 23.60
N ILE A 1513 -0.37 -42.83 22.47
CA ILE A 1513 0.47 -41.67 22.15
C ILE A 1513 0.01 -40.50 23.00
N ARG A 1514 0.98 -39.78 23.59
CA ARG A 1514 0.68 -38.68 24.50
C ARG A 1514 -0.28 -39.11 25.60
N ASP A 1515 -0.28 -40.40 25.93
CA ASP A 1515 -1.23 -41.01 26.85
C ASP A 1515 -2.66 -40.72 26.42
N GLN A 1516 -3.02 -41.23 25.24
CA GLN A 1516 -4.35 -41.00 24.68
C GLN A 1516 -5.08 -42.23 24.20
N LEU A 1517 -4.44 -43.41 24.14
CA LEU A 1517 -5.12 -44.67 23.83
C LEU A 1517 -5.83 -44.57 22.47
N VAL A 1518 -5.00 -44.60 21.43
CA VAL A 1518 -5.47 -44.36 20.07
C VAL A 1518 -6.60 -45.31 19.69
N VAL A 1519 -6.45 -46.60 20.03
CA VAL A 1519 -7.27 -47.65 19.42
C VAL A 1519 -8.76 -47.39 19.59
N GLY A 1520 -9.16 -46.70 20.65
CA GLY A 1520 -10.57 -46.53 20.93
C GLY A 1520 -11.00 -45.09 21.17
N GLN A 1521 -10.41 -44.15 20.45
CA GLN A 1521 -10.74 -42.74 20.66
C GLN A 1521 -12.11 -42.42 20.06
N LEU A 1522 -12.71 -41.36 20.60
CA LEU A 1522 -14.07 -40.98 20.22
C LEU A 1522 -14.06 -40.12 18.97
N ILE A 1523 -14.92 -40.46 18.01
CA ILE A 1523 -15.15 -39.59 16.85
C ILE A 1523 -16.65 -39.46 16.64
N PRO A 1524 -17.06 -38.37 15.99
CA PRO A 1524 -18.47 -38.27 15.60
C PRO A 1524 -18.87 -39.43 14.69
N ASP A 1525 -20.07 -39.96 14.94
CA ASP A 1525 -20.55 -41.11 14.18
C ASP A 1525 -20.67 -40.81 12.69
N CYS A 1526 -20.72 -39.53 12.33
CA CYS A 1526 -20.77 -39.15 10.92
C CYS A 1526 -19.58 -39.68 10.16
N TYR A 1527 -18.39 -39.63 10.78
CA TYR A 1527 -17.19 -40.17 10.13
C TYR A 1527 -17.34 -41.66 9.89
N VAL A 1528 -17.86 -42.39 10.88
CA VAL A 1528 -18.04 -43.83 10.72
C VAL A 1528 -19.04 -44.13 9.61
N GLU A 1529 -20.10 -43.32 9.51
CA GLU A 1529 -21.07 -43.51 8.45
C GLU A 1529 -20.44 -43.29 7.07
N LEU A 1530 -19.64 -42.22 6.95
CA LEU A 1530 -18.95 -41.98 5.69
C LEU A 1530 -17.99 -43.11 5.37
N GLU A 1531 -17.30 -43.64 6.37
CA GLU A 1531 -16.40 -44.76 6.15
C GLU A 1531 -17.17 -45.98 5.66
N LYS A 1532 -18.32 -46.25 6.27
CA LYS A 1532 -19.12 -47.41 5.85
C LYS A 1532 -19.59 -47.26 4.42
N ILE A 1533 -20.08 -46.08 4.05
CA ILE A 1533 -20.58 -45.93 2.68
C ILE A 1533 -19.42 -45.98 1.69
N ILE A 1534 -18.25 -45.45 2.05
CA ILE A 1534 -17.11 -45.54 1.16
C ILE A 1534 -16.67 -46.99 0.98
N LEU A 1535 -16.63 -47.76 2.08
CA LEU A 1535 -16.27 -49.17 1.98
C LEU A 1535 -17.25 -49.93 1.10
N SER A 1536 -18.55 -49.65 1.26
CA SER A 1536 -19.53 -50.25 0.36
C SER A 1536 -19.30 -49.80 -1.08
N GLU A 1537 -18.85 -48.57 -1.27
CA GLU A 1537 -18.58 -48.08 -2.62
C GLU A 1537 -17.38 -48.78 -3.24
N ARG A 1538 -16.44 -49.25 -2.42
CA ARG A 1538 -15.22 -49.85 -2.95
C ARG A 1538 -15.50 -51.03 -3.87
N LYS A 1539 -16.67 -51.66 -3.74
CA LYS A 1539 -17.08 -52.71 -4.67
C LYS A 1539 -17.88 -52.18 -5.85
N ASN A 1540 -18.05 -50.86 -5.96
CA ASN A 1540 -18.88 -50.24 -6.97
C ASN A 1540 -18.08 -49.19 -7.74
N VAL A 1541 -16.87 -49.55 -8.15
CA VAL A 1541 -15.94 -48.58 -8.73
C VAL A 1541 -15.36 -49.16 -10.01
N PRO A 1542 -15.07 -48.35 -11.03
CA PRO A 1542 -14.40 -48.88 -12.23
C PRO A 1542 -13.01 -49.41 -11.90
N ILE A 1543 -12.77 -50.67 -12.27
CA ILE A 1543 -11.46 -51.28 -12.03
C ILE A 1543 -10.38 -50.55 -12.81
N GLU A 1544 -10.69 -50.13 -14.04
CA GLU A 1544 -9.70 -49.44 -14.86
C GLU A 1544 -9.28 -48.11 -14.26
N PHE A 1545 -10.08 -47.54 -13.38
CA PHE A 1545 -9.77 -46.21 -12.84
C PHE A 1545 -10.51 -46.04 -11.52
N PRO A 1546 -9.98 -46.58 -10.41
CA PRO A 1546 -10.75 -46.63 -9.16
C PRO A 1546 -11.00 -45.29 -8.49
N VAL A 1547 -10.59 -44.20 -9.15
CA VAL A 1547 -10.74 -42.87 -8.57
C VAL A 1547 -12.22 -42.52 -8.43
N ILE A 1548 -12.50 -41.59 -7.52
CA ILE A 1548 -13.82 -40.97 -7.40
C ILE A 1548 -13.63 -39.46 -7.55
N ASP A 1549 -14.53 -38.83 -8.30
CA ASP A 1549 -14.51 -37.38 -8.43
C ASP A 1549 -15.28 -36.76 -7.28
N ARG A 1550 -14.88 -35.53 -6.91
CA ARG A 1550 -15.54 -34.85 -5.80
C ARG A 1550 -17.03 -34.69 -6.04
N LYS A 1551 -17.44 -34.53 -7.30
CA LYS A 1551 -18.86 -34.49 -7.62
C LYS A 1551 -19.54 -35.79 -7.21
N ARG A 1552 -18.89 -36.93 -7.46
CA ARG A 1552 -19.46 -38.21 -7.06
C ARG A 1552 -19.58 -38.30 -5.55
N LEU A 1553 -18.58 -37.81 -4.82
CA LEU A 1553 -18.64 -37.86 -3.36
C LEU A 1553 -19.77 -36.98 -2.81
N LEU A 1554 -19.88 -35.75 -3.34
CA LEU A 1554 -20.96 -34.87 -2.93
C LEU A 1554 -22.32 -35.37 -3.41
N GLN A 1555 -22.35 -36.27 -4.39
CA GLN A 1555 -23.59 -36.95 -4.74
C GLN A 1555 -23.90 -38.09 -3.79
N LEU A 1556 -22.86 -38.81 -3.35
CA LEU A 1556 -23.07 -39.94 -2.45
C LEU A 1556 -23.45 -39.48 -1.05
N VAL A 1557 -22.99 -38.30 -0.64
CA VAL A 1557 -23.46 -37.77 0.63
C VAL A 1557 -24.94 -37.42 0.54
N ARG A 1558 -25.39 -36.94 -0.63
CA ARG A 1558 -26.81 -36.68 -0.82
C ARG A 1558 -27.60 -37.97 -0.85
N GLU A 1559 -27.04 -39.02 -1.46
CA GLU A 1559 -27.72 -40.30 -1.55
C GLU A 1559 -28.07 -40.85 -0.17
N ASN A 1560 -27.15 -40.68 0.79
CA ASN A 1560 -27.42 -41.04 2.16
C ASN A 1560 -27.95 -39.81 2.90
N GLN A 1561 -28.04 -39.90 4.23
CA GLN A 1561 -28.50 -38.80 5.06
C GLN A 1561 -27.38 -38.28 5.96
N LEU A 1562 -26.18 -38.13 5.37
CA LEU A 1562 -25.03 -37.70 6.14
C LEU A 1562 -25.22 -36.28 6.65
N GLN A 1563 -24.76 -36.04 7.88
CA GLN A 1563 -24.88 -34.74 8.53
C GLN A 1563 -23.71 -33.83 8.20
N LEU A 1564 -23.01 -34.07 7.09
CA LEU A 1564 -21.81 -33.33 6.75
C LEU A 1564 -22.13 -32.24 5.74
N ASP A 1565 -21.47 -31.09 5.89
CA ASP A 1565 -21.57 -29.98 4.98
C ASP A 1565 -20.29 -29.88 4.15
N GLU A 1566 -20.18 -28.83 3.36
CA GLU A 1566 -18.95 -28.60 2.61
C GLU A 1566 -17.78 -28.23 3.51
N ASN A 1567 -18.03 -27.92 4.78
CA ASN A 1567 -16.97 -27.63 5.73
C ASN A 1567 -16.57 -28.83 6.58
N GLU A 1568 -17.32 -29.94 6.51
CA GLU A 1568 -16.96 -31.12 7.27
C GLU A 1568 -16.04 -32.04 6.48
N LEU A 1569 -16.31 -32.22 5.20
CA LEU A 1569 -15.46 -33.06 4.35
C LEU A 1569 -14.00 -32.66 4.36
N PRO A 1570 -13.60 -31.39 4.33
CA PRO A 1570 -12.16 -31.07 4.36
C PRO A 1570 -11.42 -31.69 5.53
N HIS A 1571 -12.11 -31.91 6.66
CA HIS A 1571 -11.52 -32.67 7.75
C HIS A 1571 -11.92 -34.15 7.72
N ALA A 1572 -13.11 -34.46 7.21
CA ALA A 1572 -13.59 -35.83 7.17
C ALA A 1572 -12.68 -36.71 6.32
N VAL A 1573 -12.44 -36.29 5.08
CA VAL A 1573 -11.63 -37.10 4.18
C VAL A 1573 -10.20 -37.20 4.70
N HIS A 1574 -9.68 -36.16 5.34
CA HIS A 1574 -8.33 -36.23 5.89
C HIS A 1574 -8.27 -37.24 7.03
N PHE A 1575 -9.26 -37.21 7.92
CA PHE A 1575 -9.27 -38.19 9.01
C PHE A 1575 -9.39 -39.60 8.47
N LEU A 1576 -10.21 -39.79 7.44
CA LEU A 1576 -10.33 -41.13 6.87
C LEU A 1576 -9.08 -41.53 6.11
N ASN A 1577 -8.31 -40.55 5.62
CA ASN A 1577 -6.99 -40.84 5.09
C ASN A 1577 -6.08 -41.36 6.19
N GLU A 1578 -6.16 -40.76 7.38
CA GLU A 1578 -5.35 -41.22 8.50
C GLU A 1578 -5.63 -42.67 8.87
N SER A 1579 -6.80 -43.19 8.51
CA SER A 1579 -7.17 -44.55 8.85
C SER A 1579 -6.98 -45.53 7.71
N GLY A 1580 -6.37 -45.10 6.61
CA GLY A 1580 -6.11 -46.01 5.51
C GLY A 1580 -7.31 -46.40 4.70
N VAL A 1581 -8.37 -45.59 4.71
CA VAL A 1581 -9.54 -45.87 3.88
C VAL A 1581 -9.33 -45.38 2.46
N LEU A 1582 -9.01 -44.10 2.31
CA LEU A 1582 -8.82 -43.51 0.99
C LEU A 1582 -7.76 -42.43 1.09
N LEU A 1583 -6.87 -42.40 0.11
CA LEU A 1583 -5.85 -41.35 0.02
C LEU A 1583 -6.38 -40.19 -0.81
N HIS A 1584 -6.35 -39.00 -0.23
CA HIS A 1584 -6.65 -37.77 -0.95
C HIS A 1584 -5.61 -36.75 -0.59
N PHE A 1585 -5.10 -36.04 -1.58
CA PHE A 1585 -3.99 -35.11 -1.41
C PHE A 1585 -4.53 -33.69 -1.54
N GLN A 1586 -4.49 -32.95 -0.44
CA GLN A 1586 -4.96 -31.57 -0.41
C GLN A 1586 -3.92 -30.57 -0.87
N ASP A 1587 -2.73 -31.03 -1.26
CA ASP A 1587 -1.66 -30.12 -1.65
C ASP A 1587 -2.09 -29.31 -2.86
N PRO A 1588 -2.08 -27.98 -2.78
CA PRO A 1588 -2.52 -27.18 -3.94
C PRO A 1588 -1.64 -27.35 -5.15
N ALA A 1589 -0.33 -27.52 -4.96
CA ALA A 1589 0.57 -27.72 -6.09
C ALA A 1589 0.21 -28.99 -6.85
N LEU A 1590 -0.07 -30.08 -6.14
CA LEU A 1590 -0.49 -31.33 -6.75
C LEU A 1590 -1.92 -31.15 -7.21
N GLN A 1591 -2.09 -30.70 -8.45
CA GLN A 1591 -3.40 -30.30 -8.97
C GLN A 1591 -4.25 -31.52 -9.33
N LEU A 1592 -4.48 -32.36 -8.31
CA LEU A 1592 -5.39 -33.48 -8.45
C LEU A 1592 -6.24 -33.69 -7.20
N SER A 1593 -6.36 -32.67 -6.35
CA SER A 1593 -7.17 -32.80 -5.14
C SER A 1593 -8.63 -33.06 -5.47
N ASP A 1594 -9.06 -32.80 -6.70
CA ASP A 1594 -10.41 -33.16 -7.12
C ASP A 1594 -10.61 -34.67 -7.15
N LEU A 1595 -9.54 -35.44 -7.26
CA LEU A 1595 -9.62 -36.90 -7.29
C LEU A 1595 -9.46 -37.46 -5.88
N TYR A 1596 -10.17 -38.56 -5.61
CA TYR A 1596 -10.11 -39.24 -4.32
C TYR A 1596 -9.87 -40.71 -4.59
N PHE A 1597 -8.75 -41.24 -4.08
CA PHE A 1597 -8.30 -42.58 -4.43
C PHE A 1597 -8.84 -43.58 -3.43
N VAL A 1598 -10.14 -43.91 -3.58
CA VAL A 1598 -10.68 -45.06 -2.88
C VAL A 1598 -9.98 -46.30 -3.41
N GLU A 1599 -9.93 -47.35 -2.58
CA GLU A 1599 -9.16 -48.55 -2.87
C GLU A 1599 -7.69 -48.20 -3.06
N PRO A 1600 -6.99 -47.84 -1.98
CA PRO A 1600 -5.57 -47.47 -2.11
C PRO A 1600 -4.70 -48.62 -2.59
N LYS A 1601 -5.16 -49.85 -2.45
CA LYS A 1601 -4.36 -50.99 -2.88
C LYS A 1601 -4.18 -51.05 -4.38
N TRP A 1602 -4.83 -50.17 -5.13
CA TRP A 1602 -4.54 -50.04 -6.56
C TRP A 1602 -3.61 -48.88 -6.87
N LEU A 1603 -3.77 -47.73 -6.19
CA LEU A 1603 -2.82 -46.64 -6.38
C LEU A 1603 -1.41 -47.06 -6.00
N CYS A 1604 -1.27 -47.74 -4.86
CA CYS A 1604 0.06 -48.17 -4.45
C CYS A 1604 0.63 -49.20 -5.41
N LYS A 1605 -0.23 -50.05 -5.97
CA LYS A 1605 0.24 -51.05 -6.92
C LYS A 1605 0.64 -50.40 -8.25
N ILE A 1606 -0.04 -49.32 -8.65
CA ILE A 1606 0.24 -48.73 -9.95
C ILE A 1606 1.44 -47.78 -9.87
N MET A 1607 1.64 -47.14 -8.71
CA MET A 1607 2.78 -46.24 -8.56
C MET A 1607 4.11 -46.98 -8.62
N ALA A 1608 4.11 -48.31 -8.51
CA ALA A 1608 5.33 -49.09 -8.52
C ALA A 1608 5.55 -49.82 -9.84
N GLN A 1609 4.62 -49.71 -10.78
CA GLN A 1609 4.81 -50.36 -12.08
C GLN A 1609 5.98 -49.75 -12.83
N ILE A 1610 6.12 -48.42 -12.81
CA ILE A 1610 7.19 -47.76 -13.55
C ILE A 1610 8.55 -48.14 -12.98
N LEU A 1611 8.64 -48.31 -11.66
CA LEU A 1611 9.92 -48.61 -11.04
C LEU A 1611 10.37 -50.04 -11.27
N THR A 1612 9.59 -50.86 -11.96
CA THR A 1612 9.98 -52.23 -12.29
C THR A 1612 10.05 -52.52 -13.78
N VAL A 1613 9.53 -51.64 -14.63
CA VAL A 1613 9.63 -51.83 -16.07
C VAL A 1613 11.03 -51.41 -16.52
N LYS A 1614 11.72 -52.32 -17.18
CA LYS A 1614 13.07 -52.06 -17.66
C LYS A 1614 13.08 -51.92 -19.18
N VAL A 1615 14.24 -51.56 -19.72
CA VAL A 1615 14.39 -51.45 -21.16
C VAL A 1615 15.71 -52.08 -21.61
N GLU A 1616 15.64 -53.33 -22.05
CA GLU A 1616 16.79 -54.02 -22.65
C GLU A 1616 16.76 -53.88 -24.17
N GLY A 1617 16.66 -52.63 -24.63
CA GLY A 1617 16.71 -52.35 -26.05
C GLY A 1617 18.01 -51.69 -26.44
N CYS A 1618 17.99 -50.36 -26.58
CA CYS A 1618 19.20 -49.59 -26.85
C CYS A 1618 19.33 -48.53 -25.76
N PRO A 1619 20.40 -48.57 -24.95
CA PRO A 1619 20.59 -47.51 -23.96
C PRO A 1619 21.01 -46.19 -24.62
N LYS A 1620 20.07 -45.58 -25.33
CA LYS A 1620 20.37 -44.35 -26.06
C LYS A 1620 20.64 -43.19 -25.11
N HIS A 1621 19.97 -43.17 -23.95
CA HIS A 1621 20.15 -42.16 -22.93
C HIS A 1621 20.96 -42.71 -21.77
N PRO A 1622 21.63 -41.85 -21.00
CA PRO A 1622 22.31 -42.33 -19.79
C PRO A 1622 21.30 -42.95 -18.83
N LYS A 1623 21.77 -43.93 -18.07
CA LYS A 1623 20.88 -44.78 -17.28
C LYS A 1623 20.03 -43.96 -16.33
N GLY A 1624 18.73 -43.89 -16.59
CA GLY A 1624 17.79 -43.27 -15.68
C GLY A 1624 16.90 -42.20 -16.28
N ILE A 1625 17.46 -41.35 -17.17
CA ILE A 1625 16.66 -40.33 -17.82
C ILE A 1625 15.83 -40.96 -18.92
N ILE A 1626 14.57 -40.52 -19.05
CA ILE A 1626 13.68 -41.07 -20.05
C ILE A 1626 12.60 -40.03 -20.35
N SER A 1627 11.99 -40.14 -21.52
CA SER A 1627 10.89 -39.30 -21.95
C SER A 1627 9.61 -40.13 -21.97
N ARG A 1628 8.55 -39.53 -22.50
CA ARG A 1628 7.21 -40.13 -22.44
C ARG A 1628 7.16 -41.34 -23.37
N ARG A 1629 7.27 -42.54 -22.78
CA ARG A 1629 7.19 -43.80 -23.53
C ARG A 1629 6.43 -44.83 -22.70
N ASP A 1630 5.19 -45.11 -23.09
CA ASP A 1630 4.40 -46.15 -22.45
C ASP A 1630 4.99 -47.52 -22.76
N PRO A 1642 -5.36 -46.54 -20.19
CA PRO A 1642 -4.75 -46.07 -21.44
C PRO A 1642 -5.49 -44.87 -22.02
N LYS A 1643 -6.81 -44.89 -21.95
CA LYS A 1643 -7.63 -43.80 -22.48
C LYS A 1643 -7.53 -42.60 -21.54
N ASN A 1644 -6.62 -41.68 -21.85
CA ASN A 1644 -6.33 -40.48 -21.07
C ASN A 1644 -5.71 -40.81 -19.71
N TYR A 1645 -5.56 -42.09 -19.37
CA TYR A 1645 -4.97 -42.44 -18.09
C TYR A 1645 -3.46 -42.27 -18.10
N MET A 1646 -2.82 -42.39 -19.26
CA MET A 1646 -1.42 -42.04 -19.37
C MET A 1646 -1.17 -40.60 -18.95
N THR A 1647 -2.15 -39.72 -19.14
CA THR A 1647 -1.96 -38.33 -18.73
C THR A 1647 -1.92 -38.21 -17.21
N GLN A 1648 -2.91 -38.79 -16.52
CA GLN A 1648 -2.99 -38.64 -15.08
C GLN A 1648 -1.90 -39.45 -14.36
N TYR A 1649 -1.47 -40.58 -14.94
CA TYR A 1649 -0.40 -41.36 -14.34
C TYR A 1649 0.82 -40.48 -14.04
N PHE A 1650 1.36 -39.82 -15.05
CA PHE A 1650 2.49 -38.95 -14.79
C PHE A 1650 2.08 -37.52 -14.45
N LYS A 1651 0.79 -37.21 -14.43
CA LYS A 1651 0.35 -36.01 -13.73
C LYS A 1651 0.28 -36.23 -12.24
N LEU A 1652 0.47 -37.47 -11.79
CA LEU A 1652 0.71 -37.79 -10.40
C LEU A 1652 2.18 -38.08 -10.10
N LEU A 1653 2.84 -38.86 -10.96
CA LEU A 1653 4.17 -39.35 -10.65
C LEU A 1653 5.20 -38.24 -10.58
N GLU A 1654 5.14 -37.26 -11.48
CA GLU A 1654 6.11 -36.17 -11.37
C GLU A 1654 5.65 -35.14 -10.34
N LYS A 1655 4.34 -35.03 -10.09
CA LYS A 1655 3.89 -34.41 -8.85
C LYS A 1655 4.36 -35.21 -7.66
N PHE A 1656 4.49 -36.53 -7.82
CA PHE A 1656 5.13 -37.39 -6.83
C PHE A 1656 6.65 -37.36 -6.97
N GLN A 1657 7.16 -36.42 -7.75
CA GLN A 1657 8.59 -36.17 -8.01
C GLN A 1657 9.35 -37.42 -8.43
N ILE A 1658 8.69 -38.37 -9.13
CA ILE A 1658 9.41 -39.42 -9.84
C ILE A 1658 9.95 -38.93 -11.18
N ALA A 1659 9.64 -37.68 -11.55
CA ALA A 1659 10.16 -37.10 -12.79
C ALA A 1659 10.14 -35.58 -12.72
N LEU A 1668 12.71 -38.91 -16.00
CA LEU A 1668 13.90 -38.96 -15.16
C LEU A 1668 13.58 -39.63 -13.83
N VAL A 1669 13.96 -40.89 -13.69
CA VAL A 1669 13.65 -41.67 -12.49
C VAL A 1669 14.82 -41.59 -11.52
N PRO A 1670 14.69 -40.89 -10.40
CA PRO A 1670 15.81 -40.80 -9.45
C PRO A 1670 16.17 -42.12 -8.81
N SER A 1671 15.33 -43.13 -9.01
CA SER A 1671 15.63 -44.48 -8.55
C SER A 1671 16.18 -45.30 -9.72
N SER A 1672 17.02 -46.28 -9.39
CA SER A 1672 17.78 -47.04 -10.39
C SER A 1672 18.51 -46.08 -11.33
N LEU A 1673 19.25 -45.15 -10.74
CA LEU A 1673 19.88 -44.03 -11.46
C LEU A 1673 21.36 -43.97 -11.09
N SER A 1674 22.16 -44.75 -11.81
CA SER A 1674 23.63 -44.60 -11.83
C SER A 1674 24.21 -44.47 -10.42
N ASP A 1675 24.09 -45.55 -9.65
CA ASP A 1675 24.57 -45.54 -8.27
C ASP A 1675 26.03 -45.12 -8.19
N HIS A 1676 26.87 -45.66 -9.06
CA HIS A 1676 28.26 -45.26 -9.09
C HIS A 1676 28.38 -43.83 -9.60
N ARG A 1677 29.11 -43.01 -8.87
CA ARG A 1677 29.18 -41.59 -9.18
C ARG A 1677 30.14 -41.34 -10.34
N PRO A 1678 29.76 -40.53 -11.32
CA PRO A 1678 30.71 -40.11 -12.33
C PRO A 1678 31.78 -39.20 -11.76
N VAL A 1679 32.96 -39.25 -12.37
CA VAL A 1679 34.11 -38.51 -11.84
C VAL A 1679 33.94 -37.03 -12.14
N ILE A 1680 33.99 -36.21 -11.10
CA ILE A 1680 33.84 -34.75 -11.20
C ILE A 1680 35.02 -34.08 -10.53
N GLU A 1681 35.50 -33.00 -11.12
CA GLU A 1681 36.58 -32.21 -10.56
C GLU A 1681 36.17 -30.74 -10.51
N LEU A 1682 36.34 -30.11 -9.35
CA LEU A 1682 36.00 -28.72 -9.15
C LEU A 1682 37.04 -27.81 -9.78
N PRO A 1683 36.63 -26.64 -10.28
CA PRO A 1683 37.61 -25.70 -10.85
C PRO A 1683 38.69 -25.30 -9.86
N HIS A 1684 38.33 -25.06 -8.61
CA HIS A 1684 39.27 -24.65 -7.58
C HIS A 1684 39.13 -25.56 -6.36
N CYS A 1685 40.24 -26.16 -5.93
CA CYS A 1685 40.23 -27.07 -4.79
C CYS A 1685 41.43 -26.78 -3.89
N GLU A 1686 41.67 -25.50 -3.58
CA GLU A 1686 42.85 -25.08 -2.84
C GLU A 1686 42.56 -24.80 -1.37
N ASN A 1687 41.57 -25.47 -0.79
CA ASN A 1687 41.32 -25.54 0.65
C ASN A 1687 40.89 -24.21 1.25
N SER A 1688 40.88 -23.12 0.48
CA SER A 1688 40.56 -21.81 1.04
C SER A 1688 39.54 -21.03 0.24
N GLU A 1689 39.18 -21.49 -0.96
CA GLU A 1689 38.15 -20.83 -1.76
C GLU A 1689 36.82 -21.58 -1.70
N ILE A 1690 36.73 -22.64 -0.91
CA ILE A 1690 35.52 -23.45 -0.85
C ILE A 1690 34.99 -23.45 0.59
N ILE A 1691 33.69 -23.73 0.69
CA ILE A 1691 33.00 -23.91 1.96
C ILE A 1691 32.40 -25.30 1.95
N ILE A 1692 32.54 -26.01 3.07
CA ILE A 1692 32.17 -27.41 3.17
C ILE A 1692 31.38 -27.62 4.46
N ARG A 1693 30.28 -28.35 4.37
CA ARG A 1693 29.41 -28.62 5.50
C ARG A 1693 28.99 -30.08 5.45
N LEU A 1694 29.04 -30.76 6.59
CA LEU A 1694 28.69 -32.16 6.67
C LEU A 1694 27.31 -32.36 7.28
N TYR A 1695 26.77 -33.55 7.09
CA TYR A 1695 25.49 -33.96 7.66
C TYR A 1695 25.56 -35.41 8.15
N GLU A 1696 26.60 -35.72 8.92
CA GLU A 1696 26.77 -37.07 9.44
C GLU A 1696 25.50 -37.56 10.11
N MET A 1697 24.99 -38.70 9.65
CA MET A 1697 23.80 -39.34 10.17
C MET A 1697 24.02 -40.85 10.11
N PRO A 1698 23.44 -41.62 11.03
CA PRO A 1698 23.79 -43.05 11.10
C PRO A 1698 23.43 -43.83 9.85
N TYR A 1699 22.38 -43.43 9.14
CA TYR A 1699 21.97 -44.11 7.92
C TYR A 1699 21.06 -43.16 7.16
N PHE A 1700 21.24 -43.06 5.85
CA PHE A 1700 20.33 -42.26 5.05
C PHE A 1700 18.91 -42.78 5.20
N PRO A 1701 17.94 -41.92 5.48
CA PRO A 1701 16.54 -42.34 5.50
C PRO A 1701 16.11 -42.78 4.11
N MET A 1702 14.96 -43.45 4.07
CA MET A 1702 14.55 -44.20 2.90
C MET A 1702 14.42 -43.32 1.65
N GLY A 1703 13.46 -42.41 1.64
CA GLY A 1703 13.28 -41.55 0.49
C GLY A 1703 13.98 -40.22 0.64
N PHE A 1704 15.28 -40.24 0.95
CA PHE A 1704 16.00 -38.99 1.16
C PHE A 1704 16.56 -38.44 -0.15
N TRP A 1705 17.45 -39.18 -0.80
CA TRP A 1705 18.09 -38.67 -1.99
C TRP A 1705 17.09 -38.47 -3.12
N SER A 1706 16.14 -39.40 -3.28
CA SER A 1706 15.13 -39.24 -4.32
C SER A 1706 14.38 -37.92 -4.15
N ARG A 1707 14.08 -37.54 -2.93
CA ARG A 1707 13.41 -36.27 -2.69
C ARG A 1707 14.37 -35.12 -2.44
N LEU A 1708 15.64 -35.39 -2.15
CA LEU A 1708 16.57 -34.29 -1.98
C LEU A 1708 17.04 -33.77 -3.33
N ILE A 1709 17.45 -34.67 -4.24
CA ILE A 1709 17.88 -34.23 -5.56
C ILE A 1709 16.73 -33.66 -6.37
N ASN A 1710 15.49 -33.88 -5.94
CA ASN A 1710 14.33 -33.34 -6.63
C ASN A 1710 13.87 -32.01 -6.03
N ARG A 1711 14.41 -31.61 -4.88
CA ARG A 1711 14.13 -30.28 -4.35
C ARG A 1711 15.17 -29.27 -4.80
N LEU A 1712 16.44 -29.69 -4.86
CA LEU A 1712 17.49 -28.84 -5.38
C LEU A 1712 17.37 -28.65 -6.88
N LEU A 1713 16.86 -29.68 -7.57
CA LEU A 1713 16.87 -29.70 -9.02
C LEU A 1713 16.08 -28.52 -9.60
N GLU A 1714 14.77 -28.52 -9.38
CA GLU A 1714 13.89 -27.58 -10.07
C GLU A 1714 14.02 -26.16 -9.60
N ILE A 1715 14.93 -25.78 -8.72
CA ILE A 1715 15.11 -24.36 -8.37
C ILE A 1715 16.12 -23.81 -9.37
N SER A 1716 15.61 -23.46 -10.55
CA SER A 1716 16.44 -22.96 -11.64
C SER A 1716 16.87 -21.52 -11.43
N PRO A 1717 15.97 -20.57 -11.05
CA PRO A 1717 16.41 -19.18 -10.92
C PRO A 1717 17.34 -18.95 -9.73
N TYR A 1718 18.41 -19.74 -9.65
CA TYR A 1718 19.45 -19.48 -8.68
C TYR A 1718 20.26 -18.26 -9.08
N MET A 1719 20.81 -17.57 -8.07
CA MET A 1719 21.60 -16.37 -8.26
C MET A 1719 20.83 -15.31 -9.04
N LEU A 1720 19.64 -14.98 -8.55
CA LEU A 1720 18.84 -13.92 -9.15
C LEU A 1720 18.79 -12.69 -8.24
N ALA A 1726 18.07 -16.00 -14.63
CA ALA A 1726 17.34 -17.19 -15.00
C ALA A 1726 18.17 -18.11 -15.88
N LEU A 1727 19.49 -18.08 -15.67
CA LEU A 1727 20.43 -18.89 -16.44
C LEU A 1727 20.53 -20.26 -15.76
N ARG A 1728 20.07 -21.30 -16.46
CA ARG A 1728 20.11 -22.64 -15.89
C ARG A 1728 21.56 -23.15 -15.86
N PRO A 1729 21.89 -23.96 -14.85
CA PRO A 1729 23.23 -24.54 -14.79
C PRO A 1729 23.30 -25.89 -15.50
N ASN A 1730 24.52 -26.30 -15.80
CA ASN A 1730 24.77 -27.66 -16.27
C ASN A 1730 24.95 -28.56 -15.06
N ARG A 1731 24.30 -29.71 -15.10
CA ARG A 1731 24.29 -30.62 -13.96
C ARG A 1731 24.39 -32.06 -14.44
N MET A 1732 25.22 -32.84 -13.75
CA MET A 1732 25.41 -34.25 -14.04
C MET A 1732 25.20 -34.99 -12.72
N TYR A 1733 24.00 -35.50 -12.53
CA TYR A 1733 23.53 -35.96 -11.22
C TYR A 1733 23.31 -37.46 -11.24
N TRP A 1734 24.10 -38.18 -10.45
CA TRP A 1734 23.88 -39.59 -10.21
C TRP A 1734 22.83 -39.75 -9.12
N ARG A 1735 22.74 -40.94 -8.54
CA ARG A 1735 21.75 -41.19 -7.50
C ARG A 1735 21.93 -40.26 -6.31
N GLN A 1736 23.18 -40.01 -5.92
CA GLN A 1736 23.49 -39.34 -4.66
C GLN A 1736 24.44 -38.16 -4.87
N GLY A 1737 24.12 -37.31 -5.84
CA GLY A 1737 24.87 -36.09 -6.05
C GLY A 1737 24.25 -35.27 -7.16
N ILE A 1738 24.64 -34.01 -7.21
CA ILE A 1738 24.11 -33.10 -8.24
C ILE A 1738 25.23 -32.47 -9.05
N TYR A 1739 26.07 -31.66 -8.39
CA TYR A 1739 27.11 -30.87 -9.05
C TYR A 1739 26.51 -30.01 -10.17
N LEU A 1740 25.72 -29.04 -9.76
CA LEU A 1740 25.20 -28.05 -10.69
C LEU A 1740 26.09 -26.82 -10.67
N ASN A 1741 26.53 -26.38 -11.85
CA ASN A 1741 27.46 -25.27 -11.96
C ASN A 1741 27.06 -24.32 -13.07
N TRP A 1742 27.23 -23.03 -12.82
CA TRP A 1742 27.08 -22.00 -13.83
C TRP A 1742 28.40 -21.55 -14.43
N SER A 1743 29.48 -21.63 -13.65
CA SER A 1743 30.80 -21.14 -14.02
C SER A 1743 31.79 -21.59 -12.95
N PRO A 1744 33.10 -21.42 -13.16
CA PRO A 1744 34.04 -21.65 -12.05
C PRO A 1744 33.83 -20.67 -10.90
N GLU A 1745 32.92 -19.72 -11.11
CA GLU A 1745 32.55 -18.74 -10.10
C GLU A 1745 31.31 -19.16 -9.31
N ALA A 1746 30.59 -20.18 -9.76
CA ALA A 1746 29.39 -20.61 -9.05
C ALA A 1746 29.14 -22.09 -9.36
N TYR A 1747 29.22 -22.93 -8.34
CA TYR A 1747 28.96 -24.35 -8.51
C TYR A 1747 28.59 -24.95 -7.15
N CYS A 1748 28.01 -26.15 -7.20
CA CYS A 1748 27.57 -26.82 -5.98
C CYS A 1748 27.60 -28.32 -6.19
N LEU A 1749 28.21 -29.04 -5.25
CA LEU A 1749 28.28 -30.49 -5.27
C LEU A 1749 27.68 -31.01 -3.96
N VAL A 1750 26.43 -31.45 -4.01
CA VAL A 1750 25.81 -32.10 -2.85
C VAL A 1750 26.11 -33.58 -2.98
N GLY A 1751 27.32 -33.94 -2.56
CA GLY A 1751 27.82 -35.28 -2.75
C GLY A 1751 27.31 -36.25 -1.70
N SER A 1752 27.83 -37.47 -1.78
CA SER A 1752 27.51 -38.50 -0.80
C SER A 1752 28.69 -39.48 -0.77
N GLU A 1753 29.54 -39.32 0.22
CA GLU A 1753 30.72 -40.16 0.36
C GLU A 1753 30.73 -40.78 1.76
N VAL A 1754 31.55 -41.83 1.90
CA VAL A 1754 31.82 -42.43 3.20
C VAL A 1754 33.32 -42.35 3.43
N LEU A 1755 33.71 -41.69 4.52
CA LEU A 1755 35.11 -41.61 4.90
C LEU A 1755 35.54 -42.90 5.57
N ASP A 1756 36.81 -43.26 5.40
CA ASP A 1756 37.31 -44.52 5.93
C ASP A 1756 37.18 -44.55 7.45
N ASN A 1757 36.90 -45.75 7.97
CA ASN A 1757 36.70 -45.96 9.41
C ASN A 1757 35.57 -45.07 9.93
N HIS A 1758 34.46 -45.04 9.19
CA HIS A 1758 33.28 -44.28 9.60
C HIS A 1758 32.04 -45.00 9.11
N PRO A 1759 31.46 -45.87 9.93
CA PRO A 1759 30.27 -46.62 9.49
C PRO A 1759 29.02 -45.76 9.30
N GLU A 1760 29.07 -44.47 9.61
CA GLU A 1760 27.95 -43.58 9.33
C GLU A 1760 27.99 -43.19 7.85
N SER A 1761 27.14 -42.25 7.46
CA SER A 1761 27.07 -41.78 6.08
C SER A 1761 26.93 -40.27 6.08
N PHE A 1762 27.82 -39.60 5.37
CA PHE A 1762 27.88 -38.15 5.34
C PHE A 1762 27.25 -37.59 4.07
N LEU A 1763 26.96 -36.29 4.11
CA LEU A 1763 26.39 -35.55 2.98
C LEU A 1763 27.27 -34.34 2.74
N LYS A 1764 28.29 -34.50 1.90
CA LYS A 1764 29.25 -33.43 1.68
C LYS A 1764 28.69 -32.41 0.69
N ILE A 1765 28.72 -31.15 1.08
CA ILE A 1765 28.38 -30.03 0.20
C ILE A 1765 29.60 -29.14 0.08
N THR A 1766 29.94 -28.78 -1.15
CA THR A 1766 31.07 -27.90 -1.42
C THR A 1766 30.60 -26.75 -2.29
N VAL A 1767 30.89 -25.53 -1.86
CA VAL A 1767 30.45 -24.35 -2.61
C VAL A 1767 31.54 -23.30 -2.58
N PRO A 1768 31.90 -22.68 -3.70
CA PRO A 1768 33.00 -21.70 -3.69
C PRO A 1768 32.71 -20.55 -2.74
N SER A 1769 33.77 -20.07 -2.07
CA SER A 1769 33.60 -19.02 -1.06
C SER A 1769 33.35 -17.66 -1.65
N CYS A 1770 33.09 -17.58 -2.95
CA CYS A 1770 32.76 -16.30 -3.57
C CYS A 1770 31.45 -15.77 -3.00
N ARG A 1771 31.08 -14.58 -3.44
CA ARG A 1771 29.84 -13.99 -2.93
C ARG A 1771 28.62 -14.73 -3.44
N LYS A 1772 28.64 -15.15 -4.70
CA LYS A 1772 27.51 -15.92 -5.22
C LYS A 1772 27.44 -17.27 -4.52
N GLY A 1773 28.60 -17.78 -4.12
CA GLY A 1773 28.65 -19.06 -3.41
C GLY A 1773 27.86 -19.06 -2.12
N CYS A 1774 27.98 -17.99 -1.33
CA CYS A 1774 27.23 -17.96 -0.07
C CYS A 1774 25.73 -18.00 -0.33
N ILE A 1775 25.28 -17.39 -1.42
CA ILE A 1775 23.87 -17.48 -1.80
C ILE A 1775 23.50 -18.92 -2.10
N LEU A 1776 24.33 -19.60 -2.89
CA LEU A 1776 24.09 -21.01 -3.17
C LEU A 1776 24.01 -21.82 -1.88
N LEU A 1777 24.97 -21.60 -0.97
CA LEU A 1777 25.04 -22.39 0.24
C LEU A 1777 23.81 -22.18 1.11
N GLY A 1778 23.41 -20.93 1.30
CA GLY A 1778 22.21 -20.68 2.09
C GLY A 1778 20.96 -21.26 1.46
N GLN A 1779 20.81 -21.10 0.15
CA GLN A 1779 19.59 -21.57 -0.50
C GLN A 1779 19.56 -23.08 -0.63
N VAL A 1780 20.70 -23.75 -0.49
CA VAL A 1780 20.71 -25.21 -0.48
C VAL A 1780 20.54 -25.76 0.94
N VAL A 1781 21.17 -25.14 1.93
CA VAL A 1781 21.01 -25.61 3.30
C VAL A 1781 19.57 -25.43 3.76
N ASP A 1782 18.90 -24.36 3.30
CA ASP A 1782 17.49 -24.21 3.63
C ASP A 1782 16.68 -25.37 3.09
N HIS A 1783 16.88 -25.73 1.82
CA HIS A 1783 16.11 -26.81 1.22
C HIS A 1783 16.50 -28.18 1.76
N ILE A 1784 17.68 -28.31 2.36
CA ILE A 1784 18.06 -29.58 2.97
C ILE A 1784 17.59 -29.68 4.42
N ASP A 1785 17.39 -28.56 5.09
CA ASP A 1785 16.95 -28.58 6.49
C ASP A 1785 15.43 -28.57 6.60
N SER A 1786 14.76 -27.73 5.82
CA SER A 1786 13.30 -27.70 5.84
C SER A 1786 12.72 -29.05 5.51
N LEU A 1787 13.35 -29.80 4.61
CA LEU A 1787 12.90 -31.15 4.31
C LEU A 1787 12.97 -32.02 5.56
N MET A 1788 14.11 -32.02 6.23
CA MET A 1788 14.33 -32.94 7.34
C MET A 1788 13.29 -32.77 8.44
N GLU A 1789 12.86 -31.53 8.68
CA GLU A 1789 11.84 -31.28 9.69
C GLU A 1789 10.43 -31.38 9.13
N GLU A 1790 10.27 -31.50 7.83
CA GLU A 1790 8.94 -31.68 7.24
C GLU A 1790 8.57 -33.13 7.10
N TRP A 1791 9.53 -34.01 6.84
CA TRP A 1791 9.26 -35.42 6.65
C TRP A 1791 9.84 -36.32 7.72
N PHE A 1792 10.97 -35.95 8.33
CA PHE A 1792 11.69 -36.82 9.25
C PHE A 1792 11.88 -36.12 10.58
N PRO A 1793 10.79 -35.87 11.31
CA PRO A 1793 10.92 -35.16 12.60
C PRO A 1793 11.56 -35.99 13.69
N GLY A 1794 11.84 -37.26 13.44
CA GLY A 1794 12.51 -38.09 14.44
C GLY A 1794 14.00 -37.83 14.51
N LEU A 1795 14.62 -37.58 13.35
CA LEU A 1795 16.06 -37.32 13.32
C LEU A 1795 16.37 -36.05 14.09
N LEU A 1796 15.89 -34.90 13.61
CA LEU A 1796 16.17 -33.63 14.28
C LEU A 1796 15.28 -33.46 15.51
N GLU A 1797 15.30 -34.50 16.34
CA GLU A 1797 14.56 -34.51 17.61
C GLU A 1797 15.58 -34.83 18.70
N ILE A 1798 16.01 -33.81 19.43
CA ILE A 1798 17.04 -34.00 20.44
C ILE A 1798 16.46 -34.86 21.57
N ASP A 1799 16.98 -36.07 21.70
CA ASP A 1799 16.53 -37.01 22.72
C ASP A 1799 17.27 -36.71 24.02
N ILE A 1800 16.62 -35.93 24.90
CA ILE A 1800 17.22 -35.63 26.19
C ILE A 1800 17.43 -36.90 27.00
N CYS A 1801 16.56 -37.90 26.80
CA CYS A 1801 16.83 -39.23 27.33
C CYS A 1801 18.13 -39.75 26.73
N GLY A 1802 19.09 -40.09 27.59
CA GLY A 1802 20.42 -40.35 27.13
C GLY A 1802 21.20 -39.05 26.99
N GLU A 1803 21.51 -38.66 25.76
CA GLU A 1803 22.18 -37.39 25.51
C GLU A 1803 21.70 -36.81 24.18
N GLY A 1804 22.03 -35.55 23.95
CA GLY A 1804 21.60 -34.86 22.76
C GLY A 1804 22.33 -35.29 21.51
N GLU A 1805 22.13 -36.55 21.10
CA GLU A 1805 22.77 -37.05 19.89
C GLU A 1805 22.20 -36.36 18.66
N THR A 1806 20.87 -36.29 18.56
CA THR A 1806 20.15 -35.61 17.49
C THR A 1806 20.30 -36.33 16.16
N LEU A 1807 21.15 -37.37 16.13
CA LEU A 1807 21.25 -38.28 14.99
C LEU A 1807 21.63 -37.56 13.70
N LEU A 1808 21.81 -36.25 13.77
CA LEU A 1808 22.08 -35.42 12.61
C LEU A 1808 23.09 -34.36 13.05
N LYS A 1809 24.36 -34.70 12.96
CA LYS A 1809 25.44 -33.86 13.48
C LYS A 1809 25.99 -33.05 12.32
N LYS A 1810 25.33 -31.93 12.04
CA LYS A 1810 25.73 -31.08 10.91
C LYS A 1810 27.03 -30.38 11.24
N TRP A 1811 28.13 -30.88 10.70
CA TRP A 1811 29.44 -30.31 10.95
C TRP A 1811 29.65 -29.06 10.10
N ALA A 1812 30.73 -28.33 10.44
CA ALA A 1812 31.27 -27.29 9.59
C ALA A 1812 32.77 -27.47 9.56
N LEU A 1813 33.37 -27.29 8.38
CA LEU A 1813 34.78 -27.57 8.17
C LEU A 1813 35.52 -26.26 7.93
N TYR A 1814 36.50 -25.97 8.80
CA TYR A 1814 37.30 -24.76 8.67
C TYR A 1814 38.76 -25.08 8.93
N SER A 1815 39.64 -24.32 8.28
CA SER A 1815 41.07 -24.57 8.35
C SER A 1815 41.83 -23.26 8.46
N PHE A 1816 42.70 -23.15 9.47
CA PHE A 1816 43.51 -21.96 9.64
C PHE A 1816 44.54 -21.83 8.53
N ASN A 1817 45.26 -22.91 8.25
CA ASN A 1817 46.36 -22.89 7.27
C ASN A 1817 45.76 -22.74 5.88
N ASP A 1818 45.76 -21.51 5.38
CA ASP A 1818 45.13 -21.22 4.09
C ASP A 1818 45.79 -22.02 2.98
N GLY A 1819 45.09 -23.03 2.49
CA GLY A 1819 45.67 -23.95 1.52
C GLY A 1819 46.63 -24.91 2.19
N GLU A 1820 46.64 -26.17 1.73
CA GLU A 1820 47.55 -27.18 2.25
C GLU A 1820 47.47 -27.30 3.77
N GLU A 1821 46.26 -27.14 4.32
CA GLU A 1821 46.07 -27.31 5.76
C GLU A 1821 46.29 -28.74 6.22
N HIS A 1822 46.30 -29.70 5.30
CA HIS A 1822 46.61 -31.10 5.56
C HIS A 1822 45.51 -31.77 6.38
N GLN A 1823 44.51 -31.00 6.82
CA GLN A 1823 43.37 -31.50 7.55
C GLN A 1823 42.36 -30.39 7.70
N LYS A 1824 41.09 -30.71 7.55
CA LYS A 1824 40.00 -29.77 7.77
C LYS A 1824 39.48 -29.97 9.19
N ILE A 1825 39.38 -28.87 9.94
CA ILE A 1825 39.02 -28.94 11.35
C ILE A 1825 37.50 -28.90 11.48
N LEU A 1826 36.96 -29.88 12.21
CA LEU A 1826 35.54 -29.99 12.46
C LEU A 1826 35.06 -28.89 13.39
N LEU A 1827 33.76 -28.63 13.33
CA LEU A 1827 33.11 -27.84 14.38
C LEU A 1827 31.62 -28.09 14.32
N ASP A 1828 31.04 -28.59 15.41
CA ASP A 1828 29.61 -28.83 15.45
C ASP A 1828 28.87 -27.51 15.25
N ASP A 1829 27.85 -27.55 14.39
CA ASP A 1829 27.20 -26.31 13.98
C ASP A 1829 26.52 -25.63 15.15
N LEU A 1830 25.92 -26.39 16.06
CA LEU A 1830 25.28 -25.80 17.22
C LEU A 1830 26.27 -25.03 18.07
N MET A 1831 27.42 -25.65 18.39
CA MET A 1831 28.41 -24.98 19.23
C MET A 1831 28.97 -23.74 18.55
N LYS A 1832 29.14 -23.77 17.23
CA LYS A 1832 29.60 -22.58 16.53
C LYS A 1832 28.52 -21.50 16.57
N LYS A 1833 27.26 -21.89 16.48
CA LYS A 1833 26.17 -20.93 16.63
C LYS A 1833 26.20 -20.29 18.01
N ALA A 1834 26.65 -21.04 19.02
CA ALA A 1834 26.86 -20.43 20.33
C ALA A 1834 27.95 -19.37 20.28
N GLU A 1835 28.86 -19.48 19.32
CA GLU A 1835 29.86 -18.44 19.11
C GLU A 1835 29.27 -17.33 18.25
N GLU A 1836 28.14 -16.79 18.66
CA GLU A 1836 27.51 -15.68 17.98
C GLU A 1836 27.76 -14.33 18.66
N GLY A 1837 28.16 -14.35 19.93
CA GLY A 1837 28.53 -13.11 20.59
C GLY A 1837 29.71 -12.41 19.94
N ASP A 1838 30.49 -13.13 19.15
CA ASP A 1838 31.55 -12.57 18.32
C ASP A 1838 31.21 -12.82 16.85
N LEU A 1839 32.15 -12.49 15.97
CA LEU A 1839 31.98 -12.72 14.55
C LEU A 1839 33.12 -13.51 13.94
N LEU A 1840 34.19 -13.77 14.69
CA LEU A 1840 35.34 -14.53 14.20
C LEU A 1840 35.61 -15.70 15.14
N VAL A 1841 36.10 -16.80 14.58
CA VAL A 1841 36.46 -17.98 15.34
C VAL A 1841 37.98 -18.05 15.44
N ASN A 1842 38.46 -18.65 16.52
CA ASN A 1842 39.90 -18.79 16.71
C ASN A 1842 40.18 -19.93 17.66
N PRO A 1843 41.27 -20.69 17.46
CA PRO A 1843 41.54 -21.84 18.31
C PRO A 1843 42.09 -21.44 19.66
N ASP A 1844 42.57 -22.43 20.42
CA ASP A 1844 43.25 -22.14 21.68
C ASP A 1844 44.46 -21.25 21.47
N GLN A 1845 45.01 -21.23 20.26
CA GLN A 1845 46.12 -20.37 19.87
C GLN A 1845 45.55 -19.11 19.21
N PRO A 1846 45.55 -17.98 19.90
CA PRO A 1846 44.70 -16.84 19.50
C PRO A 1846 45.34 -15.80 18.59
N ARG A 1847 46.54 -16.03 18.04
CA ARG A 1847 47.12 -15.00 17.18
C ARG A 1847 46.42 -14.94 15.83
N LEU A 1848 46.06 -16.09 15.27
CA LEU A 1848 45.42 -16.19 13.98
C LEU A 1848 43.97 -16.63 14.15
N THR A 1849 43.12 -16.23 13.20
CA THR A 1849 41.69 -16.42 13.35
C THR A 1849 41.02 -16.43 11.99
N ILE A 1850 39.81 -16.98 11.95
CA ILE A 1850 39.04 -17.14 10.72
C ILE A 1850 37.74 -16.35 10.86
N PRO A 1851 37.25 -15.72 9.79
CA PRO A 1851 35.94 -15.05 9.88
C PRO A 1851 34.79 -16.04 9.72
N ILE A 1852 33.85 -16.00 10.66
CA ILE A 1852 32.67 -16.85 10.59
C ILE A 1852 31.89 -16.56 9.32
N SER A 1853 31.94 -15.32 8.83
CA SER A 1853 31.32 -14.97 7.56
C SER A 1853 31.97 -15.66 6.36
N GLN A 1854 32.97 -16.51 6.58
CA GLN A 1854 33.61 -17.24 5.50
C GLN A 1854 33.48 -18.76 5.62
N ILE A 1855 33.15 -19.29 6.79
CA ILE A 1855 33.02 -20.73 6.97
C ILE A 1855 31.58 -21.17 7.15
N ALA A 1856 30.65 -20.25 7.35
CA ALA A 1856 29.24 -20.57 7.43
C ALA A 1856 28.42 -19.31 7.15
N PRO A 1857 28.40 -18.83 5.92
CA PRO A 1857 27.72 -17.56 5.63
C PRO A 1857 26.21 -17.65 5.70
N ASP A 1858 25.68 -18.78 6.15
CA ASP A 1858 24.24 -18.92 6.35
C ASP A 1858 23.81 -18.53 7.75
N LEU A 1859 24.58 -18.92 8.78
CA LEU A 1859 24.25 -18.52 10.14
C LEU A 1859 24.25 -17.01 10.28
N ILE A 1860 25.34 -16.36 9.89
CA ILE A 1860 25.34 -14.92 9.75
C ILE A 1860 24.59 -14.55 8.48
N LEU A 1861 23.75 -13.53 8.57
CA LEU A 1861 22.89 -13.19 7.43
C LEU A 1861 23.71 -12.57 6.32
N ALA A 1862 24.59 -13.37 5.72
CA ALA A 1862 25.50 -12.89 4.68
C ALA A 1862 25.10 -13.33 3.28
N ASP A 1863 24.32 -14.40 3.15
CA ASP A 1863 23.92 -14.86 1.82
C ASP A 1863 22.97 -13.87 1.16
N LEU A 1864 22.27 -13.07 1.95
CA LEU A 1864 21.35 -12.09 1.41
C LEU A 1864 22.12 -10.96 0.72
N PRO A 1865 21.45 -10.19 -0.16
CA PRO A 1865 22.06 -8.97 -0.71
C PRO A 1865 22.78 -8.15 0.34
N ARG A 1866 24.08 -7.91 0.12
CA ARG A 1866 24.98 -7.43 1.15
C ARG A 1866 24.57 -6.07 1.70
N ASN A 1867 23.73 -5.32 0.98
CA ASN A 1867 23.33 -4.00 1.43
C ASN A 1867 22.48 -4.03 2.70
N ILE A 1868 22.00 -5.21 3.12
CA ILE A 1868 21.14 -5.30 4.28
C ILE A 1868 21.89 -5.92 5.45
N MET A 1869 23.22 -5.79 5.45
CA MET A 1869 24.01 -6.23 6.58
C MET A 1869 23.85 -5.24 7.72
N LEU A 1870 23.85 -5.76 8.95
CA LEU A 1870 23.37 -5.00 10.10
C LEU A 1870 24.20 -3.73 10.33
N ASN A 1871 25.52 -3.85 10.30
CA ASN A 1871 26.43 -2.75 10.63
C ASN A 1871 26.14 -2.23 12.04
N ASN A 1872 26.40 -3.09 13.03
CA ASN A 1872 26.03 -2.80 14.40
C ASN A 1872 26.72 -1.56 14.96
N ASP A 1873 27.81 -1.11 14.35
CA ASP A 1873 28.55 0.02 14.91
C ASP A 1873 27.74 1.31 14.87
N GLU A 1874 27.03 1.56 13.78
CA GLU A 1874 26.31 2.82 13.60
C GLU A 1874 24.90 2.78 14.16
N LEU A 1875 24.46 1.66 14.72
CA LEU A 1875 23.13 1.55 15.30
C LEU A 1875 23.11 2.21 16.67
N GLU A 1876 22.59 3.43 16.75
CA GLU A 1876 22.35 4.10 18.03
C GLU A 1876 20.98 3.62 18.51
N PHE A 1877 20.97 2.67 19.44
CA PHE A 1877 19.74 1.97 19.78
C PHE A 1877 19.77 1.59 21.25
N GLU A 1878 18.61 1.68 21.91
CA GLU A 1878 18.46 1.31 23.31
C GLU A 1878 17.19 0.47 23.42
N GLN A 1879 17.36 -0.85 23.48
CA GLN A 1879 16.21 -1.75 23.62
C GLN A 1879 15.54 -1.56 24.98
N ALA A 1880 16.34 -1.45 26.04
CA ALA A 1880 15.84 -1.44 27.42
C ALA A 1880 14.71 -0.45 27.70
N PRO A 1881 14.79 0.83 27.30
CA PRO A 1881 13.72 1.76 27.66
C PRO A 1881 12.42 1.43 26.94
N GLU A 1882 11.31 1.81 27.59
CA GLU A 1882 9.99 1.65 27.01
C GLU A 1882 9.43 2.94 26.44
N PHE A 1883 10.04 4.09 26.73
CA PHE A 1883 9.63 5.30 26.04
C PHE A 1883 10.14 5.35 24.61
N LEU A 1884 11.20 4.61 24.30
CA LEU A 1884 11.59 4.40 22.91
C LEU A 1884 10.85 3.23 22.28
N LEU A 1885 9.96 2.59 23.02
CA LEU A 1885 9.03 1.60 22.50
C LEU A 1885 7.83 2.24 21.82
N GLY A 1886 7.82 3.58 21.74
CA GLY A 1886 6.68 4.36 21.33
C GLY A 1886 5.88 3.81 20.17
N ASP A 1887 6.54 3.11 19.26
CA ASP A 1887 5.84 2.43 18.17
C ASP A 1887 5.17 1.19 18.72
N GLY A 1888 3.84 1.21 18.77
CA GLY A 1888 3.10 0.04 19.20
C GLY A 1888 2.92 -0.05 20.71
N SER A 1889 1.66 -0.12 21.16
CA SER A 1889 1.38 -0.22 22.58
C SER A 1889 1.89 -1.56 23.12
N PHE A 1890 2.83 -1.48 24.08
CA PHE A 1890 3.56 -2.63 24.63
C PHE A 1890 3.93 -3.66 23.57
N GLY A 1891 4.32 -3.20 22.39
CA GLY A 1891 4.63 -4.07 21.28
C GLY A 1891 6.06 -4.56 21.30
N SER A 1892 6.60 -4.80 20.10
CA SER A 1892 7.97 -5.28 19.95
C SER A 1892 8.77 -4.48 18.94
N VAL A 1893 8.23 -3.38 18.42
CA VAL A 1893 8.91 -2.52 17.46
C VAL A 1893 9.26 -1.21 18.15
N TYR A 1894 10.55 -0.86 18.15
CA TYR A 1894 11.03 0.28 18.89
C TYR A 1894 11.38 1.43 17.95
N ARG A 1895 11.97 2.49 18.51
CA ARG A 1895 12.42 3.64 17.74
C ARG A 1895 13.85 3.95 18.15
N ALA A 1896 14.72 4.16 17.17
CA ALA A 1896 16.13 4.39 17.44
C ALA A 1896 16.75 5.14 16.27
N ALA A 1897 18.06 5.32 16.31
CA ALA A 1897 18.80 6.02 15.29
C ALA A 1897 19.82 5.09 14.64
N TYR A 1898 20.05 5.31 13.36
CA TYR A 1898 20.95 4.48 12.58
C TYR A 1898 21.32 5.25 11.32
N GLU A 1899 22.61 5.27 10.99
CA GLU A 1899 23.13 6.10 9.90
C GLU A 1899 22.74 7.55 10.07
N GLY A 1900 22.58 7.99 11.33
CA GLY A 1900 22.19 9.35 11.62
C GLY A 1900 20.72 9.67 11.41
N GLU A 1901 19.92 8.70 10.99
CA GLU A 1901 18.51 8.92 10.73
C GLU A 1901 17.66 8.06 11.65
N GLU A 1902 16.43 8.51 11.88
CA GLU A 1902 15.52 7.79 12.76
C GLU A 1902 14.92 6.61 12.03
N VAL A 1903 15.05 5.41 12.62
CA VAL A 1903 14.51 4.19 12.06
C VAL A 1903 13.91 3.36 13.18
N ALA A 1904 13.07 2.40 12.80
CA ALA A 1904 12.34 1.58 13.77
C ALA A 1904 12.90 0.16 13.71
N VAL A 1905 13.54 -0.26 14.79
CA VAL A 1905 13.96 -1.65 14.90
C VAL A 1905 12.77 -2.51 15.27
N LYS A 1906 12.89 -3.81 14.99
CA LYS A 1906 11.83 -4.76 15.33
C LYS A 1906 12.49 -5.92 16.07
N ILE A 1907 12.61 -5.78 17.40
CA ILE A 1907 13.23 -6.82 18.19
C ILE A 1907 12.35 -8.06 18.17
N PHE A 1908 12.94 -9.18 17.77
CA PHE A 1908 12.23 -10.45 17.69
C PHE A 1908 12.29 -11.17 19.03
N ASN A 1909 11.21 -11.86 19.36
CA ASN A 1909 11.16 -12.69 20.55
C ASN A 1909 11.87 -14.02 20.27
N LYS A 1910 11.68 -14.99 21.14
CA LYS A 1910 12.32 -16.30 20.98
C LYS A 1910 11.56 -17.22 20.03
N HIS A 1911 10.43 -16.76 19.50
CA HIS A 1911 9.64 -17.61 18.61
C HIS A 1911 10.38 -17.90 17.30
N THR A 1912 10.87 -16.86 16.65
CA THR A 1912 11.44 -16.98 15.31
C THR A 1912 12.77 -17.72 15.37
N SER A 1913 12.79 -18.94 14.85
CA SER A 1913 14.05 -19.61 14.58
C SER A 1913 14.81 -18.89 13.47
N LEU A 1914 16.14 -18.87 13.58
CA LEU A 1914 16.95 -18.11 12.63
C LEU A 1914 16.67 -18.52 11.20
N ARG A 1915 16.41 -19.81 10.98
CA ARG A 1915 16.08 -20.26 9.63
C ARG A 1915 14.81 -19.57 9.13
N LEU A 1916 13.81 -19.42 10.00
CA LEU A 1916 12.60 -18.72 9.60
C LEU A 1916 12.88 -17.25 9.33
N LEU A 1917 13.77 -16.64 10.13
CA LEU A 1917 14.13 -15.25 9.89
C LEU A 1917 14.75 -15.07 8.51
N ARG A 1918 15.66 -15.97 8.14
CA ARG A 1918 16.24 -15.92 6.80
C ARG A 1918 15.19 -16.20 5.73
N GLN A 1919 14.25 -17.10 6.02
CA GLN A 1919 13.18 -17.41 5.06
C GLN A 1919 12.27 -16.20 4.84
N GLU A 1920 12.13 -15.34 5.83
CA GLU A 1920 11.34 -14.12 5.65
C GLU A 1920 12.17 -13.03 4.96
N LEU A 1921 13.44 -12.91 5.34
CA LEU A 1921 14.28 -11.87 4.76
C LEU A 1921 14.49 -12.08 3.27
N VAL A 1922 14.58 -13.35 2.83
CA VAL A 1922 14.83 -13.60 1.41
C VAL A 1922 13.71 -13.04 0.55
N VAL A 1923 12.46 -13.15 1.00
CA VAL A 1923 11.36 -12.61 0.22
C VAL A 1923 11.20 -11.11 0.47
N LEU A 1924 11.49 -10.63 1.69
CA LEU A 1924 11.32 -9.21 1.96
C LEU A 1924 12.38 -8.36 1.27
N CYS A 1925 13.50 -8.95 0.86
CA CYS A 1925 14.64 -8.13 0.46
C CYS A 1925 14.59 -7.67 -0.99
N HIS A 1926 13.61 -8.09 -1.79
CA HIS A 1926 13.56 -7.65 -3.18
C HIS A 1926 12.15 -7.22 -3.57
N LEU A 1927 11.51 -6.39 -2.76
CA LEU A 1927 10.27 -5.74 -3.15
C LEU A 1927 10.49 -4.30 -3.59
N HIS A 1928 10.99 -3.45 -2.70
CA HIS A 1928 11.56 -2.15 -3.06
C HIS A 1928 10.60 -1.31 -3.90
N HIS A 1929 9.49 -0.93 -3.28
CA HIS A 1929 8.52 -0.09 -3.96
C HIS A 1929 8.26 1.15 -3.11
N PRO A 1930 8.02 2.31 -3.75
CA PRO A 1930 7.85 3.55 -3.00
C PRO A 1930 6.63 3.57 -2.08
N SER A 1931 5.80 2.55 -2.15
CA SER A 1931 4.66 2.42 -1.25
C SER A 1931 4.72 1.08 -0.52
N LEU A 1932 5.90 0.70 -0.07
CA LEU A 1932 6.10 -0.51 0.71
C LEU A 1932 7.20 -0.26 1.72
N ILE A 1933 6.93 -0.60 2.98
CA ILE A 1933 7.93 -0.52 4.03
C ILE A 1933 9.13 -1.35 3.60
N SER A 1934 10.29 -0.72 3.49
CA SER A 1934 11.48 -1.35 2.97
C SER A 1934 12.50 -1.60 4.08
N LEU A 1935 13.19 -2.73 3.98
CA LEU A 1935 14.22 -3.05 4.95
C LEU A 1935 15.44 -2.14 4.78
N LEU A 1936 16.14 -1.93 5.87
CA LEU A 1936 17.40 -1.22 5.85
C LEU A 1936 18.56 -2.07 6.32
N ALA A 1937 18.37 -2.86 7.38
CA ALA A 1937 19.40 -3.74 7.89
C ALA A 1937 18.76 -4.83 8.73
N ALA A 1938 19.52 -5.89 8.96
CA ALA A 1938 19.08 -6.97 9.82
C ALA A 1938 20.33 -7.72 10.27
N GLY A 1939 20.27 -8.27 11.48
CA GLY A 1939 21.44 -8.97 11.97
C GLY A 1939 21.20 -9.59 13.33
N ILE A 1940 22.29 -10.05 13.91
CA ILE A 1940 22.28 -10.78 15.15
C ILE A 1940 22.76 -9.85 16.26
N ARG A 1941 22.66 -10.32 17.50
CA ARG A 1941 23.07 -9.59 18.69
C ARG A 1941 22.29 -8.30 18.84
N PRO A 1942 20.98 -8.34 19.09
CA PRO A 1942 20.11 -9.52 19.11
C PRO A 1942 19.58 -9.85 17.72
N ARG A 1943 18.73 -10.86 17.60
CA ARG A 1943 18.15 -11.20 16.30
C ARG A 1943 17.12 -10.15 15.92
N MET A 1944 17.58 -9.07 15.29
CA MET A 1944 16.74 -7.89 15.11
C MET A 1944 16.50 -7.59 13.63
N LEU A 1945 15.89 -6.43 13.38
CA LEU A 1945 15.48 -6.02 12.04
C LEU A 1945 15.18 -4.53 12.07
N VAL A 1946 15.63 -3.79 11.07
CA VAL A 1946 15.50 -2.34 11.01
C VAL A 1946 14.68 -1.97 9.79
N MET A 1947 13.68 -1.11 9.97
CA MET A 1947 12.88 -0.60 8.86
C MET A 1947 12.71 0.90 9.02
N GLU A 1948 12.13 1.52 7.99
CA GLU A 1948 11.95 2.95 7.99
C GLU A 1948 10.90 3.38 9.01
N LEU A 1949 11.16 4.48 9.70
CA LEU A 1949 10.30 4.93 10.78
C LEU A 1949 9.15 5.75 10.19
N ALA A 1950 7.94 5.18 10.23
CA ALA A 1950 6.75 5.90 9.83
C ALA A 1950 6.41 6.91 10.91
N SER A 1951 6.73 8.18 10.64
CA SER A 1951 6.65 9.22 11.67
C SER A 1951 5.27 9.30 12.30
N LYS A 1952 4.23 9.42 11.47
CA LYS A 1952 2.90 9.70 11.98
C LYS A 1952 2.14 8.46 12.41
N GLY A 1953 2.80 7.31 12.54
CA GLY A 1953 2.18 6.14 13.11
C GLY A 1953 1.14 5.50 12.20
N SER A 1954 0.53 4.43 12.70
CA SER A 1954 -0.45 3.68 11.94
C SER A 1954 -1.66 4.54 11.61
N LEU A 1955 -2.40 4.11 10.59
CA LEU A 1955 -3.54 4.89 10.12
C LEU A 1955 -4.67 4.90 11.14
N ASP A 1956 -4.97 3.75 11.73
CA ASP A 1956 -6.14 3.63 12.59
C ASP A 1956 -6.14 4.66 13.70
N ARG A 1957 -4.97 4.93 14.29
CA ARG A 1957 -4.89 5.98 15.29
C ARG A 1957 -5.27 7.34 14.69
N LEU A 1958 -4.71 7.66 13.51
CA LEU A 1958 -4.97 8.95 12.93
C LEU A 1958 -6.45 9.12 12.63
N LEU A 1959 -7.10 8.08 12.13
CA LEU A 1959 -8.52 8.17 11.82
C LEU A 1959 -9.42 7.92 13.02
N GLN A 1960 -8.88 7.61 14.19
CA GLN A 1960 -9.76 7.46 15.34
C GLN A 1960 -9.65 8.56 16.39
N GLN A 1961 -8.50 9.25 16.53
CA GLN A 1961 -8.51 10.45 17.36
C GLN A 1961 -8.09 11.73 16.65
N ASP A 1962 -7.77 11.70 15.36
CA ASP A 1962 -7.33 12.92 14.67
C ASP A 1962 -8.05 13.05 13.34
N LYS A 1963 -9.38 12.93 13.38
CA LYS A 1963 -10.20 13.04 12.17
C LYS A 1963 -10.03 14.38 11.47
N ALA A 1964 -9.62 15.42 12.19
CA ALA A 1964 -9.57 16.77 11.63
C ALA A 1964 -8.41 16.97 10.66
N SER A 1965 -7.57 15.97 10.44
CA SER A 1965 -6.49 16.08 9.47
C SER A 1965 -6.81 15.42 8.14
N LEU A 1966 -7.59 14.35 8.14
CA LEU A 1966 -8.06 13.77 6.89
C LEU A 1966 -8.94 14.79 6.18
N THR A 1967 -8.58 15.13 4.94
CA THR A 1967 -9.11 16.35 4.34
C THR A 1967 -9.55 16.16 2.88
N ARG A 1968 -10.03 14.96 2.53
CA ARG A 1968 -10.65 14.71 1.23
C ARG A 1968 -9.65 14.84 0.08
N THR A 1969 -8.40 15.15 0.38
CA THR A 1969 -7.32 15.02 -0.58
C THR A 1969 -6.13 14.26 -0.02
N LEU A 1970 -6.04 14.11 1.30
CA LEU A 1970 -5.15 13.13 1.90
C LEU A 1970 -5.81 11.77 1.96
N GLN A 1971 -7.13 11.74 2.12
CA GLN A 1971 -7.89 10.49 2.09
C GLN A 1971 -7.86 9.90 0.69
N HIS A 1972 -7.39 10.69 -0.27
CA HIS A 1972 -7.20 10.20 -1.63
C HIS A 1972 -5.77 9.79 -1.91
N ARG A 1973 -4.78 10.54 -1.42
CA ARG A 1973 -3.39 10.12 -1.57
C ARG A 1973 -3.13 8.82 -0.84
N ILE A 1974 -3.71 8.65 0.35
CA ILE A 1974 -3.53 7.42 1.10
C ILE A 1974 -4.07 6.24 0.30
N ALA A 1975 -5.28 6.37 -0.21
CA ALA A 1975 -5.89 5.29 -0.98
C ALA A 1975 -5.09 5.01 -2.25
N LEU A 1976 -4.61 6.05 -2.91
CA LEU A 1976 -3.81 5.85 -4.12
C LEU A 1976 -2.53 5.10 -3.80
N HIS A 1977 -1.85 5.47 -2.72
CA HIS A 1977 -0.59 4.81 -2.39
C HIS A 1977 -0.83 3.35 -1.98
N VAL A 1978 -1.90 3.09 -1.24
CA VAL A 1978 -2.20 1.71 -0.85
C VAL A 1978 -2.56 0.88 -2.07
N ALA A 1979 -3.34 1.45 -3.00
CA ALA A 1979 -3.66 0.74 -4.23
C ALA A 1979 -2.41 0.50 -5.06
N ASP A 1980 -1.46 1.43 -5.05
CA ASP A 1980 -0.19 1.21 -5.72
C ASP A 1980 0.57 0.06 -5.08
N GLY A 1981 0.57 -0.01 -3.75
CA GLY A 1981 1.19 -1.13 -3.07
C GLY A 1981 0.58 -2.45 -3.46
N LEU A 1982 -0.75 -2.53 -3.48
CA LEU A 1982 -1.41 -3.76 -3.89
C LEU A 1982 -1.10 -4.09 -5.35
N ARG A 1983 -1.11 -3.08 -6.23
CA ARG A 1983 -0.83 -3.32 -7.64
C ARG A 1983 0.58 -3.82 -7.85
N TYR A 1984 1.52 -3.40 -7.00
CA TYR A 1984 2.86 -3.97 -7.09
C TYR A 1984 2.91 -5.39 -6.55
N LEU A 1985 2.28 -5.61 -5.39
CA LEU A 1985 2.26 -6.95 -4.81
C LEU A 1985 1.57 -7.95 -5.73
N HIS A 1986 0.36 -7.61 -6.15
CA HIS A 1986 -0.40 -8.51 -7.02
C HIS A 1986 0.30 -8.73 -8.35
N SER A 1987 1.16 -7.80 -8.77
CA SER A 1987 1.98 -8.04 -9.96
C SER A 1987 3.15 -8.96 -9.65
N ALA A 1988 3.70 -8.86 -8.44
CA ALA A 1988 4.75 -9.77 -8.00
C ALA A 1988 4.20 -11.11 -7.54
N MET A 1989 2.92 -11.37 -7.80
CA MET A 1989 2.26 -12.64 -7.51
C MET A 1989 2.43 -13.03 -6.03
N ILE A 1990 1.96 -12.16 -5.17
CA ILE A 1990 1.80 -12.48 -3.75
C ILE A 1990 0.68 -11.63 -3.18
N ILE A 1991 -0.29 -12.27 -2.56
CA ILE A 1991 -1.45 -11.57 -2.01
C ILE A 1991 -1.16 -11.19 -0.57
N TYR A 1992 -1.58 -9.97 -0.20
CA TYR A 1992 -1.25 -9.44 1.12
C TYR A 1992 -2.08 -10.09 2.21
N ARG A 1993 -3.33 -10.43 1.90
CA ARG A 1993 -4.17 -11.33 2.69
C ARG A 1993 -4.69 -10.72 3.99
N ASP A 1994 -4.15 -9.58 4.40
CA ASP A 1994 -4.60 -8.95 5.65
C ASP A 1994 -4.23 -7.48 5.59
N LEU A 1995 -5.21 -6.64 5.23
CA LEU A 1995 -5.00 -5.20 5.11
C LEU A 1995 -6.05 -4.49 5.92
N LYS A 1996 -5.62 -3.72 6.92
CA LYS A 1996 -6.51 -3.04 7.83
C LYS A 1996 -5.88 -1.70 8.17
N PRO A 1997 -6.67 -0.73 8.65
CA PRO A 1997 -6.10 0.56 9.02
C PRO A 1997 -5.03 0.46 10.09
N HIS A 1998 -4.83 -0.73 10.64
CA HIS A 1998 -3.71 -1.00 11.52
C HIS A 1998 -2.43 -1.27 10.75
N ASN A 1999 -2.51 -1.50 9.44
CA ASN A 1999 -1.35 -1.84 8.62
C ASN A 1999 -1.05 -0.79 7.56
N VAL A 2000 -1.56 0.43 7.72
CA VAL A 2000 -1.23 1.52 6.82
C VAL A 2000 -0.41 2.52 7.64
N LEU A 2001 0.86 2.68 7.28
CA LEU A 2001 1.80 3.49 8.03
C LEU A 2001 2.01 4.81 7.30
N LEU A 2002 1.45 5.88 7.84
CA LEU A 2002 1.62 7.20 7.24
C LEU A 2002 3.05 7.70 7.44
N PHE A 2003 3.39 8.76 6.70
CA PHE A 2003 4.72 9.34 6.81
C PHE A 2003 4.63 10.84 7.06
N THR A 2004 3.58 11.47 6.56
CA THR A 2004 3.41 12.91 6.71
C THR A 2004 1.97 13.26 6.33
N LEU A 2005 1.43 14.28 6.99
CA LEU A 2005 0.08 14.74 6.73
C LEU A 2005 0.03 15.90 5.76
N TYR A 2006 1.11 16.14 5.01
CA TYR A 2006 1.13 17.20 4.01
C TYR A 2006 0.66 16.61 2.68
N PRO A 2007 -0.50 17.01 2.15
CA PRO A 2007 -1.05 16.31 0.97
C PRO A 2007 -0.10 16.19 -0.20
N ASN A 2008 0.54 17.27 -0.61
CA ASN A 2008 1.31 17.26 -1.84
C ASN A 2008 2.70 16.66 -1.64
N ALA A 2009 2.76 15.47 -1.04
CA ALA A 2009 4.03 14.82 -0.76
C ALA A 2009 4.27 13.69 -1.76
N ALA A 2010 5.50 13.20 -1.77
CA ALA A 2010 5.85 12.10 -2.65
C ALA A 2010 5.65 10.74 -2.01
N ILE A 2011 5.81 10.64 -0.69
CA ILE A 2011 5.64 9.38 0.02
C ILE A 2011 4.81 9.61 1.26
N ILE A 2012 3.54 9.23 1.23
CA ILE A 2012 2.62 9.44 2.35
C ILE A 2012 2.27 8.12 3.03
N ALA A 2013 1.64 7.21 2.30
CA ALA A 2013 1.18 5.95 2.87
C ALA A 2013 2.11 4.82 2.46
N LYS A 2014 2.23 3.83 3.34
CA LYS A 2014 3.11 2.69 3.09
C LYS A 2014 2.60 1.53 3.93
N ILE A 2015 2.19 0.46 3.27
CA ILE A 2015 1.62 -0.68 3.98
C ILE A 2015 2.74 -1.57 4.49
N ALA A 2016 2.59 -2.05 5.71
CA ALA A 2016 3.61 -2.91 6.32
C ALA A 2016 3.60 -4.28 5.63
N ASP A 2017 4.71 -4.63 5.01
CA ASP A 2017 4.81 -5.88 4.26
C ASP A 2017 5.36 -7.03 5.08
N TYR A 2018 5.63 -6.83 6.37
CA TYR A 2018 6.10 -7.94 7.19
C TYR A 2018 5.05 -9.03 7.32
N GLY A 2019 3.78 -8.68 7.15
CA GLY A 2019 2.72 -9.66 7.26
C GLY A 2019 2.86 -10.80 6.24
N ILE A 2020 3.16 -10.45 4.99
CA ILE A 2020 3.30 -11.49 3.97
C ILE A 2020 4.49 -12.39 4.28
N ALA A 2021 5.56 -11.83 4.85
CA ALA A 2021 6.69 -12.66 5.24
C ALA A 2021 6.28 -13.65 6.32
N GLN A 2022 5.70 -13.14 7.42
CA GLN A 2022 5.29 -14.02 8.51
C GLN A 2022 4.26 -15.04 8.06
N TYR A 2023 3.48 -14.71 7.02
CA TYR A 2023 2.48 -15.63 6.48
C TYR A 2023 3.13 -16.72 5.65
N CYS A 2024 3.84 -16.34 4.59
CA CYS A 2024 4.43 -17.32 3.69
C CYS A 2024 5.58 -18.10 4.31
N CYS A 2025 6.08 -17.71 5.48
CA CYS A 2025 7.15 -18.50 6.09
C CYS A 2025 6.59 -19.68 6.88
N ARG A 2026 5.68 -19.42 7.82
CA ARG A 2026 5.10 -20.44 8.67
C ARG A 2026 3.63 -20.62 8.27
N MET A 2027 3.37 -21.61 7.43
CA MET A 2027 2.02 -21.94 7.01
C MET A 2027 1.62 -23.35 7.43
N THR A 2031 -3.20 -15.73 11.49
CA THR A 2031 -4.04 -14.64 10.99
C THR A 2031 -4.15 -14.68 9.47
N SER A 2032 -3.80 -15.81 8.88
CA SER A 2032 -3.99 -15.99 7.44
C SER A 2032 -5.45 -15.83 7.05
N GLU A 2033 -6.37 -16.18 7.95
CA GLU A 2033 -7.78 -15.95 7.70
C GLU A 2033 -8.18 -14.49 7.84
N GLY A 2034 -7.28 -13.64 8.32
CA GLY A 2034 -7.57 -12.22 8.37
C GLY A 2034 -8.40 -11.80 9.57
N THR A 2035 -8.24 -10.55 9.98
CA THR A 2035 -8.99 -9.98 11.08
C THR A 2035 -10.48 -10.07 10.78
N PRO A 2036 -11.34 -10.33 11.77
CA PRO A 2036 -12.78 -10.49 11.50
C PRO A 2036 -13.40 -9.36 10.70
N GLY A 2037 -13.25 -8.12 11.18
CA GLY A 2037 -13.90 -7.00 10.52
C GLY A 2037 -13.42 -6.78 9.10
N PHE A 2038 -12.10 -6.86 8.89
CA PHE A 2038 -11.48 -6.55 7.60
C PHE A 2038 -11.20 -7.87 6.89
N ARG A 2039 -12.26 -8.46 6.34
CA ARG A 2039 -12.19 -9.82 5.84
C ARG A 2039 -13.15 -9.98 4.68
N ALA A 2040 -12.65 -10.55 3.58
CA ALA A 2040 -13.47 -10.77 2.41
C ALA A 2040 -14.50 -11.87 2.69
N PRO A 2041 -15.64 -11.86 1.96
CA PRO A 2041 -16.67 -12.87 2.23
C PRO A 2041 -16.20 -14.29 2.02
N GLU A 2042 -15.32 -14.52 1.05
CA GLU A 2042 -14.79 -15.86 0.84
C GLU A 2042 -13.75 -16.24 1.89
N VAL A 2043 -13.25 -15.27 2.65
CA VAL A 2043 -12.21 -15.56 3.63
C VAL A 2043 -12.78 -15.96 4.99
N ALA A 2044 -13.92 -15.39 5.39
CA ALA A 2044 -14.52 -15.78 6.67
C ALA A 2044 -15.08 -17.19 6.59
N ARG A 2045 -15.85 -17.48 5.53
CA ARG A 2045 -16.43 -18.82 5.39
C ARG A 2045 -15.37 -19.88 5.20
N GLY A 2046 -14.20 -19.52 4.65
CA GLY A 2046 -13.07 -20.43 4.54
C GLY A 2046 -13.29 -21.63 3.63
N ASN A 2047 -14.46 -21.68 3.00
CA ASN A 2047 -14.78 -22.84 2.15
C ASN A 2047 -13.88 -22.89 0.92
N VAL A 2048 -13.63 -21.76 0.29
CA VAL A 2048 -12.98 -21.69 -1.00
C VAL A 2048 -11.52 -21.28 -0.81
N ILE A 2049 -10.65 -21.77 -1.69
CA ILE A 2049 -9.27 -21.31 -1.70
C ILE A 2049 -9.25 -19.84 -2.12
N TYR A 2050 -8.23 -19.11 -1.64
CA TYR A 2050 -8.29 -17.66 -1.60
C TYR A 2050 -7.77 -17.10 -2.92
N ASN A 2051 -7.75 -15.76 -3.03
CA ASN A 2051 -7.36 -15.13 -4.28
C ASN A 2051 -7.02 -13.67 -4.05
N GLN A 2052 -6.60 -13.00 -5.13
CA GLN A 2052 -6.38 -11.56 -5.11
C GLN A 2052 -7.68 -10.81 -4.88
N GLN A 2053 -8.81 -11.41 -5.25
CA GLN A 2053 -10.11 -10.78 -5.09
C GLN A 2053 -10.53 -10.69 -3.63
N ALA A 2054 -9.74 -11.25 -2.71
CA ALA A 2054 -9.93 -11.01 -1.30
C ALA A 2054 -9.17 -9.79 -0.83
N ASP A 2055 -7.95 -9.59 -1.36
CA ASP A 2055 -7.25 -8.34 -1.10
C ASP A 2055 -8.01 -7.16 -1.68
N VAL A 2056 -8.70 -7.35 -2.81
CA VAL A 2056 -9.49 -6.27 -3.35
C VAL A 2056 -10.64 -5.91 -2.43
N TYR A 2057 -11.29 -6.92 -1.83
CA TYR A 2057 -12.37 -6.65 -0.90
C TYR A 2057 -11.85 -6.00 0.38
N SER A 2058 -10.69 -6.42 0.85
CA SER A 2058 -10.07 -5.76 1.99
C SER A 2058 -9.78 -4.30 1.67
N PHE A 2059 -9.36 -4.02 0.44
CA PHE A 2059 -9.15 -2.63 0.03
C PHE A 2059 -10.47 -1.87 0.00
N GLY A 2060 -11.54 -2.51 -0.43
CA GLY A 2060 -12.85 -1.87 -0.38
C GLY A 2060 -13.24 -1.49 1.03
N LEU A 2061 -13.02 -2.39 1.99
CA LEU A 2061 -13.33 -2.06 3.38
C LEU A 2061 -12.40 -0.97 3.90
N LEU A 2062 -11.14 -0.97 3.48
CA LEU A 2062 -10.25 0.12 3.85
C LEU A 2062 -10.77 1.45 3.34
N LEU A 2063 -11.24 1.49 2.10
CA LEU A 2063 -11.83 2.71 1.56
C LEU A 2063 -13.03 3.13 2.37
N TYR A 2064 -13.89 2.18 2.74
CA TYR A 2064 -15.06 2.55 3.54
C TYR A 2064 -14.66 3.11 4.89
N ASP A 2065 -13.63 2.54 5.52
CA ASP A 2065 -13.21 3.07 6.82
C ASP A 2065 -12.59 4.45 6.67
N ILE A 2066 -11.81 4.67 5.61
CA ILE A 2066 -11.22 5.98 5.39
C ILE A 2066 -12.30 7.03 5.14
N LEU A 2067 -13.26 6.69 4.30
CA LEU A 2067 -14.31 7.64 3.94
C LEU A 2067 -15.08 8.11 5.18
N THR A 2068 -15.54 7.18 5.99
CA THR A 2068 -16.24 7.52 7.22
C THR A 2068 -15.30 7.94 8.33
N THR A 2069 -13.99 7.87 8.11
CA THR A 2069 -12.98 8.29 9.08
C THR A 2069 -13.19 7.60 10.43
N GLY A 2070 -13.03 6.28 10.41
CA GLY A 2070 -13.08 5.50 11.64
C GLY A 2070 -14.42 5.53 12.33
N GLY A 2071 -15.49 5.31 11.56
CA GLY A 2071 -16.81 5.20 12.15
C GLY A 2071 -17.20 3.76 12.36
N ARG A 2072 -16.97 2.94 11.35
CA ARG A 2072 -17.30 1.52 11.47
C ARG A 2072 -16.45 0.84 12.53
N ILE A 2073 -15.18 1.20 12.61
CA ILE A 2073 -14.29 0.56 13.60
C ILE A 2073 -14.77 0.87 15.01
N VAL A 2074 -15.08 2.14 15.29
CA VAL A 2074 -15.56 2.52 16.61
C VAL A 2074 -16.90 1.85 16.90
N GLU A 2075 -17.80 1.83 15.92
CA GLU A 2075 -19.11 1.22 16.13
C GLU A 2075 -19.00 -0.29 16.29
N GLY A 2076 -17.91 -0.90 15.83
CA GLY A 2076 -17.73 -2.33 15.96
C GLY A 2076 -16.98 -2.76 17.20
N LEU A 2077 -16.11 -1.87 17.72
CA LEU A 2077 -15.40 -2.18 18.95
C LEU A 2077 -16.34 -2.36 20.14
N LYS A 2078 -17.59 -1.91 20.02
CA LYS A 2078 -18.60 -2.16 21.02
C LYS A 2078 -19.57 -3.27 20.63
N PHE A 2079 -19.55 -3.71 19.38
CA PHE A 2079 -20.44 -4.75 18.89
C PHE A 2079 -19.74 -5.61 17.84
N PRO A 2080 -18.70 -6.36 18.22
CA PRO A 2080 -17.90 -7.05 17.19
C PRO A 2080 -18.64 -8.18 16.49
N ASN A 2081 -19.43 -8.97 17.24
CA ASN A 2081 -20.08 -10.12 16.62
C ASN A 2081 -21.13 -9.72 15.59
N GLU A 2082 -21.57 -8.46 15.58
CA GLU A 2082 -22.23 -7.90 14.40
C GLU A 2082 -21.26 -7.16 13.50
N PHE A 2083 -20.19 -6.59 14.05
CA PHE A 2083 -19.20 -5.86 13.28
C PHE A 2083 -18.60 -6.71 12.18
N ASP A 2084 -18.61 -8.03 12.35
CA ASP A 2084 -18.21 -8.95 11.28
C ASP A 2084 -19.38 -9.43 10.43
N GLU A 2085 -20.43 -9.95 11.07
CA GLU A 2085 -21.48 -10.65 10.34
C GLU A 2085 -22.38 -9.72 9.54
N LEU A 2086 -22.45 -8.42 9.88
CA LEU A 2086 -23.24 -7.50 9.07
C LEU A 2086 -22.55 -7.24 7.74
N GLU A 2087 -21.23 -7.11 7.75
CA GLU A 2087 -20.47 -6.85 6.53
C GLU A 2087 -20.06 -8.11 5.80
N ILE A 2088 -20.19 -9.29 6.42
CA ILE A 2088 -19.78 -10.51 5.74
C ILE A 2088 -20.63 -10.73 4.49
N GLN A 2089 -21.90 -10.34 4.54
CA GLN A 2089 -22.65 -10.08 3.32
C GLN A 2089 -22.50 -8.60 3.00
N GLY A 2090 -22.45 -8.29 1.71
CA GLY A 2090 -22.16 -6.93 1.30
C GLY A 2090 -23.30 -5.99 1.62
N LYS A 2091 -23.72 -5.96 2.88
CA LYS A 2091 -24.84 -5.16 3.34
C LYS A 2091 -24.40 -4.05 4.29
N LEU A 2092 -23.12 -3.74 4.31
CA LEU A 2092 -22.64 -2.66 5.16
C LEU A 2092 -23.31 -1.35 4.71
N PRO A 2093 -23.69 -0.50 5.65
CA PRO A 2093 -24.67 0.54 5.32
C PRO A 2093 -24.14 1.65 4.41
N ASP A 2094 -25.04 2.53 4.00
CA ASP A 2094 -24.65 3.64 3.14
C ASP A 2094 -23.78 4.61 3.93
N PRO A 2095 -22.60 4.97 3.42
CA PRO A 2095 -21.69 5.83 4.19
C PRO A 2095 -22.29 7.18 4.55
N VAL A 2096 -23.24 7.69 3.77
CA VAL A 2096 -23.73 9.05 4.00
C VAL A 2096 -24.82 9.10 5.06
N LYS A 2097 -25.75 8.14 5.05
CA LYS A 2097 -26.87 8.21 5.98
C LYS A 2097 -26.42 7.89 7.40
N GLU A 2098 -25.60 6.86 7.57
CA GLU A 2098 -25.19 6.44 8.91
C GLU A 2098 -24.13 7.35 9.49
N TYR A 2099 -23.21 7.82 8.66
CA TYR A 2099 -22.09 8.63 9.11
C TYR A 2099 -22.05 9.95 8.35
N GLY A 2100 -21.71 11.03 9.04
CA GLY A 2100 -21.56 12.31 8.38
C GLY A 2100 -20.28 12.35 7.57
N CYS A 2101 -20.41 12.45 6.24
CA CYS A 2101 -19.24 12.47 5.37
C CYS A 2101 -19.58 13.25 4.11
N ALA A 2102 -18.54 13.80 3.49
CA ALA A 2102 -18.71 14.41 2.18
C ALA A 2102 -19.08 13.31 1.19
N PRO A 2103 -20.15 13.48 0.40
CA PRO A 2103 -20.67 12.35 -0.38
C PRO A 2103 -19.62 11.69 -1.28
N TRP A 2104 -18.82 12.47 -1.99
CA TRP A 2104 -17.71 11.97 -2.79
C TRP A 2104 -18.16 10.83 -3.72
N PRO A 2105 -19.19 11.05 -4.55
CA PRO A 2105 -19.93 9.94 -5.13
C PRO A 2105 -19.27 9.28 -6.34
N MET A 2106 -18.01 9.56 -6.64
CA MET A 2106 -17.30 8.78 -7.62
C MET A 2106 -16.49 7.66 -7.00
N VAL A 2107 -16.25 7.71 -5.69
CA VAL A 2107 -15.60 6.61 -4.98
C VAL A 2107 -16.61 5.68 -4.33
N GLU A 2108 -17.84 6.15 -4.09
CA GLU A 2108 -18.89 5.24 -3.62
C GLU A 2108 -19.17 4.15 -4.64
N LYS A 2109 -19.11 4.48 -5.93
CA LYS A 2109 -19.23 3.44 -6.95
C LYS A 2109 -18.01 2.53 -6.94
N LEU A 2110 -16.82 3.09 -6.66
CA LEU A 2110 -15.65 2.24 -6.51
C LEU A 2110 -15.82 1.27 -5.34
N ILE A 2111 -16.39 1.74 -4.24
CA ILE A 2111 -16.65 0.84 -3.12
C ILE A 2111 -17.64 -0.25 -3.53
N LYS A 2112 -18.77 0.15 -4.12
CA LYS A 2112 -19.76 -0.85 -4.47
C LYS A 2112 -19.34 -1.74 -5.62
N GLN A 2113 -18.22 -1.43 -6.29
CA GLN A 2113 -17.61 -2.38 -7.21
C GLN A 2113 -16.63 -3.30 -6.51
N CYS A 2114 -15.86 -2.78 -5.55
CA CYS A 2114 -14.96 -3.60 -4.75
C CYS A 2114 -15.67 -4.32 -3.61
N LEU A 2115 -16.99 -4.19 -3.51
CA LEU A 2115 -17.78 -4.86 -2.50
C LEU A 2115 -18.72 -5.90 -3.10
N LYS A 2116 -18.41 -6.37 -4.30
CA LYS A 2116 -19.21 -7.41 -4.94
C LYS A 2116 -18.85 -8.76 -4.35
N GLU A 2117 -19.87 -9.59 -4.09
CA GLU A 2117 -19.62 -10.89 -3.47
C GLU A 2117 -18.94 -11.84 -4.44
N ASN A 2118 -19.29 -11.78 -5.71
CA ASN A 2118 -18.66 -12.63 -6.70
C ASN A 2118 -17.19 -12.26 -6.81
N PRO A 2119 -16.26 -13.19 -6.57
CA PRO A 2119 -14.83 -12.83 -6.55
C PRO A 2119 -14.33 -12.20 -7.82
N GLN A 2120 -14.42 -12.90 -8.95
CA GLN A 2120 -13.89 -12.39 -10.21
C GLN A 2120 -14.77 -11.32 -10.84
N GLU A 2121 -15.83 -10.87 -10.16
CA GLU A 2121 -16.59 -9.72 -10.60
C GLU A 2121 -16.05 -8.41 -10.03
N ARG A 2122 -15.11 -8.48 -9.11
CA ARG A 2122 -14.46 -7.32 -8.52
C ARG A 2122 -13.27 -6.88 -9.36
N PRO A 2123 -13.05 -5.59 -9.53
CA PRO A 2123 -11.95 -5.13 -10.37
C PRO A 2123 -10.61 -5.62 -9.85
N THR A 2124 -9.72 -5.95 -10.78
CA THR A 2124 -8.37 -6.35 -10.41
C THR A 2124 -7.58 -5.13 -9.94
N SER A 2125 -6.53 -5.39 -9.17
CA SER A 2125 -5.86 -4.31 -8.44
C SER A 2125 -5.32 -3.24 -9.38
N ALA A 2126 -4.84 -3.64 -10.55
CA ALA A 2126 -4.35 -2.65 -11.51
C ALA A 2126 -5.44 -1.67 -11.89
N GLN A 2127 -6.67 -2.15 -12.08
CA GLN A 2127 -7.76 -1.25 -12.42
C GLN A 2127 -8.13 -0.34 -11.25
N VAL A 2128 -8.25 -0.91 -10.04
CA VAL A 2128 -8.63 -0.09 -8.89
C VAL A 2128 -7.55 0.92 -8.53
N PHE A 2129 -6.34 0.74 -9.05
CA PHE A 2129 -5.39 1.84 -8.96
C PHE A 2129 -5.54 2.80 -10.13
N ASP A 2130 -5.81 2.29 -11.33
CA ASP A 2130 -5.97 3.13 -12.50
C ASP A 2130 -7.32 3.82 -12.56
N ILE A 2131 -8.21 3.58 -11.59
CA ILE A 2131 -9.46 4.32 -11.51
C ILE A 2131 -9.28 5.45 -10.50
N LEU A 2132 -8.45 5.22 -9.49
CA LEU A 2132 -8.11 6.28 -8.55
C LEU A 2132 -7.11 7.27 -9.14
N ASN A 2133 -6.33 6.85 -10.14
CA ASN A 2133 -5.37 7.75 -10.76
C ASN A 2133 -6.06 8.93 -11.45
N SER A 2134 -7.33 8.78 -11.81
CA SER A 2134 -8.06 9.86 -12.45
C SER A 2134 -8.24 11.02 -11.49
N ALA A 2135 -8.02 12.23 -11.98
CA ALA A 2135 -8.09 13.43 -11.15
C ALA A 2135 -9.49 14.00 -11.03
N GLU A 2136 -10.50 13.36 -11.60
CA GLU A 2136 -11.87 13.85 -11.51
C GLU A 2136 -12.71 13.07 -10.51
N LEU A 2137 -12.11 12.25 -9.66
CA LEU A 2137 -12.80 11.75 -8.48
C LEU A 2137 -12.34 12.45 -7.21
N VAL A 2138 -11.18 13.13 -7.25
CA VAL A 2138 -10.74 13.93 -6.12
C VAL A 2138 -11.39 15.31 -6.11
N CYS A 2139 -12.12 15.65 -7.17
CA CYS A 2139 -12.77 16.96 -7.28
C CYS A 2139 -14.28 16.88 -7.35
N LEU A 2140 -14.83 15.86 -7.98
CA LEU A 2140 -16.28 15.66 -7.95
C LEU A 2140 -16.73 15.51 -6.50
N THR A 2141 -17.84 16.14 -6.17
CA THR A 2141 -18.22 16.18 -4.76
C THR A 2141 -19.62 15.63 -4.51
N ARG A 2142 -20.57 15.89 -5.40
CA ARG A 2142 -21.90 15.33 -5.25
C ARG A 2142 -22.72 15.47 -6.52
N ARG A 2143 -23.34 14.39 -6.97
CA ARG A 2143 -24.28 14.45 -8.08
C ARG A 2143 -25.69 14.23 -7.56
N ILE A 2144 -26.65 14.94 -8.14
CA ILE A 2144 -28.05 14.87 -7.75
C ILE A 2144 -28.84 14.60 -9.02
N LEU A 2145 -29.16 13.33 -9.26
CA LEU A 2145 -30.06 12.97 -10.34
C LEU A 2145 -31.45 13.47 -9.97
N LEU A 2146 -31.91 14.53 -10.62
CA LEU A 2146 -33.20 15.13 -10.31
C LEU A 2146 -34.32 14.12 -10.61
N PRO A 2147 -35.53 14.36 -10.09
CA PRO A 2147 -36.65 13.45 -10.36
C PRO A 2147 -36.84 13.11 -11.83
N LYS A 2148 -37.58 12.04 -12.10
CA LYS A 2148 -37.63 11.46 -13.43
C LYS A 2148 -38.22 12.44 -14.43
N ASN A 2149 -37.49 12.64 -15.53
CA ASN A 2149 -37.93 13.44 -16.67
C ASN A 2149 -38.39 14.84 -16.24
N VAL A 2150 -37.42 15.60 -15.74
CA VAL A 2150 -37.58 17.03 -15.49
C VAL A 2150 -36.56 17.77 -16.34
N ILE A 2151 -37.04 18.65 -17.21
CA ILE A 2151 -36.17 19.46 -18.06
C ILE A 2151 -35.96 20.81 -17.39
N VAL A 2152 -34.72 21.12 -17.06
CA VAL A 2152 -34.36 22.38 -16.44
C VAL A 2152 -33.18 22.97 -17.20
N GLU A 2153 -33.23 24.29 -17.44
CA GLU A 2153 -32.25 24.95 -18.30
C GLU A 2153 -31.70 26.22 -17.68
N CYS A 2154 -31.95 26.47 -16.40
CA CYS A 2154 -31.49 27.70 -15.77
C CYS A 2154 -31.40 27.47 -14.27
N MET A 2155 -30.46 28.17 -13.63
CA MET A 2155 -30.22 27.98 -12.21
C MET A 2155 -29.43 29.16 -11.68
N VAL A 2156 -29.66 29.46 -10.40
CA VAL A 2156 -28.96 30.53 -9.70
C VAL A 2156 -28.66 30.06 -8.28
N ALA A 2157 -27.47 30.39 -7.80
CA ALA A 2157 -27.05 29.97 -6.48
C ALA A 2157 -27.40 31.05 -5.45
N THR A 2158 -27.01 30.80 -4.20
CA THR A 2158 -27.18 31.76 -3.12
C THR A 2158 -25.90 31.82 -2.31
N HIS A 2159 -25.25 32.99 -2.33
CA HIS A 2159 -24.03 33.19 -1.56
C HIS A 2159 -24.20 34.13 -0.39
N HIS A 2160 -25.30 34.89 -0.33
CA HIS A 2160 -25.51 35.79 0.79
C HIS A 2160 -25.75 35.03 2.09
N ASN A 2161 -26.50 33.93 2.02
CA ASN A 2161 -26.62 33.01 3.14
C ASN A 2161 -25.65 31.85 2.89
N SER A 2162 -24.38 32.11 3.18
CA SER A 2162 -23.32 31.15 2.92
C SER A 2162 -23.23 30.06 3.97
N ARG A 2163 -24.21 29.98 4.87
CA ARG A 2163 -24.25 28.91 5.86
C ARG A 2163 -24.77 27.61 5.25
N ASN A 2164 -26.02 27.63 4.79
CA ASN A 2164 -26.60 26.55 4.01
C ASN A 2164 -27.29 27.18 2.81
N ALA A 2165 -26.97 26.68 1.62
CA ALA A 2165 -27.41 27.31 0.39
C ALA A 2165 -28.30 26.37 -0.41
N SER A 2166 -29.23 26.97 -1.15
CA SER A 2166 -30.11 26.25 -2.05
C SER A 2166 -29.96 26.81 -3.45
N ILE A 2167 -29.99 25.91 -4.43
CA ILE A 2167 -29.70 26.28 -5.82
C ILE A 2167 -31.02 26.27 -6.57
N TRP A 2168 -31.52 27.46 -6.90
CA TRP A 2168 -32.85 27.60 -7.44
C TRP A 2168 -32.82 27.39 -8.95
N LEU A 2169 -33.61 26.42 -9.42
CA LEU A 2169 -33.61 26.01 -10.81
C LEU A 2169 -34.91 26.46 -11.48
N GLY A 2170 -35.00 26.20 -12.78
CA GLY A 2170 -36.19 26.55 -13.54
C GLY A 2170 -36.92 25.33 -14.07
N CYS A 2171 -37.55 25.46 -15.24
CA CYS A 2171 -38.26 24.35 -15.83
C CYS A 2171 -38.26 24.49 -17.34
N GLY A 2172 -38.12 23.35 -18.03
CA GLY A 2172 -38.23 23.30 -19.48
C GLY A 2172 -39.20 22.22 -19.92
N HIS A 2173 -39.56 21.34 -18.99
CA HIS A 2173 -40.46 20.24 -19.30
C HIS A 2173 -41.89 20.71 -19.53
N THR A 2174 -42.27 21.84 -18.94
CA THR A 2174 -43.59 22.44 -19.14
C THR A 2174 -43.44 23.71 -19.97
N ASP A 2175 -44.27 23.82 -21.02
CA ASP A 2175 -44.31 25.06 -21.80
C ASP A 2175 -44.70 26.26 -20.95
N ARG A 2176 -45.37 26.03 -19.82
CA ARG A 2176 -45.70 27.08 -18.86
C ARG A 2176 -44.66 27.07 -17.74
N GLY A 2177 -44.48 28.25 -17.13
CA GLY A 2177 -43.38 28.43 -16.20
C GLY A 2177 -43.60 27.70 -14.88
N GLN A 2178 -42.48 27.28 -14.29
CA GLN A 2178 -42.49 26.69 -12.96
C GLN A 2178 -41.10 26.86 -12.36
N LEU A 2179 -41.03 27.49 -11.19
CA LEU A 2179 -39.77 27.57 -10.47
C LEU A 2179 -39.57 26.27 -9.69
N SER A 2180 -38.34 25.77 -9.70
CA SER A 2180 -38.01 24.48 -9.10
C SER A 2180 -36.92 24.67 -8.06
N PHE A 2181 -37.34 24.80 -6.80
CA PHE A 2181 -36.41 24.89 -5.68
C PHE A 2181 -35.63 23.60 -5.54
N LEU A 2182 -34.40 23.72 -5.05
CA LEU A 2182 -33.59 22.54 -4.76
C LEU A 2182 -32.58 22.88 -3.68
N ASP A 2183 -32.75 22.29 -2.50
CA ASP A 2183 -31.79 22.42 -1.41
C ASP A 2183 -30.62 21.48 -1.68
N LEU A 2184 -29.58 21.57 -0.85
CA LEU A 2184 -28.40 20.73 -1.00
C LEU A 2184 -28.13 19.83 0.19
N ASN A 2185 -28.30 20.34 1.41
CA ASN A 2185 -28.06 19.48 2.58
C ASN A 2185 -29.20 18.49 2.80
N THR A 2186 -30.37 18.75 2.22
CA THR A 2186 -31.47 17.80 2.24
C THR A 2186 -31.73 17.14 0.89
N GLU A 2187 -31.30 17.77 -0.20
CA GLU A 2187 -31.44 17.22 -1.54
C GLU A 2187 -32.89 16.94 -1.91
N GLY A 2188 -33.80 17.78 -1.41
CA GLY A 2188 -35.21 17.59 -1.67
C GLY A 2188 -35.76 18.52 -2.73
N TYR A 2189 -36.11 17.97 -3.89
CA TYR A 2189 -36.69 18.76 -4.96
C TYR A 2189 -38.13 19.10 -4.64
N THR A 2190 -38.52 20.34 -4.93
CA THR A 2190 -39.89 20.79 -4.81
C THR A 2190 -40.31 21.47 -6.10
N SER A 2191 -41.61 21.44 -6.39
CA SER A 2191 -42.16 22.00 -7.61
C SER A 2191 -43.25 23.00 -7.28
N GLU A 2192 -43.30 24.09 -8.04
CA GLU A 2192 -44.31 25.13 -7.82
C GLU A 2192 -44.48 25.92 -9.12
N GLU A 2193 -45.62 25.74 -9.79
CA GLU A 2193 -45.91 26.54 -10.97
C GLU A 2193 -46.15 27.99 -10.55
N VAL A 2194 -45.39 28.91 -11.18
CA VAL A 2194 -45.51 30.33 -10.83
C VAL A 2194 -45.76 31.21 -12.04
N ALA A 2195 -45.50 30.76 -13.27
CA ALA A 2195 -45.69 31.57 -14.45
C ALA A 2195 -46.51 30.81 -15.48
N ASP A 2196 -47.17 31.56 -16.36
CA ASP A 2196 -48.00 31.00 -17.40
C ASP A 2196 -47.23 30.65 -18.66
N SER A 2197 -45.96 31.05 -18.74
CA SER A 2197 -45.11 30.72 -19.87
C SER A 2197 -43.76 30.25 -19.34
N ARG A 2198 -43.13 29.34 -20.08
CA ARG A 2198 -41.88 28.74 -19.64
C ARG A 2198 -40.87 29.80 -19.24
N ILE A 2199 -40.37 29.69 -18.02
CA ILE A 2199 -39.37 30.62 -17.52
C ILE A 2199 -38.01 30.24 -18.10
N LEU A 2200 -37.24 31.26 -18.48
CA LEU A 2200 -35.95 31.02 -19.12
C LEU A 2200 -34.75 31.27 -18.22
N CYS A 2201 -34.73 32.34 -17.43
CA CYS A 2201 -33.59 32.56 -16.54
C CYS A 2201 -34.04 33.21 -15.25
N LEU A 2202 -33.14 33.19 -14.26
CA LEU A 2202 -33.40 33.81 -12.96
C LEU A 2202 -32.16 34.57 -12.52
N ALA A 2203 -32.31 35.30 -11.41
CA ALA A 2203 -31.20 36.02 -10.81
C ALA A 2203 -31.53 36.31 -9.36
N LEU A 2204 -30.49 36.60 -8.59
CA LEU A 2204 -30.60 36.89 -7.17
C LEU A 2204 -30.27 38.35 -6.93
N VAL A 2205 -31.23 39.09 -6.38
CA VAL A 2205 -31.02 40.45 -5.94
C VAL A 2205 -31.26 40.47 -4.43
N HIS A 2206 -30.18 40.40 -3.67
CA HIS A 2206 -30.27 40.48 -2.22
C HIS A 2206 -30.19 41.95 -1.80
N LEU A 2207 -31.07 42.32 -0.88
CA LEU A 2207 -31.10 43.69 -0.38
C LEU A 2207 -30.41 43.74 0.97
N PRO A 2208 -29.33 44.52 1.12
CA PRO A 2208 -28.67 44.60 2.43
C PRO A 2208 -29.60 45.09 3.53
N VAL A 2209 -30.61 45.87 3.19
CA VAL A 2209 -31.61 46.33 4.15
C VAL A 2209 -32.74 45.31 4.19
N GLU A 2210 -33.44 45.28 5.33
CA GLU A 2210 -34.62 44.44 5.56
C GLU A 2210 -34.23 42.97 5.67
N LYS A 2211 -32.97 42.64 5.40
CA LYS A 2211 -32.44 41.29 5.52
C LYS A 2211 -33.30 40.28 4.75
N GLU A 2212 -33.37 40.50 3.44
CA GLU A 2212 -34.07 39.57 2.56
C GLU A 2212 -33.33 39.55 1.23
N SER A 2213 -33.61 38.51 0.44
CA SER A 2213 -32.99 38.32 -0.87
C SER A 2213 -34.11 38.05 -1.87
N TRP A 2214 -34.65 39.11 -2.46
CA TRP A 2214 -35.63 38.93 -3.52
C TRP A 2214 -35.01 38.17 -4.67
N ILE A 2215 -35.76 37.20 -5.22
CA ILE A 2215 -35.30 36.39 -6.32
C ILE A 2215 -36.18 36.70 -7.53
N VAL A 2216 -35.54 36.94 -8.67
CA VAL A 2216 -36.22 37.43 -9.86
C VAL A 2216 -36.12 36.37 -10.95
N SER A 2217 -37.12 36.35 -11.84
CA SER A 2217 -37.22 35.34 -12.88
C SER A 2217 -37.76 35.98 -14.15
N GLY A 2218 -37.03 35.81 -15.25
CA GLY A 2218 -37.47 36.26 -16.56
C GLY A 2218 -37.89 35.07 -17.41
N THR A 2219 -39.06 35.22 -18.04
CA THR A 2219 -39.71 34.16 -18.81
C THR A 2219 -39.82 34.57 -20.28
N GLN A 2220 -40.32 33.63 -21.08
CA GLN A 2220 -40.43 33.86 -22.53
C GLN A 2220 -41.57 34.82 -22.86
N SER A 2221 -42.61 34.86 -22.03
CA SER A 2221 -43.70 35.81 -22.28
C SER A 2221 -43.31 37.24 -21.95
N GLY A 2222 -42.15 37.45 -21.34
CA GLY A 2222 -41.78 38.77 -20.87
C GLY A 2222 -42.33 39.12 -19.50
N THR A 2223 -43.12 38.23 -18.89
CA THR A 2223 -43.68 38.48 -17.57
C THR A 2223 -42.57 38.34 -16.55
N LEU A 2224 -41.96 39.47 -16.18
CA LEU A 2224 -40.83 39.49 -15.26
C LEU A 2224 -41.36 39.33 -13.83
N LEU A 2225 -41.15 38.16 -13.25
CA LEU A 2225 -41.68 37.85 -11.93
C LEU A 2225 -40.63 38.09 -10.85
N VAL A 2226 -41.08 38.58 -9.70
CA VAL A 2226 -40.22 38.77 -8.54
C VAL A 2226 -40.92 38.14 -7.34
N ILE A 2227 -40.19 37.30 -6.60
CA ILE A 2227 -40.73 36.58 -5.45
C ILE A 2227 -39.72 36.56 -4.32
N ASN A 2228 -40.20 36.68 -3.09
CA ASN A 2228 -39.37 36.79 -1.90
C ASN A 2228 -38.69 35.45 -1.60
N THR A 2229 -37.60 35.54 -0.83
CA THR A 2229 -36.83 34.37 -0.44
C THR A 2229 -37.66 33.40 0.39
N GLU A 2230 -38.02 33.82 1.61
CA GLU A 2230 -38.74 32.91 2.51
C GLU A 2230 -40.20 32.76 2.10
N ASP A 2231 -40.85 33.85 1.71
CA ASP A 2231 -42.27 33.81 1.35
C ASP A 2231 -42.42 33.51 -0.13
N GLY A 2232 -43.09 32.42 -0.45
CA GLY A 2232 -43.42 32.09 -1.82
C GLY A 2232 -44.81 32.59 -2.18
N LYS A 2233 -45.26 33.66 -1.51
CA LYS A 2233 -46.58 34.21 -1.77
C LYS A 2233 -46.49 35.69 -2.10
N LYS A 2234 -45.52 36.40 -1.52
CA LYS A 2234 -45.32 37.81 -1.82
C LYS A 2234 -44.63 37.89 -3.18
N ARG A 2235 -45.42 37.67 -4.23
CA ARG A 2235 -44.95 37.66 -5.60
C ARG A 2235 -45.60 38.82 -6.34
N HIS A 2236 -44.81 39.58 -7.08
CA HIS A 2236 -45.34 40.67 -7.89
C HIS A 2236 -44.53 40.74 -9.17
N THR A 2237 -45.14 40.36 -10.29
CA THR A 2237 -44.49 40.55 -11.57
C THR A 2237 -44.36 42.04 -11.86
N LEU A 2238 -43.19 42.44 -12.36
CA LEU A 2238 -42.92 43.83 -12.69
C LEU A 2238 -43.55 44.13 -14.04
N GLU A 2239 -43.12 45.22 -14.68
CA GLU A 2239 -43.61 45.57 -16.00
C GLU A 2239 -43.52 44.38 -16.94
N LYS A 2240 -44.64 44.05 -17.58
CA LYS A 2240 -44.65 42.97 -18.55
C LYS A 2240 -43.82 43.38 -19.77
N MET A 2241 -42.76 42.62 -20.03
CA MET A 2241 -41.84 42.98 -21.10
C MET A 2241 -42.49 42.68 -22.45
N THR A 2242 -41.82 43.12 -23.52
CA THR A 2242 -42.34 43.02 -24.88
C THR A 2242 -42.00 41.70 -25.56
N ASP A 2243 -40.76 41.24 -25.43
CA ASP A 2243 -40.31 40.00 -26.06
C ASP A 2243 -39.84 39.02 -24.99
N SER A 2244 -39.25 37.92 -25.44
CA SER A 2244 -38.80 36.88 -24.53
C SER A 2244 -37.56 37.33 -23.76
N VAL A 2245 -37.65 37.32 -22.43
CA VAL A 2245 -36.49 37.62 -21.61
C VAL A 2245 -35.47 36.49 -21.72
N THR A 2246 -34.22 36.84 -21.97
CA THR A 2246 -33.18 35.85 -22.21
C THR A 2246 -32.10 35.81 -21.16
N CYS A 2247 -31.80 36.91 -20.48
CA CYS A 2247 -30.76 36.92 -19.44
C CYS A 2247 -31.08 37.94 -18.37
N LEU A 2248 -30.97 37.52 -17.12
CA LEU A 2248 -31.04 38.41 -15.98
C LEU A 2248 -29.65 38.50 -15.35
N TYR A 2249 -29.42 39.58 -14.59
CA TYR A 2249 -28.10 39.73 -14.02
C TYR A 2249 -28.16 40.71 -12.86
N CYS A 2250 -27.31 40.47 -11.87
CA CYS A 2250 -27.14 41.36 -10.71
C CYS A 2250 -25.70 41.86 -10.70
N ASN A 2251 -25.52 43.17 -10.74
CA ASN A 2251 -24.23 43.79 -10.93
C ASN A 2251 -23.66 44.30 -9.61
N SER A 2252 -22.54 45.02 -9.69
CA SER A 2252 -21.91 45.68 -8.54
C SER A 2252 -21.65 47.13 -8.95
N PHE A 2253 -22.66 47.99 -8.75
CA PHE A 2253 -22.63 49.38 -9.19
C PHE A 2253 -22.93 50.28 -7.99
N SER A 2254 -21.89 50.65 -7.25
CA SER A 2254 -22.00 51.47 -6.05
C SER A 2254 -21.60 52.91 -6.30
N LYS A 2255 -22.01 53.45 -7.46
CA LYS A 2255 -21.55 54.75 -7.95
C LYS A 2255 -22.10 55.94 -7.17
N GLN A 2256 -22.88 55.74 -6.12
CA GLN A 2256 -23.53 56.86 -5.43
C GLN A 2256 -22.94 57.09 -4.04
N SER A 2257 -21.63 56.89 -3.90
CA SER A 2257 -20.88 57.07 -2.65
C SER A 2257 -21.38 56.17 -1.53
N LYS A 2258 -22.27 55.23 -1.84
CA LYS A 2258 -22.81 54.29 -0.87
C LYS A 2258 -22.86 52.93 -1.55
N GLN A 2259 -23.31 51.90 -0.83
CA GLN A 2259 -23.47 50.59 -1.45
C GLN A 2259 -24.73 50.59 -2.29
N LYS A 2260 -24.58 50.23 -3.56
CA LYS A 2260 -25.66 50.30 -4.52
C LYS A 2260 -25.52 49.16 -5.50
N ASN A 2261 -26.66 48.68 -6.02
CA ASN A 2261 -26.67 47.62 -7.00
C ASN A 2261 -27.88 47.81 -7.91
N PHE A 2262 -27.82 47.19 -9.08
CA PHE A 2262 -28.88 47.26 -10.09
C PHE A 2262 -29.29 45.87 -10.55
N LEU A 2263 -30.10 45.83 -11.60
CA LEU A 2263 -30.55 44.58 -12.19
C LEU A 2263 -30.70 44.81 -13.69
N LEU A 2264 -30.42 43.78 -14.47
CA LEU A 2264 -30.47 43.87 -15.92
C LEU A 2264 -31.40 42.80 -16.46
N VAL A 2265 -32.28 43.18 -17.37
CA VAL A 2265 -33.23 42.27 -17.99
C VAL A 2265 -32.86 42.17 -19.46
N GLY A 2266 -32.22 41.07 -19.84
CA GLY A 2266 -31.86 40.82 -21.22
C GLY A 2266 -32.98 40.14 -21.98
N THR A 2267 -33.72 40.90 -22.75
CA THR A 2267 -34.87 40.39 -23.49
C THR A 2267 -34.38 39.92 -24.87
N ALA A 2268 -35.26 39.33 -25.67
CA ALA A 2268 -34.91 38.85 -27.00
C ALA A 2268 -34.82 39.95 -28.03
N ASP A 2269 -34.70 41.21 -27.61
CA ASP A 2269 -34.61 42.33 -28.54
C ASP A 2269 -33.49 43.31 -28.23
N GLY A 2270 -32.88 43.25 -27.05
CA GLY A 2270 -31.80 44.14 -26.69
C GLY A 2270 -32.19 45.25 -25.72
N LYS A 2271 -33.45 45.37 -25.35
CA LYS A 2271 -33.92 46.48 -24.54
C LYS A 2271 -33.45 46.30 -23.10
N LEU A 2272 -32.46 47.10 -22.70
CA LEU A 2272 -31.95 47.04 -21.33
C LEU A 2272 -32.91 47.71 -20.37
N ALA A 2273 -33.81 46.93 -19.76
CA ALA A 2273 -34.72 47.45 -18.74
C ALA A 2273 -34.02 47.35 -17.39
N ILE A 2274 -33.18 48.33 -17.11
CA ILE A 2274 -32.37 48.32 -15.90
C ILE A 2274 -33.21 48.83 -14.74
N PHE A 2275 -32.90 48.33 -13.54
CA PHE A 2275 -33.61 48.74 -12.34
C PHE A 2275 -32.63 49.01 -11.21
N GLU A 2276 -33.14 49.13 -9.99
CA GLU A 2276 -32.31 49.42 -8.82
C GLU A 2276 -32.49 48.30 -7.80
N ASP A 2277 -31.49 48.15 -6.93
CA ASP A 2277 -31.46 47.03 -6.00
C ASP A 2277 -32.69 47.01 -5.09
N LYS A 2278 -33.22 48.17 -4.75
CA LYS A 2278 -34.31 48.27 -3.77
C LYS A 2278 -35.69 48.33 -4.40
N THR A 2279 -35.80 48.88 -5.61
CA THR A 2279 -37.11 49.12 -6.23
C THR A 2279 -37.84 47.83 -6.61
N VAL A 2280 -37.28 46.66 -6.33
CA VAL A 2280 -37.89 45.41 -6.74
C VAL A 2280 -39.22 45.15 -6.04
N LYS A 2281 -39.45 45.76 -4.88
CA LYS A 2281 -40.62 45.41 -4.09
C LYS A 2281 -41.90 45.99 -4.68
N LEU A 2282 -41.86 47.22 -5.18
CA LEU A 2282 -43.07 47.87 -5.66
C LEU A 2282 -43.54 47.23 -6.96
N LYS A 2283 -44.84 46.98 -7.05
CA LYS A 2283 -45.43 46.35 -8.22
C LYS A 2283 -45.19 47.20 -9.46
N GLY A 2284 -44.75 46.56 -10.55
CA GLY A 2284 -44.48 47.28 -11.77
C GLY A 2284 -43.36 48.28 -11.63
N ALA A 2285 -42.13 47.79 -11.50
CA ALA A 2285 -41.00 48.65 -11.17
C ALA A 2285 -40.73 49.66 -12.29
N ALA A 2286 -39.88 50.64 -11.96
CA ALA A 2286 -39.60 51.76 -12.84
C ALA A 2286 -38.21 51.62 -13.44
N PRO A 2287 -38.08 51.43 -14.75
CA PRO A 2287 -36.74 51.35 -15.37
C PRO A 2287 -36.10 52.73 -15.45
N LEU A 2288 -34.90 52.85 -14.89
CA LEU A 2288 -34.18 54.12 -14.94
C LEU A 2288 -33.86 54.51 -16.37
N LYS A 2289 -33.07 53.68 -17.06
CA LYS A 2289 -32.60 53.97 -18.41
C LYS A 2289 -32.95 52.80 -19.33
N ILE A 2290 -34.09 52.90 -20.01
CA ILE A 2290 -34.51 51.85 -20.93
C ILE A 2290 -33.66 51.93 -22.19
N LEU A 2291 -32.67 51.05 -22.30
CA LEU A 2291 -31.70 51.08 -23.39
C LEU A 2291 -32.07 50.00 -24.40
N ASN A 2292 -32.84 50.38 -25.41
CA ASN A 2292 -33.07 49.51 -26.56
C ASN A 2292 -31.77 49.41 -27.34
N ILE A 2293 -31.14 48.25 -27.30
CA ILE A 2293 -29.82 48.09 -27.91
C ILE A 2293 -29.96 47.37 -29.24
N GLY A 2294 -30.50 46.16 -29.21
CA GLY A 2294 -30.58 45.34 -30.40
C GLY A 2294 -31.82 45.66 -31.23
N ASN A 2295 -32.17 44.71 -32.10
CA ASN A 2295 -33.30 44.80 -33.00
C ASN A 2295 -34.29 43.67 -32.70
N VAL A 2296 -35.33 43.58 -33.52
CA VAL A 2296 -36.22 42.44 -33.46
C VAL A 2296 -35.52 41.19 -34.00
N SER A 2297 -34.64 41.36 -34.98
CA SER A 2297 -33.88 40.25 -35.55
C SER A 2297 -32.55 40.04 -34.85
N THR A 2298 -32.18 40.89 -33.91
CA THR A 2298 -30.93 40.76 -33.16
C THR A 2298 -31.27 40.59 -31.68
N PRO A 2299 -31.30 39.36 -31.17
CA PRO A 2299 -31.73 39.14 -29.78
C PRO A 2299 -30.61 39.27 -28.77
N LEU A 2300 -30.84 40.05 -27.71
CA LEU A 2300 -29.89 40.11 -26.61
C LEU A 2300 -29.91 38.76 -25.90
N MET A 2301 -28.73 38.15 -25.76
CA MET A 2301 -28.68 36.75 -25.37
C MET A 2301 -27.64 36.43 -24.31
N CYS A 2302 -26.82 37.38 -23.87
CA CYS A 2302 -25.85 37.08 -22.84
C CYS A 2302 -25.34 38.37 -22.20
N LEU A 2303 -24.75 38.22 -21.02
CA LEU A 2303 -24.16 39.32 -20.27
C LEU A 2303 -22.92 38.81 -19.55
N SER A 2304 -22.18 39.74 -18.96
CA SER A 2304 -21.01 39.40 -18.15
C SER A 2304 -20.65 40.61 -17.30
N GLU A 2305 -19.58 40.46 -16.51
CA GLU A 2305 -19.12 41.51 -15.62
C GLU A 2305 -17.59 41.50 -15.61
N SER A 2306 -17.02 42.65 -15.26
CA SER A 2306 -15.57 42.83 -15.35
C SER A 2306 -14.84 41.91 -14.38
N THR A 2307 -13.63 41.52 -14.76
CA THR A 2307 -12.82 40.66 -13.90
C THR A 2307 -12.28 41.42 -12.70
N ASN A 2308 -11.94 42.70 -12.88
CA ASN A 2308 -11.39 43.52 -11.81
C ASN A 2308 -12.39 44.61 -11.40
N SER A 2309 -12.07 45.28 -10.30
CA SER A 2309 -12.88 46.38 -9.81
C SER A 2309 -12.21 47.74 -9.98
N THR A 2310 -10.99 47.78 -10.52
CA THR A 2310 -10.31 49.07 -10.71
C THR A 2310 -10.86 49.83 -11.91
N GLU A 2311 -11.44 49.12 -12.89
CA GLU A 2311 -12.10 49.75 -14.03
C GLU A 2311 -13.53 50.17 -13.73
N ARG A 2312 -13.89 50.24 -12.44
CA ARG A 2312 -15.23 50.63 -12.01
C ARG A 2312 -16.29 49.69 -12.60
N ASN A 2313 -15.91 48.42 -12.77
CA ASN A 2313 -16.82 47.36 -13.18
C ASN A 2313 -17.52 47.70 -14.50
N VAL A 2314 -16.71 47.92 -15.52
CA VAL A 2314 -17.26 48.10 -16.86
C VAL A 2314 -18.02 46.83 -17.25
N MET A 2315 -19.28 47.00 -17.63
CA MET A 2315 -20.14 45.87 -17.93
C MET A 2315 -20.07 45.56 -19.43
N TRP A 2316 -20.03 44.28 -19.76
CA TRP A 2316 -19.98 43.83 -21.15
C TRP A 2316 -21.13 42.88 -21.39
N GLY A 2317 -21.86 43.12 -22.47
CA GLY A 2317 -22.97 42.25 -22.83
C GLY A 2317 -22.99 41.99 -24.33
N GLY A 2318 -23.21 40.73 -24.68
CA GLY A 2318 -23.36 40.38 -26.09
C GLY A 2318 -24.75 40.67 -26.58
N CYS A 2319 -24.83 41.06 -27.85
CA CYS A 2319 -26.11 41.51 -28.42
C CYS A 2319 -26.13 41.12 -29.89
N GLY A 2320 -27.12 40.32 -30.27
CA GLY A 2320 -27.15 39.80 -31.61
C GLY A 2320 -25.88 39.05 -31.89
N THR A 2321 -25.04 39.61 -32.76
CA THR A 2321 -23.72 39.05 -33.05
C THR A 2321 -22.61 40.03 -32.70
N LYS A 2322 -22.95 41.21 -32.19
CA LYS A 2322 -21.97 42.24 -31.87
C LYS A 2322 -21.95 42.48 -30.37
N ILE A 2323 -20.78 42.27 -29.76
CA ILE A 2323 -20.59 42.52 -28.34
C ILE A 2323 -20.56 44.03 -28.08
N PHE A 2324 -21.10 44.45 -26.93
CA PHE A 2324 -21.07 45.85 -26.55
C PHE A 2324 -20.73 45.96 -25.07
N SER A 2325 -20.58 47.20 -24.61
CA SER A 2325 -20.17 47.45 -23.23
C SER A 2325 -20.68 48.81 -22.79
N PHE A 2326 -20.71 49.00 -21.47
CA PHE A 2326 -21.14 50.26 -20.89
C PHE A 2326 -20.58 50.35 -19.47
N SER A 2327 -20.96 51.40 -18.76
CA SER A 2327 -20.46 51.70 -17.42
C SER A 2327 -21.58 52.40 -16.66
N ASN A 2328 -21.21 53.15 -15.61
CA ASN A 2328 -22.18 53.97 -14.91
C ASN A 2328 -22.89 54.94 -15.85
N ASP A 2329 -22.25 55.30 -16.96
CA ASP A 2329 -22.93 56.11 -17.98
C ASP A 2329 -24.11 55.37 -18.58
N PHE A 2330 -24.06 54.03 -18.60
CA PHE A 2330 -25.08 53.21 -19.22
C PHE A 2330 -25.30 53.61 -20.68
N THR A 2331 -24.19 53.79 -21.39
CA THR A 2331 -24.19 54.06 -22.82
C THR A 2331 -23.22 53.10 -23.49
N ILE A 2332 -23.59 52.64 -24.69
CA ILE A 2332 -22.75 51.70 -25.43
C ILE A 2332 -21.38 52.31 -25.65
N GLN A 2333 -20.34 51.65 -25.16
CA GLN A 2333 -18.98 52.15 -25.28
C GLN A 2333 -18.22 51.55 -26.45
N LYS A 2334 -18.66 50.42 -26.98
CA LYS A 2334 -18.06 49.81 -28.16
C LYS A 2334 -19.12 48.99 -28.88
N LEU A 2335 -18.97 48.88 -30.19
CA LEU A 2335 -19.87 48.10 -31.03
C LEU A 2335 -19.08 47.09 -31.85
N ILE A 2336 -18.23 46.34 -31.15
CA ILE A 2336 -17.36 45.38 -31.81
C ILE A 2336 -18.19 44.40 -32.62
N GLU A 2337 -17.77 44.13 -33.85
CA GLU A 2337 -18.49 43.26 -34.76
C GLU A 2337 -17.64 42.02 -35.03
N THR A 2338 -18.27 40.85 -34.96
CA THR A 2338 -17.54 39.58 -35.08
C THR A 2338 -17.70 38.92 -36.44
N ARG A 2339 -18.89 39.03 -37.07
CA ARG A 2339 -19.08 38.43 -38.39
C ARG A 2339 -18.07 38.94 -39.40
N THR A 2340 -17.67 40.21 -39.30
CA THR A 2340 -16.65 40.77 -40.18
C THR A 2340 -15.27 40.32 -39.70
N SER A 2341 -15.05 39.01 -39.82
CA SER A 2341 -13.79 38.39 -39.46
C SER A 2341 -13.00 38.09 -40.73
N GLN A 2342 -11.68 38.25 -40.64
CA GLN A 2342 -10.81 38.09 -41.79
C GLN A 2342 -10.17 36.71 -41.86
N LEU A 2343 -10.52 35.82 -40.95
CA LEU A 2343 -9.94 34.48 -40.87
C LEU A 2343 -11.03 33.42 -41.06
N PHE A 2344 -11.85 33.55 -42.10
CA PHE A 2344 -12.95 32.61 -42.28
C PHE A 2344 -12.46 31.19 -42.56
N SER A 2345 -12.59 30.31 -41.56
CA SER A 2345 -12.64 28.88 -41.81
C SER A 2345 -14.06 28.41 -42.04
N TYR A 2346 -15.01 29.09 -41.41
CA TYR A 2346 -16.43 28.92 -41.67
C TYR A 2346 -17.15 30.18 -41.19
N ALA A 2347 -18.34 30.40 -41.73
CA ALA A 2347 -19.04 31.67 -41.53
C ALA A 2347 -19.94 31.65 -40.30
N ALA A 2348 -20.92 30.74 -40.28
CA ALA A 2348 -21.95 30.78 -39.26
C ALA A 2348 -21.40 30.56 -37.85
N PHE A 2349 -20.21 29.99 -37.71
CA PHE A 2349 -19.57 29.92 -36.40
C PHE A 2349 -19.33 31.31 -35.83
N SER A 2350 -19.11 32.29 -36.70
CA SER A 2350 -19.14 33.69 -36.31
C SER A 2350 -20.39 34.40 -36.82
N ASP A 2351 -21.05 33.86 -37.84
CA ASP A 2351 -22.27 34.43 -38.39
C ASP A 2351 -23.50 33.78 -37.75
N SER A 2352 -23.64 34.00 -36.45
CA SER A 2352 -24.80 33.54 -35.71
C SER A 2352 -24.95 34.38 -34.45
N ASN A 2353 -26.04 34.19 -33.73
CA ASN A 2353 -26.27 34.94 -32.51
C ASN A 2353 -25.26 34.53 -31.44
N ILE A 2354 -24.77 35.53 -30.71
CA ILE A 2354 -23.85 35.29 -29.61
C ILE A 2354 -24.53 34.44 -28.55
N ILE A 2355 -23.73 33.70 -27.78
CA ILE A 2355 -24.24 32.83 -26.73
C ILE A 2355 -23.65 33.19 -25.37
N THR A 2356 -22.35 33.44 -25.31
CA THR A 2356 -21.65 33.68 -24.05
C THR A 2356 -20.63 34.79 -24.22
N VAL A 2357 -20.32 35.47 -23.12
CA VAL A 2357 -19.24 36.44 -23.05
C VAL A 2357 -18.62 36.39 -21.67
N VAL A 2358 -17.30 36.51 -21.61
CA VAL A 2358 -16.56 36.56 -20.34
C VAL A 2358 -15.56 37.71 -20.43
N VAL A 2359 -15.43 38.44 -19.32
CA VAL A 2359 -14.58 39.62 -19.28
C VAL A 2359 -13.32 39.29 -18.51
N ASP A 2360 -12.18 39.42 -19.16
CA ASP A 2360 -10.88 39.17 -18.56
C ASP A 2360 -9.88 40.09 -19.26
N THR A 2361 -8.59 39.75 -19.18
CA THR A 2361 -7.59 40.47 -19.95
C THR A 2361 -7.95 40.47 -21.44
N ALA A 2362 -8.64 39.43 -21.91
CA ALA A 2362 -9.18 39.38 -23.26
C ALA A 2362 -10.64 38.94 -23.17
N LEU A 2363 -11.28 38.75 -24.32
CA LEU A 2363 -12.67 38.34 -24.37
C LEU A 2363 -12.78 37.01 -25.11
N TYR A 2364 -13.47 36.05 -24.49
CA TYR A 2364 -13.69 34.74 -25.07
C TYR A 2364 -15.18 34.60 -25.36
N ILE A 2365 -15.53 34.31 -26.61
CA ILE A 2365 -16.90 34.37 -27.07
C ILE A 2365 -17.22 33.15 -27.92
N ALA A 2366 -18.46 32.70 -27.84
CA ALA A 2366 -18.95 31.60 -28.66
C ALA A 2366 -20.36 31.92 -29.15
N LYS A 2367 -20.74 31.26 -30.24
CA LYS A 2367 -22.06 31.42 -30.83
C LYS A 2367 -22.78 30.08 -30.87
N GLN A 2368 -24.03 30.11 -31.30
CA GLN A 2368 -24.85 28.92 -31.33
C GLN A 2368 -24.24 27.87 -32.23
N ASN A 2369 -24.02 26.67 -31.68
CA ASN A 2369 -23.40 25.56 -32.41
C ASN A 2369 -22.09 26.00 -33.07
N SER A 2370 -21.27 26.70 -32.29
CA SER A 2370 -19.95 27.11 -32.75
C SER A 2370 -18.91 26.25 -32.07
N PRO A 2371 -18.35 25.25 -32.73
CA PRO A 2371 -17.34 24.39 -32.09
C PRO A 2371 -15.99 25.08 -31.96
N VAL A 2372 -15.96 26.39 -32.13
CA VAL A 2372 -14.75 27.18 -31.97
C VAL A 2372 -15.08 28.41 -31.13
N VAL A 2373 -14.09 28.84 -30.34
CA VAL A 2373 -14.22 30.02 -29.49
C VAL A 2373 -13.30 31.11 -30.03
N GLU A 2374 -13.77 32.35 -30.00
CA GLU A 2374 -13.08 33.49 -30.56
C GLU A 2374 -12.57 34.38 -29.43
N VAL A 2375 -11.32 34.82 -29.54
CA VAL A 2375 -10.63 35.54 -28.49
C VAL A 2375 -10.32 36.93 -29.03
N TRP A 2376 -11.13 37.91 -28.64
CA TRP A 2376 -10.95 39.31 -28.95
C TRP A 2376 -10.10 40.00 -27.90
N ASP A 2377 -9.60 41.17 -28.26
CA ASP A 2377 -8.94 42.08 -27.32
C ASP A 2377 -9.86 43.28 -27.07
N LYS A 2378 -9.74 43.85 -25.88
CA LYS A 2378 -10.59 44.98 -25.51
C LYS A 2378 -10.14 46.26 -26.21
N LYS A 2379 -8.83 46.49 -26.28
CA LYS A 2379 -8.33 47.74 -26.87
C LYS A 2379 -8.29 47.66 -28.39
N THR A 2380 -7.49 46.75 -28.93
CA THR A 2380 -7.30 46.67 -30.37
C THR A 2380 -8.54 46.13 -31.09
N GLU A 2381 -9.40 45.41 -30.38
CA GLU A 2381 -10.62 44.83 -30.96
C GLU A 2381 -10.26 43.94 -32.14
N LYS A 2382 -9.35 43.00 -31.90
CA LYS A 2382 -8.87 42.07 -32.91
C LYS A 2382 -9.04 40.64 -32.44
N LEU A 2383 -9.29 39.73 -33.38
CA LEU A 2383 -9.41 38.31 -33.07
C LEU A 2383 -8.05 37.73 -32.75
N CYS A 2384 -7.51 38.05 -31.56
CA CYS A 2384 -6.18 37.59 -31.18
C CYS A 2384 -6.11 36.08 -30.99
N GLY A 2385 -7.23 35.39 -30.93
CA GLY A 2385 -7.21 33.95 -30.75
C GLY A 2385 -8.38 33.25 -31.40
N LEU A 2386 -8.13 32.03 -31.87
CA LEU A 2386 -9.16 31.18 -32.45
C LEU A 2386 -8.89 29.76 -31.94
N ILE A 2387 -9.63 29.34 -30.92
CA ILE A 2387 -9.36 28.06 -30.27
C ILE A 2387 -10.52 27.12 -30.57
N ASP A 2388 -10.24 26.06 -31.32
CA ASP A 2388 -11.28 25.15 -31.76
C ASP A 2388 -11.44 23.99 -30.78
N CYS A 2389 -12.68 23.55 -30.58
CA CYS A 2389 -12.95 22.48 -29.63
C CYS A 2389 -12.54 21.12 -30.18
N VAL A 2390 -13.11 20.73 -31.32
CA VAL A 2390 -12.77 19.43 -31.89
C VAL A 2390 -11.28 19.32 -32.19
N HIS A 2391 -10.59 20.47 -32.29
CA HIS A 2391 -9.14 20.51 -32.27
C HIS A 2391 -8.55 19.83 -31.03
N PHE A 2392 -9.38 19.57 -30.01
CA PHE A 2392 -8.97 18.82 -28.84
C PHE A 2392 -9.72 17.49 -28.70
N LEU A 2393 -11.03 17.50 -28.90
CA LEU A 2393 -11.81 16.26 -28.79
C LEU A 2393 -11.35 15.22 -29.80
N ARG A 2394 -11.18 15.63 -31.05
CA ARG A 2394 -10.80 14.69 -32.10
C ARG A 2394 -9.36 14.20 -31.96
N GLU A 2395 -8.65 14.57 -30.90
CA GLU A 2395 -7.33 14.04 -30.63
C GLU A 2395 -7.33 12.96 -29.55
N VAL A 2396 -8.34 12.95 -28.67
CA VAL A 2396 -8.47 11.89 -27.68
C VAL A 2396 -9.48 10.87 -28.19
N THR A 2397 -10.40 11.31 -29.04
CA THR A 2397 -11.38 10.43 -29.66
C THR A 2397 -10.84 9.87 -30.98
N VAL A 2398 -9.70 9.20 -30.89
CA VAL A 2398 -9.02 8.63 -32.04
C VAL A 2398 -9.03 7.09 -31.98
N LYS A 2399 -8.73 6.52 -30.82
CA LYS A 2399 -8.74 5.07 -30.64
C LYS A 2399 -9.87 4.57 -29.77
N GLU A 2400 -10.28 5.35 -28.77
CA GLU A 2400 -11.35 4.94 -27.87
C GLU A 2400 -12.74 5.10 -28.47
N ASN A 2401 -12.87 5.82 -29.57
CA ASN A 2401 -14.12 5.96 -30.32
C ASN A 2401 -13.83 5.63 -31.78
N LYS A 2402 -14.00 4.37 -32.16
CA LYS A 2402 -13.85 3.98 -33.55
C LYS A 2402 -15.12 4.25 -34.35
N GLU A 2403 -16.28 4.28 -33.68
CA GLU A 2403 -17.52 4.68 -34.35
C GLU A 2403 -17.54 6.17 -34.65
N SER A 2404 -16.67 6.96 -34.00
CA SER A 2404 -16.60 8.38 -34.29
C SER A 2404 -16.15 8.66 -35.72
N LYS A 2405 -15.56 7.67 -36.39
CA LYS A 2405 -15.24 7.82 -37.80
C LYS A 2405 -16.50 8.00 -38.64
N HIS A 2406 -17.65 7.55 -38.16
CA HIS A 2406 -18.93 7.77 -38.83
C HIS A 2406 -19.61 9.05 -38.38
N LYS A 2407 -19.04 9.76 -37.40
CA LYS A 2407 -19.63 10.96 -36.83
C LYS A 2407 -18.94 12.24 -37.29
N MET A 2408 -18.51 12.28 -38.56
CA MET A 2408 -17.70 13.42 -39.03
C MET A 2408 -18.47 14.73 -38.90
N SER A 2409 -19.78 14.72 -39.17
CA SER A 2409 -20.64 15.86 -38.88
C SER A 2409 -20.88 15.89 -37.37
N TYR A 2410 -19.84 16.27 -36.65
CA TYR A 2410 -19.80 16.08 -35.21
C TYR A 2410 -20.79 17.00 -34.49
N SER A 2411 -21.58 16.41 -33.60
CA SER A 2411 -22.12 17.18 -32.50
C SER A 2411 -20.99 17.50 -31.53
N GLY A 2412 -21.17 18.55 -30.77
CA GLY A 2412 -20.06 19.05 -29.96
C GLY A 2412 -19.68 20.46 -30.32
N ARG A 2413 -19.95 21.37 -29.40
CA ARG A 2413 -19.79 22.80 -29.58
C ARG A 2413 -19.85 23.41 -28.19
N VAL A 2414 -19.53 24.69 -28.11
CA VAL A 2414 -19.54 25.38 -26.83
C VAL A 2414 -20.99 25.71 -26.48
N LYS A 2415 -21.55 25.00 -25.50
CA LYS A 2415 -22.87 25.30 -25.00
C LYS A 2415 -22.85 26.37 -23.91
N THR A 2416 -21.73 26.53 -23.21
CA THR A 2416 -21.63 27.58 -22.19
C THR A 2416 -20.18 27.78 -21.80
N LEU A 2417 -19.87 28.99 -21.34
CA LEU A 2417 -18.58 29.37 -20.78
C LEU A 2417 -18.68 29.54 -19.28
N CYS A 2418 -17.57 29.30 -18.60
CA CYS A 2418 -17.45 29.67 -17.19
C CYS A 2418 -15.97 29.83 -16.91
N LEU A 2419 -15.57 31.02 -16.49
CA LEU A 2419 -14.15 31.37 -16.34
C LEU A 2419 -13.79 31.42 -14.87
N GLN A 2420 -12.70 30.75 -14.52
CA GLN A 2420 -12.15 30.88 -13.18
C GLN A 2420 -11.42 32.22 -13.07
N LYS A 2421 -10.98 32.55 -11.85
CA LYS A 2421 -10.42 33.86 -11.57
C LYS A 2421 -9.23 34.18 -12.47
N ASN A 2422 -8.16 33.42 -12.39
CA ASN A 2422 -7.02 33.64 -13.25
C ASN A 2422 -6.27 32.36 -13.63
N THR A 2423 -6.75 31.19 -13.22
CA THR A 2423 -6.00 29.97 -13.46
C THR A 2423 -6.35 29.33 -14.81
N ALA A 2424 -7.63 29.14 -15.09
CA ALA A 2424 -8.04 28.41 -16.27
C ALA A 2424 -9.46 28.82 -16.65
N LEU A 2425 -9.94 28.27 -17.76
CA LEU A 2425 -11.27 28.50 -18.28
C LEU A 2425 -11.92 27.16 -18.58
N TRP A 2426 -13.19 27.02 -18.24
CA TRP A 2426 -13.87 25.74 -18.36
C TRP A 2426 -14.85 25.85 -19.52
N ILE A 2427 -14.61 25.11 -20.60
CA ILE A 2427 -15.55 25.06 -21.72
C ILE A 2427 -16.53 23.93 -21.47
N GLY A 2428 -17.81 24.28 -21.43
CA GLY A 2428 -18.87 23.29 -21.37
C GLY A 2428 -19.35 22.94 -22.76
N THR A 2429 -19.08 21.73 -23.22
CA THR A 2429 -19.47 21.33 -24.56
C THR A 2429 -20.97 21.12 -24.68
N GLY A 2430 -21.47 21.29 -25.91
CA GLY A 2430 -22.82 20.86 -26.21
C GLY A 2430 -22.95 19.35 -26.24
N GLY A 2431 -21.84 18.64 -26.38
CA GLY A 2431 -21.82 17.19 -26.23
C GLY A 2431 -21.67 16.79 -24.78
N GLY A 2432 -21.15 15.59 -24.57
CA GLY A 2432 -20.98 15.07 -23.22
C GLY A 2432 -19.59 15.28 -22.66
N HIS A 2433 -18.94 16.39 -23.00
CA HIS A 2433 -17.56 16.63 -22.64
C HIS A 2433 -17.42 17.97 -21.94
N ILE A 2434 -16.24 18.18 -21.34
CA ILE A 2434 -15.85 19.44 -20.74
C ILE A 2434 -14.36 19.62 -21.00
N LEU A 2435 -13.93 20.87 -21.16
CA LEU A 2435 -12.54 21.17 -21.47
C LEU A 2435 -11.96 22.12 -20.44
N LEU A 2436 -10.72 21.85 -20.02
CA LEU A 2436 -9.96 22.77 -19.19
C LEU A 2436 -8.95 23.50 -20.06
N LEU A 2437 -8.87 24.82 -19.91
CA LEU A 2437 -7.96 25.62 -20.70
C LEU A 2437 -7.09 26.46 -19.78
N ASP A 2438 -5.80 26.12 -19.71
CA ASP A 2438 -4.86 27.01 -19.02
C ASP A 2438 -4.65 28.22 -19.91
N LEU A 2439 -5.37 29.30 -19.63
CA LEU A 2439 -5.40 30.44 -20.54
C LEU A 2439 -4.04 31.10 -20.70
N SER A 2440 -3.08 30.80 -19.82
CA SER A 2440 -1.81 31.49 -19.87
C SER A 2440 -0.87 30.92 -20.94
N THR A 2441 -0.47 29.66 -20.78
CA THR A 2441 0.57 29.10 -21.65
C THR A 2441 0.07 27.93 -22.50
N ARG A 2442 -0.46 26.87 -21.90
CA ARG A 2442 -0.81 25.65 -22.62
C ARG A 2442 -2.32 25.54 -22.71
N ARG A 2443 -2.82 25.10 -23.87
CA ARG A 2443 -4.24 25.21 -24.14
C ARG A 2443 -5.05 24.14 -23.42
N LEU A 2444 -4.78 22.86 -23.69
CA LEU A 2444 -5.54 21.78 -23.10
C LEU A 2444 -4.84 21.29 -21.84
N ILE A 2445 -5.56 21.29 -20.72
CA ILE A 2445 -5.12 20.56 -19.54
C ILE A 2445 -5.73 19.17 -19.49
N ARG A 2446 -7.06 19.09 -19.59
CA ARG A 2446 -7.74 17.81 -19.64
C ARG A 2446 -9.16 18.00 -20.15
N VAL A 2447 -9.67 16.95 -20.78
CA VAL A 2447 -11.07 16.82 -21.15
C VAL A 2447 -11.69 15.74 -20.28
N ILE A 2448 -12.75 16.09 -19.54
CA ILE A 2448 -13.37 15.17 -18.62
C ILE A 2448 -14.77 14.82 -19.13
N TYR A 2449 -14.87 13.73 -19.87
CA TYR A 2449 -16.06 13.31 -20.55
C TYR A 2449 -16.75 12.17 -19.80
N ASN A 2450 -17.75 11.57 -20.47
CA ASN A 2450 -18.43 10.34 -20.06
C ASN A 2450 -19.16 10.47 -18.72
N PHE A 2451 -19.36 11.70 -18.23
CA PHE A 2451 -20.14 11.90 -17.02
C PHE A 2451 -21.51 12.49 -17.28
N CYS A 2452 -21.72 13.15 -18.42
CA CYS A 2452 -23.04 13.56 -18.88
C CYS A 2452 -23.08 13.40 -20.39
N ASN A 2453 -24.16 13.91 -21.00
CA ASN A 2453 -24.32 13.91 -22.45
C ASN A 2453 -24.48 15.30 -23.03
N SER A 2454 -24.84 16.30 -22.24
CA SER A 2454 -25.03 17.66 -22.75
C SER A 2454 -24.86 18.63 -21.59
N VAL A 2455 -23.75 19.35 -21.57
CA VAL A 2455 -23.46 20.30 -20.49
C VAL A 2455 -24.25 21.57 -20.75
N ARG A 2456 -25.45 21.65 -20.17
CA ARG A 2456 -26.33 22.77 -20.49
C ARG A 2456 -25.94 24.04 -19.77
N VAL A 2457 -25.76 23.97 -18.45
CA VAL A 2457 -25.51 25.17 -17.66
C VAL A 2457 -24.28 24.98 -16.81
N MET A 2458 -23.55 26.06 -16.59
CA MET A 2458 -22.36 26.03 -15.74
C MET A 2458 -22.24 27.36 -15.04
N MET A 2459 -21.89 27.33 -13.76
CA MET A 2459 -21.72 28.58 -13.03
C MET A 2459 -20.86 28.34 -11.79
N THR A 2460 -20.47 29.43 -11.15
CA THR A 2460 -19.64 29.39 -9.96
C THR A 2460 -20.46 29.88 -8.76
N ALA A 2461 -20.12 29.38 -7.58
CA ALA A 2461 -20.87 29.71 -6.38
C ALA A 2461 -20.00 29.42 -5.16
N GLN A 2462 -20.60 29.62 -3.99
CA GLN A 2462 -19.95 29.31 -2.72
C GLN A 2462 -20.99 28.70 -1.79
N LEU A 2463 -20.59 27.67 -1.04
CA LEU A 2463 -21.51 26.90 -0.22
C LEU A 2463 -20.86 26.55 1.11
N GLY A 2464 -21.56 26.84 2.21
CA GLY A 2464 -21.19 26.38 3.54
C GLY A 2464 -19.73 26.39 3.89
N SER A 2465 -19.06 27.53 3.68
CA SER A 2465 -17.65 27.74 3.97
C SER A 2465 -16.76 26.92 3.04
N LEU A 2466 -17.37 26.10 2.19
CA LEU A 2466 -16.66 25.43 1.10
C LEU A 2466 -16.81 26.26 -0.18
N LYS A 2467 -16.33 27.50 -0.07
CA LYS A 2467 -16.57 28.49 -1.09
C LYS A 2467 -15.91 28.07 -2.42
N ASN A 2468 -16.36 28.72 -3.49
CA ASN A 2468 -15.80 28.53 -4.83
C ASN A 2468 -15.93 27.07 -5.27
N VAL A 2469 -17.18 26.66 -5.47
CA VAL A 2469 -17.50 25.42 -6.16
C VAL A 2469 -18.10 25.80 -7.51
N MET A 2470 -18.04 24.87 -8.46
CA MET A 2470 -18.58 25.13 -9.78
C MET A 2470 -19.69 24.13 -10.06
N LEU A 2471 -20.90 24.64 -10.24
CA LEU A 2471 -22.04 23.79 -10.54
C LEU A 2471 -22.13 23.57 -12.03
N VAL A 2472 -22.47 22.33 -12.41
CA VAL A 2472 -22.57 21.91 -13.80
C VAL A 2472 -23.89 21.16 -13.93
N LEU A 2473 -24.87 21.80 -14.58
CA LEU A 2473 -26.15 21.17 -14.89
C LEU A 2473 -26.03 20.58 -16.28
N GLY A 2474 -25.75 19.28 -16.34
CA GLY A 2474 -25.73 18.55 -17.59
C GLY A 2474 -26.94 17.64 -17.72
N TYR A 2475 -27.05 17.03 -18.90
CA TYR A 2475 -28.12 16.09 -19.19
C TYR A 2475 -27.57 14.69 -19.40
N ASN A 2476 -28.39 13.70 -19.04
CA ASN A 2476 -28.16 12.31 -19.40
C ASN A 2476 -29.46 11.79 -19.99
N ARG A 2477 -29.53 11.72 -21.31
CA ARG A 2477 -30.71 11.20 -21.99
C ARG A 2477 -30.63 9.68 -22.03
N LYS A 2478 -31.76 9.04 -21.78
CA LYS A 2478 -31.88 7.60 -21.90
C LYS A 2478 -32.82 7.30 -23.05
N ASN A 2479 -32.31 6.61 -24.07
CA ASN A 2479 -33.14 6.17 -25.18
C ASN A 2479 -33.80 4.84 -24.86
N THR A 2480 -34.47 4.78 -23.70
CA THR A 2480 -35.18 3.58 -23.31
C THR A 2480 -36.33 3.29 -24.27
N GLU A 2481 -36.99 4.33 -24.77
CA GLU A 2481 -38.01 4.21 -25.79
C GLU A 2481 -37.67 5.12 -26.97
N GLY A 2482 -36.40 5.09 -27.39
CA GLY A 2482 -35.97 5.92 -28.50
C GLY A 2482 -36.69 5.60 -29.80
N THR A 2483 -37.12 4.36 -29.98
CA THR A 2483 -37.90 4.00 -31.16
C THR A 2483 -39.23 4.74 -31.20
N GLN A 2484 -39.77 5.13 -30.04
CA GLN A 2484 -40.97 5.95 -29.97
C GLN A 2484 -40.67 7.44 -30.11
N LYS A 2485 -39.50 7.79 -30.67
CA LYS A 2485 -39.09 9.18 -30.88
C LYS A 2485 -39.08 9.98 -29.58
N GLN A 2486 -38.79 9.31 -28.47
CA GLN A 2486 -38.73 9.97 -27.17
C GLN A 2486 -37.51 9.48 -26.42
N LYS A 2487 -36.92 10.37 -25.61
CA LYS A 2487 -35.76 10.06 -24.80
C LYS A 2487 -36.10 10.29 -23.33
N GLU A 2488 -35.54 9.47 -22.46
CA GLU A 2488 -35.72 9.60 -21.02
C GLU A 2488 -34.61 10.51 -20.49
N ILE A 2489 -35.00 11.69 -20.01
CA ILE A 2489 -34.04 12.74 -19.63
C ILE A 2489 -33.83 12.74 -18.13
N GLN A 2490 -32.57 12.81 -17.71
CA GLN A 2490 -32.19 13.00 -16.32
C GLN A 2490 -31.21 14.17 -16.25
N SER A 2491 -31.61 15.24 -15.58
CA SER A 2491 -30.77 16.42 -15.42
C SER A 2491 -29.78 16.15 -14.29
N CYS A 2492 -28.58 15.69 -14.65
CA CYS A 2492 -27.61 15.20 -13.67
C CYS A 2492 -26.78 16.39 -13.18
N LEU A 2493 -27.38 17.17 -12.27
CA LEU A 2493 -26.68 18.30 -11.67
C LEU A 2493 -25.51 17.79 -10.84
N THR A 2494 -24.31 18.26 -11.16
CA THR A 2494 -23.12 17.89 -10.42
C THR A 2494 -22.43 19.14 -9.89
N VAL A 2495 -21.55 18.93 -8.90
CA VAL A 2495 -20.93 20.03 -8.18
C VAL A 2495 -19.43 19.74 -8.12
N TRP A 2496 -18.66 20.31 -9.05
CA TRP A 2496 -17.23 20.12 -9.01
C TRP A 2496 -16.59 21.12 -8.06
N ASP A 2497 -15.44 20.75 -7.54
CA ASP A 2497 -14.64 21.66 -6.73
C ASP A 2497 -13.73 22.46 -7.65
N ILE A 2498 -13.87 23.79 -7.61
CA ILE A 2498 -13.24 24.66 -8.60
C ILE A 2498 -11.74 24.47 -8.67
N ASN A 2499 -11.14 23.86 -7.65
CA ASN A 2499 -9.70 23.71 -7.64
C ASN A 2499 -9.21 22.60 -8.57
N LEU A 2500 -10.08 22.13 -9.45
CA LEU A 2500 -9.73 21.05 -10.36
C LEU A 2500 -8.52 21.36 -11.24
N PRO A 2501 -8.43 22.51 -11.92
CA PRO A 2501 -7.31 22.71 -12.85
C PRO A 2501 -5.95 22.64 -12.20
N HIS A 2502 -5.86 22.77 -10.88
CA HIS A 2502 -4.58 22.53 -10.21
C HIS A 2502 -4.33 21.04 -10.03
N GLU A 2503 -5.29 20.34 -9.41
CA GLU A 2503 -5.14 18.92 -9.13
C GLU A 2503 -4.77 18.14 -10.38
N VAL A 2504 -5.49 18.39 -11.48
CA VAL A 2504 -5.29 17.63 -12.70
C VAL A 2504 -3.87 17.81 -13.23
N GLN A 2505 -3.24 18.94 -12.94
CA GLN A 2505 -1.82 19.08 -13.27
C GLN A 2505 -0.91 18.80 -12.09
N ASN A 2506 -1.43 18.91 -10.86
CA ASN A 2506 -0.66 18.51 -9.69
C ASN A 2506 -0.58 16.98 -9.61
N LEU A 2507 -1.73 16.31 -9.69
CA LEU A 2507 -1.76 14.86 -9.53
C LEU A 2507 -0.95 14.17 -10.62
N GLU A 2508 -1.05 14.66 -11.85
CA GLU A 2508 -0.26 14.05 -12.92
C GLU A 2508 1.22 14.30 -12.76
N LYS A 2509 1.62 15.29 -11.96
CA LYS A 2509 3.01 15.34 -11.52
C LYS A 2509 3.28 14.28 -10.47
N HIS A 2510 2.35 14.14 -9.52
CA HIS A 2510 2.57 13.28 -8.36
C HIS A 2510 2.84 11.84 -8.78
N ILE A 2511 2.11 11.33 -9.77
CA ILE A 2511 2.36 9.98 -10.25
C ILE A 2511 3.77 9.89 -10.83
N GLU A 2512 4.15 10.87 -11.66
CA GLU A 2512 5.44 10.82 -12.32
C GLU A 2512 6.56 10.72 -11.31
N VAL A 2513 6.53 11.58 -10.28
CA VAL A 2513 7.56 11.56 -9.25
C VAL A 2513 7.70 10.18 -8.65
N ARG A 2514 6.59 9.47 -8.48
CA ARG A 2514 6.68 8.12 -7.93
C ARG A 2514 7.11 7.12 -8.99
N LYS A 2515 6.69 7.31 -10.25
CA LYS A 2515 7.06 6.36 -11.29
C LYS A 2515 8.58 6.29 -11.42
N GLU A 2516 9.24 7.45 -11.43
CA GLU A 2516 10.70 7.47 -11.36
C GLU A 2516 11.19 6.73 -10.13
N LEU A 2517 10.60 7.02 -8.97
CA LEU A 2517 10.97 6.30 -7.76
C LEU A 2517 10.60 4.84 -7.84
N ALA A 2518 9.60 4.50 -8.66
CA ALA A 2518 9.28 3.09 -8.86
C ALA A 2518 10.37 2.36 -9.63
N GLU A 2519 11.20 3.08 -10.39
CA GLU A 2519 12.27 2.47 -11.16
C GLU A 2519 13.62 2.56 -10.46
N LYS A 2520 13.95 3.74 -9.94
CA LYS A 2520 15.23 3.90 -9.24
C LYS A 2520 15.37 2.90 -8.12
N MET A 2521 14.32 2.70 -7.33
CA MET A 2521 14.35 1.69 -6.29
C MET A 2521 14.63 0.31 -6.87
N ARG A 2522 13.97 -0.02 -7.98
CA ARG A 2522 14.22 -1.32 -8.57
C ARG A 2522 15.63 -1.43 -9.18
N ARG A 2523 16.39 -0.35 -9.21
CA ARG A 2523 17.81 -0.49 -9.57
C ARG A 2523 18.60 -1.11 -8.43
N THR A 2524 18.25 -0.77 -7.18
CA THR A 2524 18.92 -1.40 -6.04
C THR A 2524 18.68 -2.90 -6.00
N SER A 2525 17.55 -3.35 -6.53
CA SER A 2525 17.32 -4.79 -6.64
C SER A 2525 18.30 -5.41 -7.63
N VAL A 2526 18.61 -4.72 -8.72
CA VAL A 2526 19.63 -5.19 -9.64
C VAL A 2526 21.00 -5.14 -8.96
N GLU A 2527 21.43 -3.94 -8.58
CA GLU A 2527 22.65 -3.75 -7.81
C GLU A 2527 22.55 -2.48 -6.97
PB GDP B . 8.55 -59.73 -0.24
O1B GDP B . 7.48 -59.22 0.69
O2B GDP B . 8.49 -58.97 -1.55
O3B GDP B . 9.90 -59.54 0.40
O3A GDP B . 8.31 -61.29 -0.49
PA GDP B . 8.08 -62.22 0.79
O1A GDP B . 6.72 -61.99 1.38
O2A GDP B . 9.15 -61.94 1.80
O5' GDP B . 8.20 -63.72 0.22
C5' GDP B . 7.68 -64.82 0.97
C4' GDP B . 8.56 -66.02 0.71
O4' GDP B . 9.40 -66.25 1.85
C3' GDP B . 7.75 -67.29 0.49
O3' GDP B . 7.84 -67.68 -0.88
C2' GDP B . 8.38 -68.35 1.37
O2' GDP B . 8.89 -69.42 0.59
C1' GDP B . 9.53 -67.65 2.09
N9 GDP B . 9.49 -67.94 3.54
C8 GDP B . 9.20 -67.06 4.52
N7 GDP B . 9.24 -67.66 5.74
C5 GDP B . 9.55 -68.95 5.54
C6 GDP B . 9.76 -70.13 6.41
O6 GDP B . 9.65 -70.06 7.63
N1 GDP B . 10.08 -71.29 5.81
C2 GDP B . 10.21 -71.40 4.47
N2 GDP B . 10.54 -72.61 3.96
N3 GDP B . 10.03 -70.36 3.63
C4 GDP B . 9.71 -69.13 4.10
PG ATP C . 1.59 -8.66 16.26
O1G ATP C . 2.91 -8.73 15.53
O2G ATP C . 0.46 -9.43 15.63
O3G ATP C . 1.74 -8.86 17.75
PB ATP C . 0.87 -6.40 14.71
O1B ATP C . -0.58 -6.01 14.64
O2B ATP C . 1.47 -7.21 13.59
O3B ATP C . 1.12 -7.13 16.12
PA ATP C . 3.33 -5.10 15.14
O1A ATP C . 4.03 -5.60 13.91
O2A ATP C . 3.60 -5.74 16.47
O3A ATP C . 1.74 -5.06 14.87
O5' ATP C . 3.62 -3.54 15.31
C5' ATP C . 3.04 -2.89 16.45
C4' ATP C . 2.73 -1.44 16.14
O4' ATP C . 3.92 -0.76 15.77
C3' ATP C . 1.75 -1.29 15.00
O3' ATP C . 0.72 -0.42 15.44
C2' ATP C . 2.48 -0.52 13.94
O2' ATP C . 1.64 0.52 13.46
C1' ATP C . 3.66 0.08 14.65
N9 ATP C . 4.77 0.03 13.69
C8 ATP C . 5.23 -1.05 13.07
N7 ATP C . 6.26 -0.73 12.24
C5 ATP C . 6.43 0.59 12.34
C6 ATP C . 7.33 1.58 11.75
N6 ATP C . 8.26 1.17 10.87
N1 ATP C . 7.20 2.85 12.12
C2 ATP C . 6.27 3.24 13.01
N3 ATP C . 5.41 2.39 13.59
C4 ATP C . 5.45 1.09 13.30
#